data_1PVO
#
_entry.id   1PVO
#
_cell.length_a   119.249
_cell.length_b   204.649
_cell.length_c   147.788
_cell.angle_alpha   90.00
_cell.angle_beta   96.54
_cell.angle_gamma   90.00
#
_symmetry.space_group_name_H-M   'C 1 2 1'
#
loop_
_entity.id
_entity.type
_entity.pdbx_description
1 polymer "5'-R(P*UP*C)-3'"
2 polymer 'Transcription termination factor rho'
3 non-polymer 'PHOSPHOAMINOPHOSPHONIC ACID-ADENYLATE ESTER'
4 water water
#
loop_
_entity_poly.entity_id
_entity_poly.type
_entity_poly.pdbx_seq_one_letter_code
_entity_poly.pdbx_strand_id
1 'polyribonucleotide' UC G,H,J,K,L
2 'polypeptide(L)'
;MNLTELKNTPVSELITLGENMGLENLARMRKQDIIFAILKQHAKSGEDIFGDGVLEILQDGFGFLRSADSSYLAGPDDIY
VSPSQIRRFNLRTGDTISGKIRPPKEGERYFALLKVNEVNFDKPENARNKILFENLTPLHANSRLRMERGNGSTEDLTAR
VLDLASPIGRGQRGLIVAPPKAGKTMLLQNIAQSIAYNHPDCVLMVLLIDERPEEVTEMQRLVKGEVVASTFDEPASRHV
QVAEMVIEKAKRLVEHKKDVIILLDSITRLARAYNTVVPASGKVLTGGVDANALHRPKRFFGAARNVEEGGSLTIIATAL
IDTGSKMDEVIYEEFKGTGNMELHLSRKIAEKRVFPAIDYNRSGTRKEELLTTQEELQKMWILRKIIHPMGEIDAMEFLI
NKLAMTKTNDDFFEMMKRS
;
A,B,C,D,E,F
#
# COMPACT_ATOMS: atom_id res chain seq x y z
N MET F 1 -41.52 61.55 2.72
CA MET F 1 -42.46 60.56 3.37
C MET F 1 -41.79 59.25 3.85
N ASN F 2 -41.23 58.47 2.94
CA ASN F 2 -40.74 57.12 3.24
C ASN F 2 -39.21 57.03 3.15
N LEU F 3 -38.58 56.58 4.24
CA LEU F 3 -37.13 56.47 4.33
C LEU F 3 -36.51 55.73 3.15
N THR F 4 -37.04 54.56 2.84
CA THR F 4 -36.41 53.71 1.85
C THR F 4 -36.53 54.30 0.44
N GLU F 5 -37.73 54.78 0.11
CA GLU F 5 -37.96 55.45 -1.17
C GLU F 5 -36.99 56.59 -1.38
N LEU F 6 -36.70 57.33 -0.30
CA LEU F 6 -35.81 58.48 -0.34
C LEU F 6 -34.38 58.07 -0.70
N LYS F 7 -33.78 57.22 0.14
CA LYS F 7 -32.45 56.68 -0.13
C LYS F 7 -32.38 55.83 -1.40
N ASN F 8 -33.47 55.81 -2.16
CA ASN F 8 -33.47 55.17 -3.47
C ASN F 8 -33.49 56.17 -4.64
N THR F 9 -34.10 57.34 -4.42
CA THR F 9 -34.17 58.39 -5.45
C THR F 9 -32.80 59.05 -5.67
N PRO F 10 -32.46 59.29 -6.93
CA PRO F 10 -31.28 60.10 -7.29
C PRO F 10 -31.09 61.31 -6.40
N VAL F 11 -29.85 61.57 -6.00
CA VAL F 11 -29.49 62.78 -5.27
C VAL F 11 -30.06 64.01 -5.97
N SER F 12 -29.86 64.10 -7.29
CA SER F 12 -30.31 65.25 -8.07
C SER F 12 -31.77 65.61 -7.80
N GLU F 13 -32.62 64.59 -7.65
CA GLU F 13 -34.04 64.80 -7.39
C GLU F 13 -34.29 65.16 -5.93
N LEU F 14 -33.45 64.62 -5.04
CA LEU F 14 -33.56 64.85 -3.60
C LEU F 14 -33.33 66.29 -3.21
N ILE F 15 -32.33 66.92 -3.85
CA ILE F 15 -31.98 68.31 -3.57
C ILE F 15 -33.18 69.22 -3.82
N THR F 16 -33.74 69.16 -5.03
CA THR F 16 -34.89 69.99 -5.39
C THR F 16 -36.14 69.67 -4.56
N LEU F 17 -36.19 68.44 -4.04
CA LEU F 17 -37.25 68.04 -3.10
C LEU F 17 -37.11 68.83 -1.80
N GLY F 18 -35.96 68.70 -1.14
CA GLY F 18 -35.66 69.46 0.06
C GLY F 18 -35.77 70.96 -0.17
N GLU F 19 -35.33 71.38 -1.36
CA GLU F 19 -35.42 72.78 -1.76
C GLU F 19 -36.87 73.25 -1.91
N ASN F 20 -37.80 72.31 -2.11
CA ASN F 20 -39.23 72.62 -2.16
C ASN F 20 -39.81 72.89 -0.79
N MET F 21 -39.26 72.24 0.24
CA MET F 21 -39.75 72.41 1.61
C MET F 21 -38.91 73.40 2.41
N GLY F 22 -38.22 74.29 1.70
CA GLY F 22 -37.54 75.42 2.33
C GLY F 22 -36.15 75.15 2.87
N LEU F 23 -35.65 73.94 2.70
CA LEU F 23 -34.28 73.60 3.08
C LEU F 23 -33.31 74.21 2.08
N GLU F 24 -32.20 74.75 2.56
CA GLU F 24 -31.29 75.57 1.74
C GLU F 24 -30.03 74.84 1.29
N ASN F 25 -29.54 75.24 0.11
CA ASN F 25 -28.33 74.69 -0.53
C ASN F 25 -27.82 73.34 -0.02
N LEU F 26 -28.59 72.28 -0.31
CA LEU F 26 -28.26 70.93 0.10
C LEU F 26 -27.15 70.39 -0.80
N ALA F 27 -26.71 71.20 -1.75
CA ALA F 27 -25.66 70.80 -2.69
C ALA F 27 -24.42 70.25 -2.02
N ARG F 28 -24.05 70.79 -0.85
CA ARG F 28 -22.73 70.47 -0.26
C ARG F 28 -22.70 69.54 0.96
N MET F 29 -23.80 68.84 1.25
CA MET F 29 -23.82 67.77 2.26
C MET F 29 -24.18 66.42 1.63
N ARG F 30 -23.68 65.34 2.23
CA ARG F 30 -23.81 63.98 1.68
C ARG F 30 -25.28 63.60 1.49
N LYS F 31 -25.52 62.65 0.59
CA LYS F 31 -26.88 62.18 0.32
C LYS F 31 -27.63 61.82 1.61
N GLN F 32 -27.01 61.03 2.47
CA GLN F 32 -27.60 60.68 3.76
C GLN F 32 -28.17 61.92 4.45
N ASP F 33 -27.30 62.88 4.75
CA ASP F 33 -27.68 64.11 5.42
C ASP F 33 -28.93 64.74 4.83
N ILE F 34 -29.00 64.79 3.49
CA ILE F 34 -30.16 65.37 2.83
C ILE F 34 -31.43 64.59 3.18
N ILE F 35 -31.34 63.25 3.13
CA ILE F 35 -32.47 62.40 3.49
C ILE F 35 -32.87 62.61 4.94
N PHE F 36 -31.87 62.66 5.83
CA PHE F 36 -32.15 62.86 7.23
C PHE F 36 -32.72 64.26 7.48
N ALA F 37 -32.48 65.19 6.56
CA ALA F 37 -33.04 66.55 6.64
C ALA F 37 -34.48 66.62 6.11
N ILE F 38 -34.75 65.96 4.99
CA ILE F 38 -36.08 65.92 4.43
C ILE F 38 -37.04 65.27 5.42
N LEU F 39 -36.67 64.09 5.92
CA LEU F 39 -37.46 63.40 6.92
C LEU F 39 -37.57 64.24 8.18
N LYS F 40 -36.45 64.85 8.59
CA LYS F 40 -36.44 65.75 9.73
C LYS F 40 -37.52 66.86 9.62
N GLN F 41 -37.59 67.51 8.45
CA GLN F 41 -38.47 68.65 8.22
C GLN F 41 -39.95 68.31 8.30
N HIS F 42 -40.29 67.03 8.11
CA HIS F 42 -41.60 66.54 8.53
C HIS F 42 -41.75 66.65 10.08
N ALA F 43 -40.93 67.54 10.65
CA ALA F 43 -41.13 68.13 11.98
C ALA F 43 -42.23 69.16 11.93
N LYS F 44 -42.98 69.15 10.84
CA LYS F 44 -44.32 69.72 10.85
C LYS F 44 -45.18 68.81 11.74
N SER F 45 -44.48 67.97 12.53
CA SER F 45 -44.98 67.39 13.79
C SER F 45 -46.35 66.67 13.71
N GLY F 46 -46.49 65.81 12.71
CA GLY F 46 -47.77 65.21 12.39
C GLY F 46 -47.85 64.94 10.90
N GLU F 47 -46.86 65.46 10.17
CA GLU F 47 -46.53 64.92 8.88
C GLU F 47 -46.02 63.51 9.14
N ASP F 48 -46.53 62.54 8.40
CA ASP F 48 -46.23 61.17 8.70
C ASP F 48 -44.95 60.71 8.02
N ILE F 49 -44.16 59.94 8.76
CA ILE F 49 -42.85 59.45 8.32
C ILE F 49 -42.82 57.91 8.44
N PHE F 50 -42.32 57.23 7.40
CA PHE F 50 -42.38 55.76 7.37
C PHE F 50 -41.06 55.05 7.06
N GLY F 51 -40.89 53.87 7.63
CA GLY F 51 -39.76 53.04 7.28
C GLY F 51 -40.15 51.58 7.24
N ASP F 52 -39.19 50.74 6.86
CA ASP F 52 -39.39 49.29 6.90
C ASP F 52 -38.04 48.62 6.99
N GLY F 53 -38.01 47.38 7.45
CA GLY F 53 -36.77 46.63 7.41
C GLY F 53 -36.93 45.19 7.88
N VAL F 54 -35.81 44.47 7.90
CA VAL F 54 -35.76 43.15 8.50
C VAL F 54 -35.04 43.25 9.82
N LEU F 55 -35.70 42.76 10.86
CA LEU F 55 -35.23 43.02 12.22
C LEU F 55 -34.09 42.09 12.64
N GLU F 56 -33.05 42.67 13.25
CA GLU F 56 -32.02 41.90 13.92
C GLU F 56 -31.94 42.29 15.39
N ILE F 57 -32.45 41.42 16.26
CA ILE F 57 -32.30 41.59 17.71
C ILE F 57 -30.85 41.38 18.17
N LEU F 58 -30.32 42.36 18.88
CA LEU F 58 -28.95 42.32 19.38
C LEU F 58 -28.89 41.74 20.80
N GLN F 59 -27.74 41.15 21.14
CA GLN F 59 -27.49 40.58 22.45
C GLN F 59 -28.24 41.33 23.57
N ASP F 60 -27.96 42.63 23.69
CA ASP F 60 -28.56 43.51 24.71
C ASP F 60 -30.10 43.48 24.86
N GLY F 61 -30.81 43.08 23.80
CA GLY F 61 -32.26 43.00 23.85
C GLY F 61 -32.99 44.00 22.97
N PHE F 62 -32.29 45.06 22.56
CA PHE F 62 -32.77 45.94 21.51
C PHE F 62 -32.51 45.33 20.13
N GLY F 63 -33.27 45.77 19.13
CA GLY F 63 -33.07 45.35 17.76
C GLY F 63 -33.00 46.48 16.73
N PHE F 64 -32.65 46.13 15.50
CA PHE F 64 -32.60 47.09 14.40
C PHE F 64 -33.24 46.55 13.14
N LEU F 65 -34.02 47.39 12.47
CA LEU F 65 -34.53 47.06 11.14
C LEU F 65 -33.46 47.33 10.10
N ARG F 66 -32.92 46.25 9.53
CA ARG F 66 -31.82 46.33 8.54
C ARG F 66 -32.35 46.11 7.15
N SER F 67 -31.55 46.46 6.14
CA SER F 67 -32.05 46.44 4.76
C SER F 67 -31.38 45.43 3.81
N ALA F 68 -32.20 44.83 2.96
CA ALA F 68 -31.74 43.83 2.02
C ALA F 68 -30.71 44.43 1.05
N ASP F 69 -30.96 45.66 0.59
CA ASP F 69 -30.11 46.24 -0.44
C ASP F 69 -28.64 46.19 -0.02
N SER F 70 -28.40 46.31 1.30
CA SER F 70 -27.05 46.29 1.87
C SER F 70 -26.51 44.89 2.04
N SER F 71 -27.38 43.88 1.89
CA SER F 71 -27.11 42.51 2.36
C SER F 71 -27.14 42.48 3.89
N TYR F 72 -28.03 43.31 4.45
CA TYR F 72 -28.21 43.50 5.90
C TYR F 72 -26.98 43.95 6.63
N LEU F 73 -26.11 44.65 5.92
CA LEU F 73 -24.98 45.35 6.54
C LEU F 73 -25.54 46.46 7.46
N ALA F 74 -25.01 46.52 8.68
CA ALA F 74 -25.38 47.56 9.65
C ALA F 74 -25.13 48.94 9.05
N GLY F 75 -26.15 49.78 9.04
CA GLY F 75 -26.10 51.02 8.29
C GLY F 75 -26.58 52.27 9.00
N PRO F 76 -26.25 53.42 8.43
CA PRO F 76 -26.52 54.72 9.06
C PRO F 76 -28.01 54.98 9.17
N ASP F 77 -28.80 54.32 8.35
CA ASP F 77 -30.24 54.50 8.38
C ASP F 77 -31.00 53.20 8.56
N ASP F 78 -30.51 52.36 9.49
CA ASP F 78 -31.32 51.31 10.09
C ASP F 78 -32.33 51.95 11.01
N ILE F 79 -33.42 51.24 11.28
CA ILE F 79 -34.46 51.76 12.14
C ILE F 79 -34.43 51.02 13.47
N TYR F 80 -34.10 51.75 14.52
CA TYR F 80 -34.02 51.20 15.88
C TYR F 80 -35.38 50.72 16.36
N VAL F 81 -35.36 49.58 17.05
CA VAL F 81 -36.54 48.99 17.68
C VAL F 81 -36.20 48.68 19.13
N SER F 82 -37.05 49.17 20.04
CA SER F 82 -36.84 49.04 21.48
C SER F 82 -37.19 47.64 22.02
N PRO F 83 -36.50 47.19 23.07
CA PRO F 83 -36.90 45.99 23.82
C PRO F 83 -38.41 45.98 24.05
N SER F 84 -38.92 47.15 24.45
CA SER F 84 -40.32 47.36 24.75
C SER F 84 -41.21 47.07 23.52
N GLN F 85 -40.76 47.49 22.35
CA GLN F 85 -41.47 47.23 21.11
C GLN F 85 -41.43 45.77 20.76
N ILE F 86 -40.24 45.17 20.85
CA ILE F 86 -40.05 43.74 20.60
C ILE F 86 -40.98 42.91 21.49
N ARG F 87 -40.96 43.21 22.79
CA ARG F 87 -41.86 42.61 23.77
C ARG F 87 -43.32 42.65 23.31
N ARG F 88 -43.82 43.87 23.12
CA ARG F 88 -45.22 44.15 22.78
C ARG F 88 -45.79 43.28 21.63
N PHE F 89 -44.93 42.76 20.76
CA PHE F 89 -45.38 41.94 19.63
C PHE F 89 -44.67 40.60 19.46
N ASN F 90 -44.00 40.14 20.52
CA ASN F 90 -43.23 38.88 20.44
C ASN F 90 -42.33 38.84 19.21
N LEU F 91 -41.64 39.94 18.94
CA LEU F 91 -40.88 40.07 17.69
C LEU F 91 -39.69 39.15 17.68
N ARG F 92 -39.16 38.85 16.50
CA ARG F 92 -38.12 37.84 16.34
C ARG F 92 -37.20 38.19 15.18
N THR F 93 -35.92 37.89 15.33
CA THR F 93 -34.94 38.17 14.29
C THR F 93 -35.32 37.59 12.92
N GLY F 94 -35.23 38.42 11.89
CA GLY F 94 -35.64 38.02 10.57
C GLY F 94 -37.03 38.51 10.20
N ASP F 95 -37.81 38.92 11.20
CA ASP F 95 -39.13 39.53 10.95
C ASP F 95 -38.98 40.71 9.98
N THR F 96 -39.87 40.78 8.99
CA THR F 96 -39.98 41.98 8.18
C THR F 96 -41.05 42.90 8.79
N ILE F 97 -40.64 44.15 9.04
CA ILE F 97 -41.46 45.11 9.77
C ILE F 97 -41.50 46.41 9.00
N SER F 98 -42.69 46.94 8.78
CA SER F 98 -42.82 48.29 8.27
C SER F 98 -43.69 49.14 9.20
N GLY F 99 -43.37 50.41 9.34
CA GLY F 99 -44.23 51.31 10.09
C GLY F 99 -43.86 52.78 10.10
N LYS F 100 -44.51 53.51 10.99
CA LYS F 100 -44.16 54.89 11.28
C LYS F 100 -42.81 54.90 11.96
N ILE F 101 -41.94 55.81 11.53
CA ILE F 101 -40.68 56.03 12.21
C ILE F 101 -40.59 57.49 12.68
N ARG F 102 -39.72 57.76 13.64
CA ARG F 102 -39.49 59.11 14.11
C ARG F 102 -38.00 59.38 14.12
N PRO F 103 -37.60 60.65 14.00
CA PRO F 103 -36.17 60.99 13.89
C PRO F 103 -35.41 60.64 15.15
N PRO F 104 -34.08 60.55 15.06
CA PRO F 104 -33.25 60.42 16.25
C PRO F 104 -33.44 61.64 17.13
N LYS F 105 -33.45 61.41 18.44
CA LYS F 105 -33.40 62.51 19.41
C LYS F 105 -31.95 62.94 19.55
N GLU F 106 -31.74 64.08 20.19
CA GLU F 106 -30.42 64.46 20.67
C GLU F 106 -29.81 63.30 21.49
N GLY F 107 -28.56 62.96 21.18
CA GLY F 107 -27.89 61.82 21.79
C GLY F 107 -28.04 60.52 21.01
N GLU F 108 -28.76 60.60 19.88
CA GLU F 108 -29.03 59.44 19.03
C GLU F 108 -28.63 59.79 17.60
N ARG F 109 -28.46 58.77 16.76
CA ARG F 109 -28.11 58.98 15.35
C ARG F 109 -28.95 58.15 14.38
N TYR F 110 -29.98 57.49 14.88
CA TYR F 110 -30.79 56.60 14.04
C TYR F 110 -32.28 56.81 14.21
N PHE F 111 -33.03 56.56 13.15
CA PHE F 111 -34.48 56.68 13.20
C PHE F 111 -35.05 55.56 14.04
N ALA F 112 -36.19 55.81 14.66
CA ALA F 112 -36.78 54.84 15.57
C ALA F 112 -38.18 54.47 15.17
N LEU F 113 -38.45 53.18 15.15
CA LEU F 113 -39.76 52.66 14.86
C LEU F 113 -40.81 53.30 15.76
N LEU F 114 -41.61 54.18 15.19
CA LEU F 114 -42.64 54.88 15.94
C LEU F 114 -43.90 54.05 16.17
N LYS F 115 -44.43 53.46 15.10
CA LYS F 115 -45.66 52.65 15.17
C LYS F 115 -45.55 51.48 14.20
N VAL F 116 -45.78 50.26 14.70
CA VAL F 116 -45.75 49.06 13.86
C VAL F 116 -47.00 48.97 12.97
N ASN F 117 -46.81 48.97 11.66
CA ASN F 117 -47.92 48.79 10.73
C ASN F 117 -48.10 47.37 10.21
N GLU F 118 -47.00 46.66 10.02
CA GLU F 118 -47.01 45.37 9.35
C GLU F 118 -45.83 44.52 9.80
N VAL F 119 -46.08 43.24 10.10
CA VAL F 119 -45.04 42.30 10.51
C VAL F 119 -45.10 41.03 9.68
N ASN F 120 -44.14 40.86 8.78
CA ASN F 120 -44.17 39.77 7.79
C ASN F 120 -45.38 39.83 6.89
N PHE F 121 -45.75 41.04 6.48
CA PHE F 121 -46.85 41.27 5.55
C PHE F 121 -48.20 40.87 6.13
N ASP F 122 -48.26 40.86 7.45
CA ASP F 122 -49.47 40.50 8.18
C ASP F 122 -49.68 41.56 9.25
N LYS F 123 -50.91 41.69 9.75
CA LYS F 123 -51.23 42.67 10.80
C LYS F 123 -50.52 42.32 12.10
N PRO F 124 -49.84 43.29 12.72
CA PRO F 124 -49.07 43.08 13.96
C PRO F 124 -49.74 42.16 15.01
N GLU F 125 -51.03 42.40 15.29
CA GLU F 125 -51.77 41.58 16.24
C GLU F 125 -52.37 40.33 15.54
N ASN F 126 -51.52 39.65 14.77
CA ASN F 126 -51.92 38.46 14.04
C ASN F 126 -50.74 37.52 13.83
N ASN F 129 -49.31 32.03 16.11
CA ASN F 129 -48.27 31.49 15.23
C ASN F 129 -47.28 30.58 15.98
N LYS F 130 -47.27 29.30 15.64
CA LYS F 130 -46.22 28.40 16.09
C LYS F 130 -44.93 28.74 15.37
N ILE F 131 -43.81 28.48 16.03
CA ILE F 131 -42.49 28.83 15.50
C ILE F 131 -41.99 27.69 14.63
N LEU F 132 -41.07 27.99 13.69
CA LEU F 132 -40.60 26.98 12.74
C LEU F 132 -40.18 25.72 13.47
N PHE F 133 -39.66 25.91 14.68
CA PHE F 133 -39.06 24.86 15.51
C PHE F 133 -40.07 23.86 16.04
N GLU F 134 -41.35 24.14 15.82
CA GLU F 134 -42.41 23.21 16.20
C GLU F 134 -43.54 23.06 15.18
N ASN F 135 -43.28 23.47 13.94
CA ASN F 135 -44.08 23.00 12.81
C ASN F 135 -43.63 21.58 12.55
N LEU F 136 -44.58 20.67 12.32
CA LEU F 136 -44.24 19.29 11.96
C LEU F 136 -43.69 19.23 10.53
N THR F 137 -42.91 18.21 10.24
CA THR F 137 -42.00 18.20 9.10
C THR F 137 -42.20 16.97 8.20
N PRO F 138 -43.13 17.01 7.26
CA PRO F 138 -43.29 15.92 6.28
C PRO F 138 -42.19 15.85 5.22
N LEU F 139 -42.23 14.76 4.47
CA LEU F 139 -41.14 14.33 3.59
C LEU F 139 -41.01 15.15 2.30
N HIS F 140 -41.73 16.26 2.23
CA HIS F 140 -41.33 17.36 1.34
C HIS F 140 -41.48 17.07 -0.13
N ALA F 141 -41.67 15.81 -0.46
CA ALA F 141 -41.71 15.41 -1.84
C ALA F 141 -43.03 15.80 -2.51
N ASN F 142 -44.03 16.16 -1.69
CA ASN F 142 -45.39 16.33 -2.19
C ASN F 142 -45.56 17.29 -3.38
N SER F 143 -45.16 18.55 -3.22
CA SER F 143 -45.45 19.57 -4.23
C SER F 143 -44.24 19.90 -5.10
N ARG F 144 -44.21 19.33 -6.31
CA ARG F 144 -43.04 19.45 -7.19
C ARG F 144 -42.83 20.86 -7.73
N LEU F 145 -41.58 21.30 -7.72
CA LEU F 145 -41.17 22.47 -8.49
C LEU F 145 -40.53 22.04 -9.83
N ARG F 146 -41.33 22.05 -10.89
CA ARG F 146 -40.84 21.71 -12.22
C ARG F 146 -40.01 22.85 -12.81
N MET F 147 -38.94 22.50 -13.51
CA MET F 147 -37.94 23.47 -13.94
C MET F 147 -38.12 23.93 -15.38
N GLY F 152 -39.69 26.79 -24.33
CA GLY F 152 -38.58 25.86 -24.40
C GLY F 152 -37.52 26.27 -25.41
N SER F 153 -36.37 26.70 -24.92
CA SER F 153 -35.28 27.20 -25.77
C SER F 153 -33.99 26.38 -25.66
N THR F 154 -32.85 27.07 -25.69
CA THR F 154 -31.53 26.43 -25.55
C THR F 154 -31.07 26.43 -24.10
N GLU F 155 -31.52 27.42 -23.33
CA GLU F 155 -31.22 27.51 -21.90
C GLU F 155 -32.05 26.50 -21.11
N ASP F 156 -33.23 26.19 -21.64
CA ASP F 156 -34.12 25.16 -21.11
C ASP F 156 -33.47 23.78 -21.18
N LEU F 157 -32.33 23.68 -21.86
CA LEU F 157 -31.54 22.46 -21.88
C LEU F 157 -31.27 22.00 -20.45
N THR F 158 -30.65 22.87 -19.66
CA THR F 158 -30.32 22.56 -18.26
C THR F 158 -31.56 22.20 -17.44
N ALA F 159 -32.57 23.07 -17.45
CA ALA F 159 -33.83 22.83 -16.72
C ALA F 159 -34.45 21.48 -17.07
N ARG F 160 -34.46 21.15 -18.37
CA ARG F 160 -34.91 19.85 -18.84
C ARG F 160 -34.15 18.71 -18.17
N VAL F 161 -32.82 18.79 -18.17
CA VAL F 161 -31.98 17.75 -17.59
C VAL F 161 -32.21 17.67 -16.10
N LEU F 162 -32.38 18.83 -15.48
CA LEU F 162 -32.65 18.94 -14.05
C LEU F 162 -33.90 18.16 -13.63
N ASP F 163 -34.94 18.20 -14.46
CA ASP F 163 -36.21 17.57 -14.13
C ASP F 163 -36.17 16.05 -14.29
N LEU F 164 -35.22 15.56 -15.07
CA LEU F 164 -35.03 14.13 -15.24
C LEU F 164 -34.03 13.59 -14.24
N ALA F 165 -32.94 14.32 -14.04
CA ALA F 165 -31.88 13.90 -13.12
C ALA F 165 -32.31 13.97 -11.65
N SER F 166 -32.53 15.19 -11.15
CA SER F 166 -32.89 15.37 -9.75
C SER F 166 -34.06 16.34 -9.53
N PRO F 167 -35.28 15.82 -9.65
CA PRO F 167 -36.52 16.55 -9.34
C PRO F 167 -36.49 17.30 -7.99
N ILE F 168 -37.00 18.54 -7.99
CA ILE F 168 -37.01 19.39 -6.79
C ILE F 168 -38.44 19.73 -6.38
N GLY F 169 -38.73 19.60 -5.08
CA GLY F 169 -40.04 19.92 -4.56
C GLY F 169 -40.01 20.99 -3.49
N ARG F 170 -41.19 21.54 -3.20
CA ARG F 170 -41.34 22.51 -2.13
C ARG F 170 -40.95 21.85 -0.82
N GLY F 171 -39.72 22.10 -0.38
CA GLY F 171 -39.22 21.56 0.87
C GLY F 171 -37.86 20.88 0.79
N GLN F 172 -37.30 20.74 -0.42
CA GLN F 172 -36.07 19.97 -0.62
C GLN F 172 -34.91 20.50 0.20
N ARG F 173 -34.10 19.59 0.72
CA ARG F 173 -32.73 19.89 1.07
C ARG F 173 -31.89 19.43 -0.11
N GLY F 174 -31.27 20.38 -0.80
CA GLY F 174 -30.59 20.08 -2.04
C GLY F 174 -29.11 20.38 -2.04
N LEU F 175 -28.31 19.39 -2.39
CA LEU F 175 -26.89 19.57 -2.53
C LEU F 175 -26.53 19.45 -4.00
N ILE F 176 -26.14 20.57 -4.62
CA ILE F 176 -25.50 20.56 -5.94
C ILE F 176 -23.99 20.34 -5.77
N VAL F 177 -23.54 19.13 -6.08
CA VAL F 177 -22.11 18.79 -5.96
C VAL F 177 -21.31 19.28 -7.17
N ALA F 178 -20.22 20.00 -6.92
CA ALA F 178 -19.48 20.64 -7.99
C ALA F 178 -17.98 20.72 -7.73
N PRO F 179 -17.20 20.25 -8.70
CA PRO F 179 -15.80 20.62 -8.83
C PRO F 179 -15.68 22.01 -9.46
N PRO F 180 -14.46 22.56 -9.51
CA PRO F 180 -14.25 23.85 -10.18
C PRO F 180 -14.36 23.69 -11.69
N LYS F 181 -14.84 24.72 -12.38
CA LYS F 181 -14.99 24.73 -13.84
C LYS F 181 -15.99 23.67 -14.32
N ALA F 182 -17.20 23.71 -13.79
CA ALA F 182 -18.21 22.74 -14.12
C ALA F 182 -19.54 23.41 -14.48
N GLY F 183 -19.56 24.73 -14.41
CA GLY F 183 -20.74 25.51 -14.73
C GLY F 183 -21.70 25.63 -13.57
N LYS F 184 -21.20 25.49 -12.35
CA LYS F 184 -22.00 25.71 -11.15
C LYS F 184 -22.70 27.07 -11.23
N THR F 185 -21.91 28.13 -11.43
CA THR F 185 -22.41 29.50 -11.41
C THR F 185 -23.54 29.74 -12.42
N MET F 186 -23.44 29.09 -13.58
CA MET F 186 -24.48 29.17 -14.60
C MET F 186 -25.66 28.25 -14.28
N LEU F 187 -25.40 27.17 -13.56
CA LEU F 187 -26.44 26.23 -13.15
C LEU F 187 -27.43 26.91 -12.21
N LEU F 188 -26.93 27.40 -11.08
CA LEU F 188 -27.72 28.15 -10.10
C LEU F 188 -28.44 29.32 -10.75
N GLN F 189 -27.91 29.81 -11.87
CA GLN F 189 -28.52 30.94 -12.58
C GLN F 189 -29.74 30.51 -13.40
N ASN F 190 -29.63 29.39 -14.11
CA ASN F 190 -30.77 28.81 -14.80
C ASN F 190 -31.87 28.42 -13.82
N ILE F 191 -31.47 27.85 -12.67
CA ILE F 191 -32.41 27.42 -11.64
C ILE F 191 -33.10 28.61 -11.00
N ALA F 192 -32.37 29.70 -10.86
CA ALA F 192 -32.93 30.95 -10.35
C ALA F 192 -33.95 31.58 -11.32
N GLN F 193 -33.83 31.27 -12.60
CA GLN F 193 -34.80 31.73 -13.62
C GLN F 193 -35.98 30.78 -13.71
N SER F 194 -35.68 29.48 -13.74
CA SER F 194 -36.73 28.44 -13.77
C SER F 194 -37.69 28.59 -12.58
N ILE F 195 -37.17 29.02 -11.43
CA ILE F 195 -38.00 29.27 -10.24
C ILE F 195 -38.89 30.51 -10.39
N ALA F 196 -38.30 31.65 -10.78
CA ALA F 196 -39.03 32.92 -10.78
C ALA F 196 -40.01 33.05 -11.96
N TYR F 197 -39.65 32.41 -13.07
CA TYR F 197 -40.50 32.33 -14.27
C TYR F 197 -41.66 31.35 -14.03
N ASN F 198 -41.35 30.16 -13.56
CA ASN F 198 -42.38 29.13 -13.34
C ASN F 198 -43.21 29.34 -12.07
N HIS F 199 -42.54 29.59 -10.94
CA HIS F 199 -43.21 29.68 -9.63
C HIS F 199 -42.93 31.01 -8.94
N PRO F 200 -43.63 32.07 -9.36
CA PRO F 200 -43.41 33.41 -8.79
C PRO F 200 -44.01 33.54 -7.38
N ASP F 201 -44.88 32.60 -7.01
CA ASP F 201 -45.51 32.61 -5.70
C ASP F 201 -44.47 32.40 -4.61
N CYS F 202 -43.43 31.64 -4.95
CA CYS F 202 -42.34 31.37 -4.03
C CYS F 202 -41.47 32.60 -3.77
N VAL F 203 -41.13 32.81 -2.50
CA VAL F 203 -40.22 33.87 -2.12
C VAL F 203 -38.81 33.36 -2.39
N LEU F 204 -38.13 34.00 -3.33
CA LEU F 204 -36.82 33.52 -3.76
C LEU F 204 -35.67 34.32 -3.17
N MET F 205 -34.76 33.62 -2.50
CA MET F 205 -33.60 34.25 -1.89
C MET F 205 -32.36 33.52 -2.34
N VAL F 206 -31.50 34.22 -3.08
CA VAL F 206 -30.22 33.67 -3.43
C VAL F 206 -29.18 34.23 -2.48
N LEU F 207 -28.34 33.36 -1.96
CA LEU F 207 -27.39 33.73 -0.94
C LEU F 207 -26.00 33.31 -1.37
N LEU F 208 -25.15 34.29 -1.63
CA LEU F 208 -23.78 34.01 -2.06
C LEU F 208 -22.79 34.29 -0.94
N ILE F 209 -21.93 33.31 -0.67
CA ILE F 209 -20.90 33.46 0.32
C ILE F 209 -19.53 33.19 -0.31
N ASP F 210 -18.63 34.19 -0.20
CA ASP F 210 -17.28 34.15 -0.76
C ASP F 210 -17.21 34.24 -2.28
N GLU F 211 -18.34 34.56 -2.92
CA GLU F 211 -18.37 34.81 -4.35
C GLU F 211 -17.80 36.21 -4.63
N ARG F 212 -17.20 36.39 -5.80
CA ARG F 212 -16.56 37.65 -6.15
C ARG F 212 -17.61 38.72 -6.49
N PRO F 213 -17.34 39.99 -6.17
CA PRO F 213 -18.35 41.05 -6.29
C PRO F 213 -19.01 41.08 -7.67
N GLU F 214 -18.21 40.85 -8.71
CA GLU F 214 -18.70 40.78 -10.08
C GLU F 214 -19.76 39.68 -10.28
N GLU F 215 -19.51 38.50 -9.69
CA GLU F 215 -20.46 37.38 -9.71
C GLU F 215 -21.75 37.74 -8.98
N VAL F 216 -21.62 38.51 -7.90
CA VAL F 216 -22.77 39.02 -7.14
C VAL F 216 -23.58 40.00 -7.98
N THR F 217 -22.95 41.06 -8.49
CA THR F 217 -23.67 42.08 -9.25
C THR F 217 -24.34 41.53 -10.51
N GLU F 218 -23.82 40.41 -11.02
CA GLU F 218 -24.47 39.73 -12.14
C GLU F 218 -25.66 38.89 -11.71
N MET F 219 -25.49 38.15 -10.62
CA MET F 219 -26.60 37.41 -10.04
C MET F 219 -27.72 38.36 -9.62
N GLN F 220 -27.35 39.49 -9.02
CA GLN F 220 -28.31 40.53 -8.66
C GLN F 220 -29.14 40.92 -9.88
N ARG F 221 -28.47 41.03 -11.03
CA ARG F 221 -29.08 41.50 -12.29
C ARG F 221 -30.04 40.49 -12.96
N LEU F 222 -29.70 39.20 -12.92
CA LEU F 222 -30.52 38.18 -13.60
C LEU F 222 -31.66 37.64 -12.74
N VAL F 223 -31.65 37.92 -11.45
CA VAL F 223 -32.52 37.19 -10.53
C VAL F 223 -33.70 38.02 -10.00
N LYS F 224 -34.91 37.53 -10.27
CA LYS F 224 -36.12 38.11 -9.71
C LYS F 224 -36.42 37.51 -8.33
N GLY F 225 -35.95 38.20 -7.30
CA GLY F 225 -35.98 37.71 -5.94
C GLY F 225 -34.89 38.39 -5.13
N GLU F 226 -34.85 38.13 -3.84
CA GLU F 226 -33.80 38.70 -3.00
C GLU F 226 -32.45 38.05 -3.32
N VAL F 227 -31.47 38.89 -3.67
CA VAL F 227 -30.10 38.42 -3.79
C VAL F 227 -29.27 39.02 -2.65
N VAL F 228 -28.83 38.17 -1.74
CA VAL F 228 -28.05 38.58 -0.59
C VAL F 228 -26.67 37.97 -0.76
N ALA F 229 -25.64 38.70 -0.36
CA ALA F 229 -24.29 38.13 -0.45
C ALA F 229 -23.30 38.62 0.59
N SER F 230 -22.18 37.91 0.62
CA SER F 230 -21.03 38.25 1.43
C SER F 230 -19.78 38.02 0.56
N THR F 231 -19.04 39.07 0.28
CA THR F 231 -17.84 38.97 -0.58
C THR F 231 -16.62 38.49 0.21
N PHE F 232 -15.66 37.90 -0.52
CA PHE F 232 -14.44 37.31 0.09
C PHE F 232 -13.64 38.27 0.98
N ASP F 233 -13.85 39.57 0.80
CA ASP F 233 -13.13 40.60 1.57
C ASP F 233 -13.62 40.68 3.00
N GLU F 234 -14.84 40.21 3.23
CA GLU F 234 -15.53 40.37 4.51
C GLU F 234 -15.13 39.28 5.52
N PRO F 235 -15.07 39.63 6.81
CA PRO F 235 -14.72 38.67 7.86
C PRO F 235 -15.72 37.52 7.97
N ALA F 236 -15.24 36.35 8.40
CA ALA F 236 -16.07 35.18 8.54
C ALA F 236 -17.32 35.45 9.39
N SER F 237 -17.19 36.33 10.38
CA SER F 237 -18.31 36.69 11.24
C SER F 237 -19.40 37.42 10.47
N ARG F 238 -18.98 38.19 9.47
CA ARG F 238 -19.90 38.89 8.58
C ARG F 238 -20.60 37.91 7.65
N HIS F 239 -19.84 36.91 7.18
CA HIS F 239 -20.40 35.79 6.41
C HIS F 239 -21.51 35.13 7.21
N VAL F 240 -21.19 34.79 8.46
CA VAL F 240 -22.15 34.15 9.34
C VAL F 240 -23.39 35.03 9.47
N GLN F 241 -23.17 36.31 9.75
CA GLN F 241 -24.27 37.25 9.99
C GLN F 241 -25.22 37.30 8.80
N VAL F 242 -24.68 37.51 7.59
CA VAL F 242 -25.47 37.49 6.36
C VAL F 242 -26.31 36.23 6.26
N ALA F 243 -25.66 35.08 6.36
CA ALA F 243 -26.34 33.78 6.22
C ALA F 243 -27.44 33.55 7.25
N GLU F 244 -27.29 34.13 8.43
CA GLU F 244 -28.25 33.87 9.49
C GLU F 244 -29.43 34.83 9.49
N MET F 245 -29.24 36.04 8.97
CA MET F 245 -30.36 36.92 8.69
C MET F 245 -31.25 36.20 7.70
N VAL F 246 -30.64 35.68 6.63
CA VAL F 246 -31.37 35.01 5.57
C VAL F 246 -32.21 33.80 6.06
N ILE F 247 -31.59 32.95 6.86
CA ILE F 247 -32.30 31.77 7.35
C ILE F 247 -33.45 32.14 8.29
N GLU F 248 -33.21 33.10 9.18
CA GLU F 248 -34.25 33.48 10.13
C GLU F 248 -35.40 34.17 9.42
N LYS F 249 -35.07 35.09 8.49
CA LYS F 249 -36.07 35.69 7.59
C LYS F 249 -36.97 34.62 7.00
N ALA F 250 -36.35 33.53 6.52
CA ALA F 250 -37.07 32.43 5.88
C ALA F 250 -38.03 31.78 6.88
N LYS F 251 -37.49 31.37 8.01
CA LYS F 251 -38.30 30.81 9.09
C LYS F 251 -39.47 31.72 9.40
N ARG F 252 -39.19 33.00 9.66
CA ARG F 252 -40.24 33.99 9.88
C ARG F 252 -41.32 33.89 8.79
N LEU F 253 -40.89 33.85 7.52
CA LEU F 253 -41.84 33.76 6.41
C LEU F 253 -42.62 32.45 6.35
N VAL F 254 -41.96 31.33 6.69
CA VAL F 254 -42.63 30.03 6.66
C VAL F 254 -43.65 29.92 7.80
N GLU F 255 -43.47 30.73 8.84
CA GLU F 255 -44.40 30.73 9.95
C GLU F 255 -45.71 31.34 9.48
N HIS F 256 -45.65 32.06 8.37
CA HIS F 256 -46.81 32.68 7.77
C HIS F 256 -47.29 31.89 6.56
N LYS F 257 -46.85 30.63 6.48
CA LYS F 257 -47.28 29.69 5.44
C LYS F 257 -46.84 30.06 4.01
N LYS F 258 -45.66 30.66 3.89
CA LYS F 258 -45.06 30.91 2.58
C LYS F 258 -44.11 29.77 2.24
N ASP F 259 -44.02 29.47 0.95
CA ASP F 259 -42.95 28.61 0.48
C ASP F 259 -41.76 29.48 0.15
N VAL F 260 -40.64 29.19 0.79
CA VAL F 260 -39.43 29.97 0.58
C VAL F 260 -38.38 29.07 -0.05
N ILE F 261 -37.69 29.60 -1.06
CA ILE F 261 -36.55 28.91 -1.65
C ILE F 261 -35.25 29.68 -1.40
N ILE F 262 -34.30 29.04 -0.74
CA ILE F 262 -32.94 29.58 -0.64
C ILE F 262 -32.04 28.87 -1.63
N LEU F 263 -31.24 29.67 -2.32
CA LEU F 263 -30.19 29.16 -3.19
C LEU F 263 -28.84 29.64 -2.68
N LEU F 264 -28.12 28.73 -2.04
CA LEU F 264 -26.87 29.09 -1.37
C LEU F 264 -25.66 28.60 -2.16
N ASP F 265 -24.70 29.50 -2.44
CA ASP F 265 -23.60 29.14 -3.32
C ASP F 265 -22.73 28.03 -2.75
N SER F 266 -22.25 28.22 -1.53
CA SER F 266 -21.61 27.10 -0.87
C SER F 266 -21.88 26.96 0.62
N ILE F 267 -22.41 25.81 0.96
CA ILE F 267 -22.41 25.34 2.32
C ILE F 267 -20.97 25.14 2.75
N THR F 268 -20.12 24.72 1.80
CA THR F 268 -18.68 24.65 1.99
C THR F 268 -18.10 25.95 2.56
N ARG F 269 -18.28 27.06 1.85
CA ARG F 269 -17.74 28.33 2.34
C ARG F 269 -18.44 28.84 3.60
N LEU F 270 -19.73 28.54 3.74
CA LEU F 270 -20.47 28.91 4.94
C LEU F 270 -19.97 28.15 6.17
N ALA F 271 -19.56 26.91 5.98
CA ALA F 271 -18.96 26.12 7.04
C ALA F 271 -17.52 26.57 7.34
N ARG F 272 -16.76 26.96 6.30
CA ARG F 272 -15.48 27.63 6.53
C ARG F 272 -15.70 28.85 7.43
N ALA F 273 -16.73 29.62 7.09
CA ALA F 273 -17.07 30.83 7.82
C ALA F 273 -17.40 30.53 9.26
N TYR F 274 -18.22 29.50 9.48
CA TYR F 274 -18.63 29.11 10.82
C TYR F 274 -17.47 28.56 11.63
N ASN F 275 -16.63 27.77 10.95
CA ASN F 275 -15.51 27.11 11.62
C ASN F 275 -14.59 28.08 12.33
N THR F 276 -14.27 29.20 11.68
CA THR F 276 -13.33 30.15 12.26
C THR F 276 -13.98 31.12 13.24
N VAL F 277 -15.30 31.31 13.13
CA VAL F 277 -16.02 32.17 14.06
C VAL F 277 -16.21 31.48 15.42
N VAL F 278 -16.77 30.28 15.40
CA VAL F 278 -17.00 29.46 16.59
C VAL F 278 -15.72 29.31 17.42
N PRO F 279 -15.81 29.60 18.72
CA PRO F 279 -14.64 29.57 19.61
C PRO F 279 -14.26 28.14 20.05
N ALA F 280 -13.05 27.99 20.59
CA ALA F 280 -12.51 26.69 21.06
C ALA F 280 -13.28 25.47 20.52
N VAL F 284 -9.80 18.34 18.95
CA VAL F 284 -10.93 17.78 18.21
C VAL F 284 -11.08 18.43 16.82
N LEU F 285 -10.00 18.36 16.03
CA LEU F 285 -10.05 18.75 14.62
C LEU F 285 -9.62 17.58 13.75
N THR F 286 -10.22 17.46 12.57
CA THR F 286 -9.93 16.34 11.64
C THR F 286 -9.26 16.79 10.33
N GLY F 287 -8.41 17.82 10.43
CA GLY F 287 -7.73 18.35 9.27
C GLY F 287 -8.27 19.70 8.83
N GLY F 288 -8.28 20.66 9.77
CA GLY F 288 -8.69 22.02 9.49
C GLY F 288 -9.92 22.44 10.27
N VAL F 289 -10.89 21.54 10.36
CA VAL F 289 -12.19 21.85 10.95
C VAL F 289 -12.44 21.12 12.29
N ASP F 290 -12.95 21.86 13.27
CA ASP F 290 -13.35 21.28 14.54
C ASP F 290 -14.71 20.59 14.39
N ALA F 291 -14.76 19.31 14.79
CA ALA F 291 -15.95 18.46 14.59
C ALA F 291 -17.23 19.09 15.16
N ASN F 292 -17.06 19.91 16.20
CA ASN F 292 -18.14 20.66 16.83
C ASN F 292 -18.64 21.85 15.98
N ALA F 293 -17.80 22.39 15.11
CA ALA F 293 -18.11 23.62 14.39
C ALA F 293 -19.17 23.44 13.29
N LEU F 294 -19.19 22.26 12.67
CA LEU F 294 -20.10 21.98 11.57
C LEU F 294 -21.57 22.03 11.97
N HIS F 295 -21.82 22.15 13.27
CA HIS F 295 -23.17 22.14 13.82
C HIS F 295 -24.06 23.22 13.23
N ARG F 296 -23.59 24.46 13.32
CA ARG F 296 -24.32 25.65 12.85
C ARG F 296 -24.67 25.61 11.37
N PRO F 297 -23.70 25.31 10.50
CA PRO F 297 -23.97 25.06 9.07
C PRO F 297 -25.03 23.99 8.88
N LYS F 298 -24.98 22.95 9.70
CA LYS F 298 -25.92 21.85 9.57
C LYS F 298 -27.31 22.33 9.93
N ARG F 299 -27.39 23.15 10.98
CA ARG F 299 -28.66 23.78 11.33
C ARG F 299 -29.26 24.52 10.11
N PHE F 300 -28.43 25.33 9.44
CA PHE F 300 -28.85 26.04 8.24
C PHE F 300 -29.52 25.06 7.28
N PHE F 301 -28.72 24.13 6.76
CA PHE F 301 -29.22 23.07 5.89
C PHE F 301 -30.42 22.31 6.52
N GLY F 302 -30.34 21.98 7.81
CA GLY F 302 -31.41 21.25 8.47
C GLY F 302 -32.75 21.98 8.53
N ALA F 303 -32.70 23.29 8.34
CA ALA F 303 -33.90 24.10 8.41
C ALA F 303 -34.84 23.69 7.30
N ALA F 304 -34.27 23.40 6.13
CA ALA F 304 -35.05 23.06 4.94
C ALA F 304 -35.96 21.87 5.19
N ARG F 305 -37.21 22.02 4.79
CA ARG F 305 -38.24 21.02 5.05
C ARG F 305 -39.56 21.52 4.51
N ASN F 306 -40.41 20.58 4.09
CA ASN F 306 -41.80 20.89 3.82
C ASN F 306 -42.57 20.72 5.11
N VAL F 307 -43.47 21.66 5.38
CA VAL F 307 -44.12 21.82 6.67
C VAL F 307 -45.57 21.40 6.54
N GLU F 308 -46.00 20.48 7.40
CA GLU F 308 -47.38 20.00 7.36
C GLU F 308 -48.38 21.16 7.42
N GLU F 309 -48.18 22.05 8.39
CA GLU F 309 -49.18 23.06 8.71
C GLU F 309 -49.14 24.28 7.78
N GLY F 310 -48.52 24.12 6.61
CA GLY F 310 -48.54 25.15 5.60
C GLY F 310 -47.20 25.84 5.40
N GLY F 311 -46.83 26.00 4.14
CA GLY F 311 -45.56 26.60 3.78
C GLY F 311 -44.44 25.57 3.80
N SER F 312 -43.28 25.97 3.30
CA SER F 312 -42.15 25.08 3.19
C SER F 312 -40.92 25.92 3.01
N LEU F 313 -39.78 25.42 3.47
CA LEU F 313 -38.51 26.03 3.18
C LEU F 313 -37.70 25.07 2.36
N THR F 314 -37.27 25.50 1.20
CA THR F 314 -36.43 24.67 0.38
C THR F 314 -35.08 25.35 0.21
N ILE F 315 -34.03 24.62 0.55
CA ILE F 315 -32.65 25.05 0.39
C ILE F 315 -31.93 24.16 -0.62
N ILE F 316 -31.45 24.76 -1.71
CA ILE F 316 -30.56 24.08 -2.65
C ILE F 316 -29.19 24.70 -2.52
N ALA F 317 -28.26 23.93 -1.96
CA ALA F 317 -26.96 24.45 -1.63
C ALA F 317 -25.87 23.74 -2.42
N THR F 318 -24.94 24.50 -2.97
CA THR F 318 -23.83 23.94 -3.72
C THR F 318 -22.72 23.51 -2.77
N ALA F 319 -22.24 22.27 -2.95
CA ALA F 319 -21.10 21.76 -2.19
C ALA F 319 -19.90 21.68 -3.11
N LEU F 320 -18.73 22.06 -2.60
CA LEU F 320 -17.55 22.22 -3.45
C LEU F 320 -16.54 21.08 -3.30
N ILE F 321 -16.58 20.16 -4.25
CA ILE F 321 -15.73 18.98 -4.25
C ILE F 321 -14.44 19.24 -5.04
N ASP F 322 -13.34 18.61 -4.62
CA ASP F 322 -12.03 18.69 -5.30
C ASP F 322 -11.45 20.11 -5.47
N THR F 323 -10.88 20.65 -4.39
CA THR F 323 -10.37 22.03 -4.43
C THR F 323 -8.90 22.18 -4.02
N GLY F 324 -8.33 21.15 -3.41
CA GLY F 324 -6.96 21.22 -2.94
C GLY F 324 -6.87 21.66 -1.48
N SER F 325 -8.04 21.91 -0.88
CA SER F 325 -8.16 22.02 0.58
C SER F 325 -8.90 20.82 1.11
N LYS F 326 -8.31 20.16 2.11
CA LYS F 326 -8.87 18.96 2.70
C LYS F 326 -10.16 19.28 3.44
N MET F 327 -10.15 20.41 4.16
CA MET F 327 -11.33 20.93 4.85
C MET F 327 -12.58 20.89 3.98
N ASP F 328 -12.45 21.33 2.74
CA ASP F 328 -13.57 21.37 1.81
C ASP F 328 -14.15 19.97 1.54
N GLU F 329 -13.27 18.96 1.56
CA GLU F 329 -13.68 17.56 1.38
C GLU F 329 -14.18 16.91 2.67
N VAL F 330 -13.69 17.40 3.81
CA VAL F 330 -14.21 16.98 5.13
C VAL F 330 -15.65 17.41 5.23
N ILE F 331 -15.91 18.66 4.88
CA ILE F 331 -17.23 19.26 4.92
C ILE F 331 -18.22 18.49 4.05
N TYR F 332 -17.80 18.07 2.86
CA TYR F 332 -18.66 17.25 2.01
C TYR F 332 -19.07 15.94 2.71
N GLU F 333 -18.09 15.27 3.32
CA GLU F 333 -18.33 14.05 4.06
C GLU F 333 -19.34 14.27 5.17
N GLU F 334 -19.13 15.33 5.96
CA GLU F 334 -20.02 15.70 7.05
C GLU F 334 -21.42 16.14 6.63
N PHE F 335 -21.59 16.45 5.34
CA PHE F 335 -22.89 16.85 4.83
C PHE F 335 -23.52 15.79 3.95
N LYS F 336 -22.89 14.62 3.92
CA LYS F 336 -23.42 13.47 3.20
C LYS F 336 -24.62 12.87 3.96
N GLY F 337 -25.69 12.57 3.21
CA GLY F 337 -26.86 11.91 3.77
C GLY F 337 -27.75 12.86 4.55
N THR F 338 -27.32 14.11 4.66
CA THR F 338 -28.13 15.16 5.28
C THR F 338 -29.18 15.62 4.27
N GLY F 339 -28.81 15.48 2.99
CA GLY F 339 -29.63 15.97 1.90
C GLY F 339 -30.69 14.99 1.50
N ASN F 340 -31.64 15.47 0.70
CA ASN F 340 -32.64 14.62 0.06
C ASN F 340 -32.67 14.86 -1.45
N MET F 341 -31.62 15.50 -1.95
CA MET F 341 -31.33 15.52 -3.37
C MET F 341 -29.85 15.84 -3.63
N GLU F 342 -29.33 15.29 -4.72
CA GLU F 342 -27.98 15.56 -5.16
C GLU F 342 -27.93 15.77 -6.66
N LEU F 343 -27.15 16.74 -7.10
CA LEU F 343 -26.82 16.87 -8.51
C LEU F 343 -25.30 16.98 -8.65
N HIS F 344 -24.73 16.12 -9.50
CA HIS F 344 -23.28 16.04 -9.64
C HIS F 344 -22.81 16.61 -10.96
N LEU F 345 -21.87 17.55 -10.88
CA LEU F 345 -21.36 18.24 -12.06
C LEU F 345 -19.93 17.84 -12.37
N SER F 346 -19.77 16.84 -13.23
CA SER F 346 -18.44 16.27 -13.49
C SER F 346 -17.51 17.26 -14.20
N ARG F 347 -16.31 17.41 -13.64
CA ARG F 347 -15.24 18.21 -14.24
C ARG F 347 -14.88 17.67 -15.63
N LYS F 348 -15.12 16.38 -15.82
CA LYS F 348 -14.82 15.68 -17.07
C LYS F 348 -15.79 16.03 -18.21
N ILE F 349 -17.08 16.13 -17.88
CA ILE F 349 -18.11 16.47 -18.88
C ILE F 349 -18.01 17.94 -19.31
N ALA F 350 -17.58 18.80 -18.40
CA ALA F 350 -17.45 20.23 -18.66
C ALA F 350 -16.25 20.57 -19.53
N GLU F 351 -15.20 19.75 -19.45
CA GLU F 351 -13.99 19.93 -20.26
C GLU F 351 -14.31 19.83 -21.75
N LYS F 352 -14.95 18.74 -22.14
CA LYS F 352 -15.35 18.50 -23.53
C LYS F 352 -16.47 19.46 -23.95
N ARG F 353 -16.71 20.48 -23.14
CA ARG F 353 -17.66 21.56 -23.42
C ARG F 353 -19.05 21.08 -23.85
N VAL F 354 -19.47 19.95 -23.30
CA VAL F 354 -20.87 19.56 -23.33
C VAL F 354 -21.58 20.38 -22.25
N PHE F 355 -22.58 21.14 -22.67
CA PHE F 355 -23.05 22.31 -21.92
C PHE F 355 -23.48 22.07 -20.44
N PRO F 356 -24.62 21.41 -20.21
CA PRO F 356 -25.22 21.33 -18.86
C PRO F 356 -24.40 20.56 -17.83
N ALA F 357 -23.55 19.65 -18.27
CA ALA F 357 -22.55 18.99 -17.41
C ALA F 357 -23.10 18.23 -16.19
N ILE F 358 -23.92 17.21 -16.44
CA ILE F 358 -24.48 16.43 -15.35
C ILE F 358 -24.13 14.94 -15.44
N ASP F 359 -23.46 14.45 -14.40
CA ASP F 359 -23.25 13.02 -14.20
C ASP F 359 -24.60 12.40 -13.80
N TYR F 360 -25.38 12.05 -14.82
CA TYR F 360 -26.76 11.63 -14.64
C TYR F 360 -26.95 10.50 -13.62
N ASN F 361 -26.00 9.58 -13.57
CA ASN F 361 -26.14 8.37 -12.78
C ASN F 361 -25.83 8.54 -11.31
N ARG F 362 -25.15 9.62 -10.95
CA ARG F 362 -24.87 9.92 -9.54
C ARG F 362 -25.77 11.06 -9.02
N SER F 363 -26.71 11.50 -9.85
CA SER F 363 -27.68 12.53 -9.47
C SER F 363 -29.05 11.93 -9.24
N GLY F 364 -29.71 12.36 -8.17
CA GLY F 364 -31.01 11.83 -7.79
C GLY F 364 -31.53 12.44 -6.50
N THR F 365 -32.79 12.15 -6.18
CA THR F 365 -33.45 12.71 -5.02
C THR F 365 -34.40 11.74 -4.37
N ARG F 366 -34.38 11.68 -3.05
CA ARG F 366 -35.24 10.81 -2.26
C ARG F 366 -36.71 11.01 -2.55
N LYS F 367 -37.47 9.92 -2.49
CA LYS F 367 -38.91 9.92 -2.70
C LYS F 367 -39.32 10.64 -3.99
N GLU F 368 -38.58 10.34 -5.07
CA GLU F 368 -38.93 10.79 -6.43
C GLU F 368 -40.41 10.58 -6.67
N GLU F 369 -40.91 9.43 -6.22
CA GLU F 369 -42.30 9.04 -6.38
C GLU F 369 -43.30 10.09 -5.89
N LEU F 370 -43.00 10.74 -4.75
CA LEU F 370 -43.94 11.71 -4.19
C LEU F 370 -43.84 13.09 -4.85
N LEU F 371 -42.89 13.23 -5.79
CA LEU F 371 -42.67 14.47 -6.53
C LEU F 371 -43.14 14.38 -7.98
N THR F 372 -44.00 13.40 -8.26
CA THR F 372 -44.13 12.89 -9.61
C THR F 372 -45.37 11.99 -9.76
N THR F 373 -46.04 12.06 -10.91
CA THR F 373 -47.11 11.13 -11.26
C THR F 373 -46.53 9.79 -11.66
N GLN F 374 -47.23 8.69 -11.33
CA GLN F 374 -46.66 7.34 -11.49
C GLN F 374 -46.20 6.99 -12.91
N GLU F 375 -46.71 7.72 -13.89
CA GLU F 375 -46.31 7.56 -15.31
C GLU F 375 -44.94 8.15 -15.57
N GLU F 376 -44.72 9.35 -15.02
CA GLU F 376 -43.44 10.04 -15.10
C GLU F 376 -42.33 9.23 -14.42
N LEU F 377 -42.69 8.48 -13.38
CA LEU F 377 -41.76 7.59 -12.70
C LEU F 377 -41.15 6.57 -13.66
N GLN F 378 -42.01 5.76 -14.28
CA GLN F 378 -41.59 4.77 -15.27
C GLN F 378 -40.74 5.42 -16.35
N LYS F 379 -41.28 6.48 -16.95
CA LYS F 379 -40.60 7.27 -17.98
C LYS F 379 -39.18 7.64 -17.58
N MET F 380 -38.99 8.03 -16.32
CA MET F 380 -37.66 8.36 -15.79
C MET F 380 -36.89 7.09 -15.40
N TRP F 381 -37.63 6.04 -15.04
CA TRP F 381 -37.02 4.78 -14.61
C TRP F 381 -36.53 3.94 -15.79
N ILE F 382 -37.16 4.08 -16.94
CA ILE F 382 -36.69 3.45 -18.18
C ILE F 382 -35.46 4.19 -18.71
N LEU F 383 -35.48 5.53 -18.60
CA LEU F 383 -34.37 6.37 -19.05
C LEU F 383 -33.09 6.03 -18.30
N ARG F 384 -33.20 5.88 -16.99
CA ARG F 384 -32.07 5.47 -16.16
C ARG F 384 -31.49 4.15 -16.67
N LYS F 385 -32.36 3.17 -16.89
CA LYS F 385 -31.95 1.84 -17.36
C LYS F 385 -31.08 1.90 -18.61
N ILE F 386 -31.38 2.83 -19.52
CA ILE F 386 -30.57 2.99 -20.74
C ILE F 386 -29.34 3.89 -20.54
N ILE F 387 -29.48 4.95 -19.75
CA ILE F 387 -28.36 5.84 -19.47
C ILE F 387 -27.35 5.18 -18.50
N HIS F 388 -27.82 4.22 -17.72
CA HIS F 388 -27.04 3.57 -16.67
C HIS F 388 -25.60 3.21 -17.07
N PRO F 389 -25.41 2.25 -17.99
CA PRO F 389 -24.07 1.73 -18.28
C PRO F 389 -23.20 2.68 -19.10
N MET F 390 -23.76 3.80 -19.54
CA MET F 390 -23.02 4.81 -20.30
C MET F 390 -21.92 5.43 -19.45
N GLY F 391 -20.92 5.98 -20.12
CA GLY F 391 -19.85 6.70 -19.46
C GLY F 391 -20.32 8.06 -18.97
N GLU F 392 -19.49 8.72 -18.16
CA GLU F 392 -19.81 10.04 -17.61
C GLU F 392 -20.12 11.02 -18.74
N ILE F 393 -19.13 11.26 -19.61
CA ILE F 393 -19.26 12.16 -20.75
C ILE F 393 -20.29 11.63 -21.76
N ASP F 394 -20.38 10.31 -21.87
CA ASP F 394 -21.31 9.65 -22.79
C ASP F 394 -22.77 9.92 -22.44
N ALA F 395 -23.05 10.02 -21.14
CA ALA F 395 -24.42 10.13 -20.64
C ALA F 395 -25.12 11.42 -21.07
N MET F 396 -24.35 12.50 -21.19
CA MET F 396 -24.91 13.81 -21.51
C MET F 396 -25.07 14.01 -23.01
N GLU F 397 -24.06 13.62 -23.77
CA GLU F 397 -24.10 13.70 -25.23
C GLU F 397 -25.36 13.04 -25.78
N PHE F 398 -25.69 11.87 -25.24
CA PHE F 398 -26.92 11.16 -25.59
C PHE F 398 -28.17 11.93 -25.12
N LEU F 399 -28.06 12.58 -23.96
CA LEU F 399 -29.19 13.26 -23.35
C LEU F 399 -29.55 14.55 -24.08
N ILE F 400 -28.54 15.34 -24.44
CA ILE F 400 -28.75 16.64 -25.09
C ILE F 400 -29.15 16.50 -26.56
N ASN F 401 -28.49 15.59 -27.28
CA ASN F 401 -28.81 15.31 -28.68
C ASN F 401 -30.24 14.80 -28.89
N LYS F 402 -30.82 14.20 -27.84
CA LYS F 402 -32.18 13.69 -27.89
C LYS F 402 -33.22 14.66 -27.31
N LEU F 403 -32.74 15.70 -26.61
CA LEU F 403 -33.63 16.73 -26.06
C LEU F 403 -33.67 18.00 -26.91
N ALA F 404 -32.62 18.24 -27.70
CA ALA F 404 -32.62 19.30 -28.69
C ALA F 404 -33.43 18.89 -29.92
N MET F 405 -34.58 18.27 -29.65
CA MET F 405 -35.45 17.75 -30.70
C MET F 405 -36.93 17.99 -30.36
N THR F 406 -37.22 18.27 -29.10
CA THR F 406 -38.60 18.29 -28.60
C THR F 406 -38.80 19.25 -27.41
N LYS F 407 -39.61 18.82 -26.44
CA LYS F 407 -39.66 19.41 -25.10
C LYS F 407 -39.19 18.38 -24.07
N THR F 408 -40.08 17.99 -23.14
CA THR F 408 -39.73 16.99 -22.13
C THR F 408 -40.73 15.84 -22.04
N ASN F 409 -42.01 16.13 -22.31
CA ASN F 409 -43.05 15.11 -22.37
C ASN F 409 -42.98 14.27 -23.64
N ASP F 410 -42.48 14.88 -24.71
CA ASP F 410 -42.40 14.23 -26.02
C ASP F 410 -41.27 13.21 -26.09
N ASP F 411 -40.31 13.34 -25.18
CA ASP F 411 -39.15 12.44 -25.15
C ASP F 411 -39.54 10.96 -25.11
N PHE F 412 -40.75 10.67 -24.60
CA PHE F 412 -41.25 9.29 -24.57
C PHE F 412 -42.35 9.05 -25.59
N PHE F 413 -43.23 10.04 -25.77
CA PHE F 413 -44.37 9.91 -26.68
C PHE F 413 -43.97 9.89 -28.16
N GLU F 414 -42.80 10.45 -28.46
CA GLU F 414 -42.29 10.52 -29.83
C GLU F 414 -41.03 9.68 -30.08
N MET F 415 -40.14 9.62 -29.08
CA MET F 415 -38.91 8.84 -29.21
C MET F 415 -39.03 7.46 -28.55
N MET F 416 -39.78 6.57 -29.21
CA MET F 416 -39.99 5.20 -28.76
C MET F 416 -40.38 4.26 -29.92
N LYS F 417 -40.96 4.84 -30.97
CA LYS F 417 -41.53 4.09 -32.10
C LYS F 417 -42.61 3.10 -31.68
N GLY G 51 -47.62 14.60 36.47
CA GLY G 51 -47.21 14.05 35.14
C GLY G 51 -46.35 12.80 35.22
N ASP G 52 -45.41 12.68 34.28
CA ASP G 52 -44.52 11.51 34.20
C ASP G 52 -43.16 11.88 33.60
N GLY G 53 -42.65 11.01 32.72
CA GLY G 53 -41.34 11.22 32.11
C GLY G 53 -40.27 10.29 32.67
N VAL G 54 -39.06 10.38 32.10
CA VAL G 54 -37.94 9.50 32.47
C VAL G 54 -36.82 10.26 33.17
N LEU G 55 -36.35 9.73 34.30
CA LEU G 55 -35.42 10.44 35.17
C LEU G 55 -33.99 10.48 34.64
N GLU G 56 -33.45 11.68 34.53
CA GLU G 56 -32.03 11.90 34.25
C GLU G 56 -31.33 12.34 35.53
N ILE G 57 -30.12 11.82 35.77
CA ILE G 57 -29.31 12.26 36.91
C ILE G 57 -28.03 12.91 36.42
N LEU G 58 -27.78 14.15 36.84
CA LEU G 58 -26.51 14.81 36.58
C LEU G 58 -25.58 14.73 37.79
N GLN G 59 -24.28 14.94 37.54
CA GLN G 59 -23.23 14.96 38.58
C GLN G 59 -23.68 15.42 39.98
N ASP G 60 -24.53 16.44 40.03
CA ASP G 60 -24.98 17.04 41.30
C ASP G 60 -25.70 16.06 42.25
N GLY G 61 -26.33 15.03 41.69
CA GLY G 61 -27.13 14.09 42.46
C GLY G 61 -28.63 14.28 42.29
N PHE G 62 -29.08 15.53 42.13
CA PHE G 62 -30.48 15.84 41.85
C PHE G 62 -30.83 15.52 40.39
N GLY G 63 -32.13 15.35 40.13
CA GLY G 63 -32.57 14.91 38.81
C GLY G 63 -33.72 15.68 38.21
N PHE G 64 -33.80 15.62 36.89
CA PHE G 64 -34.95 16.10 36.14
C PHE G 64 -35.75 14.91 35.66
N LEU G 65 -37.00 15.14 35.28
CA LEU G 65 -37.74 14.17 34.48
C LEU G 65 -37.89 14.72 33.06
N ARG G 66 -37.51 13.91 32.08
CA ARG G 66 -37.51 14.34 30.68
C ARG G 66 -38.57 13.58 29.90
N SER G 67 -38.97 14.10 28.74
CA SER G 67 -40.15 13.61 28.06
C SER G 67 -39.85 12.96 26.72
N ALA G 68 -40.40 11.77 26.52
CA ALA G 68 -40.16 10.97 25.31
C ALA G 68 -40.61 11.69 24.04
N ASP G 69 -41.72 12.41 24.12
CA ASP G 69 -42.27 13.13 22.97
C ASP G 69 -41.32 14.21 22.44
N SER G 70 -40.28 14.50 23.20
CA SER G 70 -39.23 15.44 22.78
C SER G 70 -37.88 14.74 22.69
N SER G 71 -37.91 13.41 22.65
CA SER G 71 -36.69 12.60 22.71
C SER G 71 -35.80 13.07 23.86
N TYR G 72 -36.41 13.33 25.00
CA TYR G 72 -35.71 13.73 26.23
C TYR G 72 -34.85 14.97 26.04
N LEU G 73 -35.20 15.79 25.05
CA LEU G 73 -34.57 17.10 24.88
C LEU G 73 -34.89 18.00 26.07
N ALA G 74 -33.84 18.36 26.81
CA ALA G 74 -33.96 19.14 28.04
C ALA G 74 -34.74 20.41 27.79
N GLY G 75 -35.53 20.82 28.77
CA GLY G 75 -36.25 22.08 28.67
C GLY G 75 -36.95 22.52 29.95
N PRO G 76 -37.59 23.69 29.88
CA PRO G 76 -38.56 24.13 30.88
C PRO G 76 -39.43 23.01 31.50
N ASP G 77 -40.44 22.53 30.76
CA ASP G 77 -41.52 21.67 31.30
C ASP G 77 -41.09 20.46 32.16
N ASP G 78 -39.79 20.19 32.22
CA ASP G 78 -39.26 19.04 32.95
C ASP G 78 -39.57 19.07 34.46
N ILE G 79 -39.66 17.90 35.07
CA ILE G 79 -40.09 17.78 36.48
C ILE G 79 -38.90 17.52 37.41
N TYR G 80 -38.77 18.38 38.42
CA TYR G 80 -37.61 18.35 39.32
C TYR G 80 -37.66 17.25 40.37
N VAL G 81 -36.58 16.48 40.44
CA VAL G 81 -36.38 15.49 41.50
C VAL G 81 -35.16 15.88 42.33
N SER G 82 -35.41 16.28 43.58
CA SER G 82 -34.36 16.67 44.53
C SER G 82 -33.45 15.46 44.89
N PRO G 83 -32.25 15.73 45.41
CA PRO G 83 -31.34 14.64 45.81
C PRO G 83 -31.76 13.92 47.09
N SER G 84 -32.82 14.40 47.75
CA SER G 84 -33.36 13.76 48.96
C SER G 84 -34.59 12.88 48.65
N GLN G 85 -35.00 12.87 47.38
CA GLN G 85 -36.09 12.03 46.92
C GLN G 85 -35.56 10.75 46.27
N ILE G 86 -34.53 10.91 45.43
CA ILE G 86 -33.86 9.79 44.76
C ILE G 86 -33.35 8.79 45.80
N ARG G 87 -32.77 9.32 46.87
CA ARG G 87 -32.28 8.52 47.98
C ARG G 87 -33.39 7.70 48.64
N ARG G 88 -34.61 8.25 48.64
CA ARG G 88 -35.77 7.60 49.27
C ARG G 88 -36.14 6.27 48.59
N PHE G 89 -36.24 6.29 47.27
CA PHE G 89 -36.60 5.10 46.50
C PHE G 89 -35.40 4.53 45.74
N ASN G 90 -34.20 4.95 46.16
CA ASN G 90 -32.94 4.54 45.50
C ASN G 90 -33.06 4.50 43.97
N LEU G 91 -33.55 5.59 43.40
CA LEU G 91 -33.78 5.66 41.95
C LEU G 91 -32.48 5.86 41.16
N ARG G 92 -32.44 5.31 39.95
CA ARG G 92 -31.28 5.48 39.07
C ARG G 92 -31.73 6.00 37.70
N THR G 93 -30.85 6.75 37.05
CA THR G 93 -31.16 7.32 35.73
C THR G 93 -31.75 6.27 34.78
N GLY G 94 -32.80 6.68 34.06
CA GLY G 94 -33.53 5.76 33.20
C GLY G 94 -34.82 5.29 33.82
N ASP G 95 -35.21 5.94 34.91
CA ASP G 95 -36.41 5.57 35.63
C ASP G 95 -37.61 6.37 35.14
N THR G 96 -38.67 5.65 34.75
CA THR G 96 -39.97 6.26 34.47
C THR G 96 -40.68 6.57 35.79
N ILE G 97 -40.98 7.85 36.01
CA ILE G 97 -41.60 8.29 37.26
C ILE G 97 -42.94 8.99 36.98
N SER G 98 -44.00 8.47 37.61
CA SER G 98 -45.31 9.13 37.65
C SER G 98 -45.42 9.90 38.96
N GLY G 99 -46.61 10.45 39.23
CA GLY G 99 -46.88 11.14 40.48
C GLY G 99 -47.49 12.51 40.28
N LYS G 100 -47.93 13.12 41.36
CA LYS G 100 -48.53 14.45 41.30
C LYS G 100 -47.44 15.52 41.22
N ILE G 101 -47.81 16.68 40.68
CA ILE G 101 -46.86 17.79 40.53
C ILE G 101 -47.39 19.08 41.16
N ARG G 102 -46.47 19.96 41.54
CA ARG G 102 -46.82 21.24 42.17
C ARG G 102 -45.96 22.40 41.65
N PRO G 103 -46.57 23.58 41.47
CA PRO G 103 -45.87 24.74 40.90
C PRO G 103 -44.56 25.12 41.61
N PRO G 104 -43.67 25.82 40.90
CA PRO G 104 -42.44 26.33 41.50
C PRO G 104 -42.70 27.51 42.45
N LYS G 105 -42.23 27.37 43.69
CA LYS G 105 -42.32 28.45 44.68
C LYS G 105 -41.34 29.58 44.35
N GLU G 106 -41.85 30.62 43.69
CA GLU G 106 -41.07 31.79 43.28
C GLU G 106 -39.71 31.89 43.99
N GLY G 107 -38.65 31.62 43.24
CA GLY G 107 -37.34 31.36 43.81
C GLY G 107 -37.09 29.87 43.83
N GLU G 108 -37.49 29.20 42.75
CA GLU G 108 -37.40 27.75 42.60
C GLU G 108 -36.74 27.36 41.27
N ARG G 109 -36.85 26.08 40.90
CA ARG G 109 -36.24 25.57 39.69
C ARG G 109 -37.26 25.33 38.57
N TYR G 110 -38.15 24.37 38.79
CA TYR G 110 -39.18 24.02 37.81
C TYR G 110 -40.46 23.54 38.51
N PHE G 111 -41.44 23.11 37.70
CA PHE G 111 -42.57 22.30 38.19
C PHE G 111 -42.00 21.05 38.84
N ALA G 112 -42.02 21.00 40.17
CA ALA G 112 -41.38 19.89 40.88
C ALA G 112 -42.38 18.85 41.38
N LEU G 113 -41.86 17.79 41.98
CA LEU G 113 -42.66 16.61 42.33
C LEU G 113 -43.13 16.65 43.78
N LEU G 114 -44.31 16.09 44.01
CA LEU G 114 -44.83 15.89 45.37
C LEU G 114 -44.76 14.40 45.76
N LYS G 115 -45.85 13.67 45.55
CA LYS G 115 -45.93 12.27 45.95
C LYS G 115 -45.56 11.32 44.81
N VAL G 116 -44.44 10.63 44.97
CA VAL G 116 -43.93 9.68 43.98
C VAL G 116 -44.85 8.47 43.88
N ASN G 117 -45.65 8.42 42.82
CA ASN G 117 -46.73 7.44 42.72
C ASN G 117 -46.34 6.13 42.04
N GLU G 118 -45.62 6.23 40.93
CA GLU G 118 -45.22 5.05 40.19
C GLU G 118 -43.76 5.14 39.79
N VAL G 119 -43.01 4.08 40.06
CA VAL G 119 -41.64 3.96 39.56
C VAL G 119 -41.56 2.77 38.60
N ASN G 120 -41.72 3.07 37.32
CA ASN G 120 -41.72 2.06 36.25
C ASN G 120 -42.93 1.15 36.30
N PHE G 121 -44.11 1.74 36.10
CA PHE G 121 -45.37 1.01 36.02
C PHE G 121 -45.58 0.05 37.21
N ASP G 122 -45.32 0.55 38.43
CA ASP G 122 -45.41 -0.25 39.65
C ASP G 122 -45.71 0.61 40.88
N LYS G 123 -45.61 0.01 42.06
CA LYS G 123 -45.60 0.75 43.32
C LYS G 123 -44.14 1.10 43.67
N PRO G 124 -43.91 2.31 44.16
CA PRO G 124 -42.55 2.82 44.45
C PRO G 124 -41.75 1.98 45.46
N GLU G 125 -42.41 1.10 46.20
CA GLU G 125 -41.74 0.29 47.22
C GLU G 125 -40.99 -0.91 46.63
N ASN G 126 -40.90 -0.94 45.30
CA ASN G 126 -40.18 -2.00 44.59
C ASN G 126 -38.66 -1.77 44.56
N ASN G 129 -35.16 -4.96 43.44
CA ASN G 129 -34.83 -5.17 42.02
C ASN G 129 -33.34 -4.99 41.69
N LYS G 130 -32.76 -6.04 41.13
CA LYS G 130 -31.32 -6.12 40.85
C LYS G 130 -31.02 -5.45 39.51
N ILE G 131 -29.83 -4.86 39.37
CA ILE G 131 -29.47 -4.14 38.13
C ILE G 131 -29.18 -5.06 36.96
N LEU G 132 -29.47 -4.60 35.73
CA LEU G 132 -29.19 -5.38 34.53
C LEU G 132 -27.81 -6.03 34.66
N PHE G 133 -26.81 -5.20 34.93
CA PHE G 133 -25.39 -5.58 35.01
C PHE G 133 -25.12 -6.93 35.72
N GLU G 134 -25.97 -7.32 36.67
CA GLU G 134 -25.77 -8.58 37.38
C GLU G 134 -26.84 -9.62 37.17
N ASN G 135 -27.63 -9.43 36.12
CA ASN G 135 -28.43 -10.51 35.56
C ASN G 135 -27.55 -11.38 34.67
N LEU G 136 -27.90 -12.67 34.57
CA LEU G 136 -27.17 -13.60 33.73
C LEU G 136 -27.72 -13.61 32.30
N THR G 137 -26.97 -14.26 31.40
CA THR G 137 -27.14 -14.07 29.97
C THR G 137 -27.06 -15.36 29.15
N PRO G 138 -28.09 -16.21 29.18
CA PRO G 138 -28.21 -17.29 28.19
C PRO G 138 -28.08 -16.80 26.74
N LEU G 139 -27.78 -17.76 25.85
CA LEU G 139 -27.68 -17.54 24.42
C LEU G 139 -29.02 -17.15 23.84
N HIS G 140 -29.91 -16.68 24.69
CA HIS G 140 -30.93 -15.73 24.29
C HIS G 140 -31.63 -16.13 23.02
N ALA G 141 -31.80 -17.43 22.85
CA ALA G 141 -32.49 -17.91 21.71
C ALA G 141 -33.82 -18.54 22.10
N ASN G 142 -33.84 -19.28 23.21
CA ASN G 142 -35.07 -19.92 23.64
C ASN G 142 -36.31 -19.34 22.96
N SER G 143 -36.64 -18.07 23.24
CA SER G 143 -37.85 -17.42 22.71
C SER G 143 -37.66 -16.78 21.34
N ARG G 144 -38.51 -17.15 20.39
CA ARG G 144 -38.41 -16.65 19.01
C ARG G 144 -39.39 -15.55 18.70
N LEU G 145 -38.91 -14.46 18.10
CA LEU G 145 -39.79 -13.40 17.60
C LEU G 145 -40.01 -13.56 16.08
N ARG G 146 -41.13 -14.19 15.73
CA ARG G 146 -41.48 -14.46 14.33
C ARG G 146 -42.00 -13.20 13.62
N MET G 147 -41.87 -13.18 12.29
CA MET G 147 -42.45 -12.11 11.46
C MET G 147 -43.17 -12.68 10.22
N GLY G 152 -50.94 -11.82 4.77
CA GLY G 152 -50.82 -10.46 4.25
C GLY G 152 -50.50 -10.40 2.77
N SER G 153 -49.84 -9.32 2.35
CA SER G 153 -49.49 -9.09 0.95
C SER G 153 -47.97 -9.08 0.72
N THR G 154 -47.50 -8.15 -0.11
CA THR G 154 -46.08 -8.07 -0.50
C THR G 154 -45.18 -7.45 0.58
N GLU G 155 -45.78 -6.72 1.53
CA GLU G 155 -45.05 -6.20 2.68
C GLU G 155 -44.55 -7.33 3.57
N ASP G 156 -45.28 -8.43 3.58
CA ASP G 156 -44.90 -9.60 4.36
C ASP G 156 -43.77 -10.39 3.69
N LEU G 157 -43.44 -10.05 2.44
CA LEU G 157 -42.31 -10.67 1.74
C LEU G 157 -41.02 -10.38 2.48
N THR G 158 -40.73 -9.09 2.69
CA THR G 158 -39.64 -8.64 3.55
C THR G 158 -39.63 -9.42 4.87
N ALA G 159 -40.74 -9.34 5.59
CA ALA G 159 -40.88 -9.97 6.91
C ALA G 159 -40.74 -11.49 6.88
N ARG G 160 -40.87 -12.08 5.69
CA ARG G 160 -40.78 -13.53 5.54
C ARG G 160 -39.39 -13.98 5.11
N VAL G 161 -38.78 -13.27 4.16
CA VAL G 161 -37.38 -13.52 3.81
C VAL G 161 -36.55 -13.37 5.07
N LEU G 162 -36.92 -12.37 5.88
CA LEU G 162 -36.30 -12.15 7.17
C LEU G 162 -36.35 -13.39 8.04
N ASP G 163 -37.54 -13.96 8.18
CA ASP G 163 -37.76 -15.09 9.05
C ASP G 163 -36.99 -16.33 8.63
N LEU G 164 -36.70 -16.43 7.34
CA LEU G 164 -36.04 -17.62 6.78
C LEU G 164 -34.54 -17.45 6.69
N ALA G 165 -34.07 -16.21 6.58
CA ALA G 165 -32.65 -15.92 6.44
C ALA G 165 -31.97 -15.70 7.78
N SER G 166 -32.62 -14.94 8.66
CA SER G 166 -31.98 -14.48 9.88
C SER G 166 -32.95 -14.31 11.05
N PRO G 167 -33.53 -15.40 11.54
CA PRO G 167 -34.51 -15.32 12.62
C PRO G 167 -34.02 -14.44 13.76
N ILE G 168 -34.89 -13.57 14.23
CA ILE G 168 -34.64 -12.74 15.41
C ILE G 168 -35.43 -13.33 16.58
N GLY G 169 -34.82 -13.37 17.76
CA GLY G 169 -35.49 -13.84 18.97
C GLY G 169 -35.19 -13.03 20.21
N ARG G 170 -36.06 -13.14 21.21
CA ARG G 170 -35.97 -12.33 22.43
C ARG G 170 -34.56 -12.29 23.05
N GLY G 171 -33.88 -11.15 22.87
CA GLY G 171 -32.58 -10.92 23.48
C GLY G 171 -31.44 -10.85 22.47
N GLN G 172 -31.79 -10.74 21.18
CA GLN G 172 -30.81 -10.79 20.11
C GLN G 172 -29.95 -9.54 20.05
N ARG G 173 -28.70 -9.73 19.65
CA ARG G 173 -27.88 -8.63 19.17
C ARG G 173 -27.83 -8.71 17.66
N GLY G 174 -28.66 -7.89 17.03
CA GLY G 174 -28.79 -7.94 15.59
C GLY G 174 -28.07 -6.82 14.89
N LEU G 175 -27.45 -7.14 13.76
CA LEU G 175 -26.78 -6.13 12.97
C LEU G 175 -27.25 -6.17 11.51
N ILE G 176 -27.81 -5.07 11.02
CA ILE G 176 -28.16 -5.00 9.60
C ILE G 176 -27.09 -4.21 8.87
N VAL G 177 -26.28 -4.92 8.08
CA VAL G 177 -25.24 -4.31 7.27
C VAL G 177 -25.91 -3.67 6.07
N ALA G 178 -25.75 -2.37 5.89
CA ALA G 178 -26.46 -1.66 4.83
C ALA G 178 -25.56 -0.75 4.00
N PRO G 179 -25.56 -0.96 2.69
CA PRO G 179 -25.04 0.03 1.74
C PRO G 179 -26.08 1.10 1.54
N PRO G 180 -25.76 2.20 0.89
CA PRO G 180 -26.76 3.26 0.65
C PRO G 180 -27.86 2.80 -0.35
N LYS G 181 -29.08 3.33 -0.19
CA LYS G 181 -30.21 2.99 -1.06
C LYS G 181 -30.40 1.46 -1.22
N ALA G 182 -30.72 0.79 -0.12
CA ALA G 182 -30.81 -0.66 -0.13
C ALA G 182 -32.03 -1.17 0.63
N GLY G 183 -32.77 -0.22 1.21
CA GLY G 183 -34.04 -0.52 1.86
C GLY G 183 -33.97 -0.46 3.37
N LYS G 184 -32.84 -0.06 3.90
CA LYS G 184 -32.67 0.02 5.35
C LYS G 184 -33.92 0.53 6.09
N THR G 185 -34.40 1.73 5.72
CA THR G 185 -35.48 2.40 6.45
C THR G 185 -36.84 1.70 6.37
N MET G 186 -37.18 1.20 5.18
CA MET G 186 -38.41 0.45 5.05
C MET G 186 -38.30 -0.94 5.70
N LEU G 187 -37.15 -1.59 5.53
CA LEU G 187 -36.89 -2.85 6.21
C LEU G 187 -37.00 -2.65 7.72
N LEU G 188 -36.47 -1.54 8.19
CA LEU G 188 -36.64 -1.15 9.58
C LEU G 188 -38.11 -0.95 9.94
N GLN G 189 -38.85 -0.26 9.06
CA GLN G 189 -40.28 0.00 9.25
C GLN G 189 -41.08 -1.29 9.30
N ASN G 190 -40.65 -2.26 8.48
CA ASN G 190 -41.26 -3.57 8.39
C ASN G 190 -41.14 -4.39 9.66
N ILE G 191 -39.99 -4.27 10.34
CA ILE G 191 -39.79 -4.96 11.61
C ILE G 191 -40.61 -4.27 12.70
N ALA G 192 -40.59 -2.94 12.71
CA ALA G 192 -41.42 -2.15 13.60
C ALA G 192 -42.92 -2.52 13.51
N GLN G 193 -43.37 -2.85 12.31
CA GLN G 193 -44.75 -3.24 12.10
C GLN G 193 -44.95 -4.66 12.55
N SER G 194 -44.07 -5.54 12.09
CA SER G 194 -44.10 -6.95 12.47
C SER G 194 -44.12 -7.09 13.98
N ILE G 195 -43.41 -6.20 14.68
CA ILE G 195 -43.32 -6.25 16.13
C ILE G 195 -44.59 -5.73 16.81
N ALA G 196 -45.21 -4.72 16.21
CA ALA G 196 -46.45 -4.13 16.73
C ALA G 196 -47.64 -5.09 16.60
N TYR G 197 -47.81 -5.67 15.40
CA TYR G 197 -48.83 -6.68 15.16
C TYR G 197 -48.58 -7.95 15.98
N ASN G 198 -47.36 -8.47 15.92
CA ASN G 198 -47.06 -9.79 16.43
C ASN G 198 -46.78 -9.87 17.92
N HIS G 199 -46.10 -8.85 18.45
CA HIS G 199 -45.65 -8.91 19.84
C HIS G 199 -45.91 -7.62 20.60
N PRO G 200 -47.18 -7.29 20.80
CA PRO G 200 -47.57 -6.04 21.45
C PRO G 200 -47.08 -6.06 22.89
N ASP G 201 -46.77 -7.25 23.37
CA ASP G 201 -46.35 -7.47 24.75
C ASP G 201 -44.98 -6.89 25.00
N CYS G 202 -44.10 -7.00 24.00
CA CYS G 202 -42.76 -6.44 24.05
C CYS G 202 -42.80 -4.91 23.99
N VAL G 203 -41.97 -4.26 24.82
CA VAL G 203 -41.78 -2.82 24.76
C VAL G 203 -40.89 -2.51 23.57
N LEU G 204 -41.39 -1.72 22.63
CA LEU G 204 -40.61 -1.40 21.43
C LEU G 204 -40.16 0.06 21.40
N MET G 205 -38.84 0.26 21.40
CA MET G 205 -38.27 1.58 21.24
C MET G 205 -37.45 1.61 19.95
N VAL G 206 -37.74 2.58 19.09
CA VAL G 206 -36.93 2.79 17.90
C VAL G 206 -36.09 4.04 18.12
N LEU G 207 -34.80 3.92 17.83
CA LEU G 207 -33.83 4.96 18.13
C LEU G 207 -33.09 5.35 16.86
N LEU G 208 -33.18 6.64 16.50
CA LEU G 208 -32.54 7.13 15.28
C LEU G 208 -31.57 8.26 15.61
N ILE G 209 -30.37 8.20 15.04
CA ILE G 209 -29.29 9.09 15.46
C ILE G 209 -29.01 10.32 14.58
N ASP G 210 -28.34 10.18 13.45
CA ASP G 210 -28.07 11.38 12.67
C ASP G 210 -29.17 11.65 11.65
N GLU G 211 -30.37 11.16 11.94
CA GLU G 211 -31.45 11.14 10.95
C GLU G 211 -31.86 12.53 10.48
N ARG G 212 -32.38 12.60 9.26
CA ARG G 212 -32.94 13.82 8.69
C ARG G 212 -34.31 14.10 9.33
N PRO G 213 -34.63 15.37 9.58
CA PRO G 213 -35.89 15.73 10.23
C PRO G 213 -37.11 15.03 9.62
N GLU G 214 -37.36 15.22 8.34
CA GLU G 214 -38.55 14.65 7.72
C GLU G 214 -38.61 13.15 7.97
N GLU G 215 -37.45 12.51 7.97
CA GLU G 215 -37.31 11.08 8.18
C GLU G 215 -37.77 10.67 9.58
N VAL G 216 -37.54 11.54 10.57
CA VAL G 216 -37.98 11.29 11.94
C VAL G 216 -39.49 11.12 12.02
N THR G 217 -40.23 12.06 11.43
CA THR G 217 -41.66 12.06 11.60
C THR G 217 -42.34 10.93 10.84
N GLU G 218 -41.83 10.64 9.65
CA GLU G 218 -42.32 9.46 8.95
C GLU G 218 -42.15 8.20 9.81
N MET G 219 -41.12 8.19 10.65
CA MET G 219 -40.97 7.11 11.64
C MET G 219 -41.97 7.30 12.79
N GLN G 220 -41.95 8.48 13.40
CA GLN G 220 -42.86 8.81 14.49
C GLN G 220 -44.31 8.39 14.19
N ARG G 221 -44.69 8.50 12.92
CA ARG G 221 -46.06 8.25 12.48
C ARG G 221 -46.37 6.79 12.14
N LEU G 222 -45.34 6.00 11.83
CA LEU G 222 -45.58 4.59 11.55
C LEU G 222 -45.44 3.75 12.82
N VAL G 223 -44.25 3.73 13.40
CA VAL G 223 -43.96 2.90 14.58
C VAL G 223 -45.00 2.98 15.68
N LYS G 224 -45.54 1.82 16.07
CA LYS G 224 -46.39 1.74 17.25
C LYS G 224 -45.50 1.39 18.44
N GLY G 225 -44.99 2.42 19.10
CA GLY G 225 -44.09 2.26 20.23
C GLY G 225 -43.46 3.57 20.67
N GLU G 226 -42.16 3.53 20.94
CA GLU G 226 -41.41 4.70 21.40
C GLU G 226 -40.34 5.07 20.39
N VAL G 227 -40.50 6.20 19.74
CA VAL G 227 -39.52 6.64 18.76
C VAL G 227 -38.72 7.81 19.28
N VAL G 228 -37.45 7.57 19.52
CA VAL G 228 -36.57 8.57 20.07
C VAL G 228 -35.51 8.89 19.03
N ALA G 229 -35.40 10.15 18.66
CA ALA G 229 -34.61 10.57 17.51
C ALA G 229 -33.80 11.80 17.83
N SER G 230 -32.52 11.79 17.46
CA SER G 230 -31.78 13.04 17.32
C SER G 230 -31.54 13.28 15.84
N THR G 231 -31.32 14.52 15.43
CA THR G 231 -31.22 14.81 14.00
C THR G 231 -29.83 15.26 13.62
N PHE G 232 -29.49 15.13 12.34
CA PHE G 232 -28.17 15.52 11.89
C PHE G 232 -27.92 16.96 12.31
N ASP G 233 -29.01 17.62 12.66
CA ASP G 233 -29.06 18.98 13.21
C ASP G 233 -28.24 19.21 14.48
N GLU G 234 -28.27 18.25 15.39
CA GLU G 234 -27.95 18.51 16.78
C GLU G 234 -26.52 18.07 17.11
N PRO G 235 -25.97 18.55 18.23
CA PRO G 235 -24.62 18.16 18.66
C PRO G 235 -24.45 16.66 18.85
N ALA G 236 -23.21 16.19 18.72
CA ALA G 236 -22.85 14.78 18.94
C ALA G 236 -23.28 14.39 20.34
N SER G 237 -23.27 15.38 21.23
CA SER G 237 -23.68 15.21 22.62
C SER G 237 -25.16 14.83 22.71
N ARG G 238 -25.93 15.34 21.77
CA ARG G 238 -27.36 15.08 21.73
C ARG G 238 -27.62 13.66 21.28
N HIS G 239 -26.84 13.21 20.30
CA HIS G 239 -26.87 11.81 19.84
C HIS G 239 -26.59 10.84 20.97
N VAL G 240 -25.55 11.14 21.75
CA VAL G 240 -25.12 10.26 22.82
C VAL G 240 -26.14 10.25 23.95
N GLN G 241 -26.59 11.44 24.35
CA GLN G 241 -27.59 11.62 25.40
C GLN G 241 -28.85 10.83 25.11
N VAL G 242 -29.37 10.99 23.90
CA VAL G 242 -30.59 10.33 23.52
C VAL G 242 -30.42 8.83 23.64
N ALA G 243 -29.31 8.32 23.11
CA ALA G 243 -29.04 6.89 23.12
C ALA G 243 -28.99 6.40 24.54
N GLU G 244 -28.30 7.14 25.40
CA GLU G 244 -28.05 6.67 26.74
C GLU G 244 -29.29 6.65 27.63
N MET G 245 -30.23 7.53 27.33
CA MET G 245 -31.54 7.50 27.96
C MET G 245 -32.25 6.23 27.54
N VAL G 246 -32.14 5.87 26.27
CA VAL G 246 -32.86 4.71 25.77
C VAL G 246 -32.33 3.44 26.40
N ILE G 247 -31.01 3.24 26.38
CA ILE G 247 -30.43 2.00 26.87
C ILE G 247 -30.67 1.87 28.36
N GLU G 248 -30.58 2.99 29.06
CA GLU G 248 -30.84 3.02 30.49
C GLU G 248 -32.30 2.69 30.82
N LYS G 249 -33.24 3.42 30.23
CA LYS G 249 -34.65 3.11 30.43
C LYS G 249 -34.90 1.65 30.10
N ALA G 250 -34.36 1.18 28.96
CA ALA G 250 -34.51 -0.21 28.55
C ALA G 250 -34.01 -1.13 29.64
N LYS G 251 -32.84 -0.81 30.18
CA LYS G 251 -32.25 -1.61 31.25
C LYS G 251 -33.12 -1.60 32.49
N ARG G 252 -33.79 -0.47 32.74
CA ARG G 252 -34.66 -0.34 33.89
C ARG G 252 -35.89 -1.23 33.75
N LEU G 253 -36.37 -1.38 32.52
CA LEU G 253 -37.56 -2.19 32.27
C LEU G 253 -37.28 -3.69 32.30
N VAL G 254 -36.13 -4.10 31.75
CA VAL G 254 -35.73 -5.51 31.80
C VAL G 254 -35.54 -5.96 33.25
N GLU G 255 -35.17 -4.99 34.10
CA GLU G 255 -35.00 -5.22 35.53
C GLU G 255 -36.33 -5.51 36.20
N HIS G 256 -37.42 -5.07 35.57
CA HIS G 256 -38.76 -5.45 35.99
C HIS G 256 -39.26 -6.64 35.16
N LYS G 257 -38.31 -7.42 34.64
CA LYS G 257 -38.60 -8.64 33.87
C LYS G 257 -39.45 -8.40 32.63
N LYS G 258 -39.14 -7.34 31.88
CA LYS G 258 -39.84 -7.01 30.65
C LYS G 258 -39.01 -7.29 29.41
N ASP G 259 -39.67 -7.64 28.32
CA ASP G 259 -39.01 -7.81 27.02
C ASP G 259 -38.99 -6.48 26.23
N VAL G 260 -37.81 -5.85 26.20
CA VAL G 260 -37.62 -4.58 25.50
C VAL G 260 -36.95 -4.81 24.15
N ILE G 261 -37.47 -4.20 23.08
CA ILE G 261 -36.77 -4.20 21.78
C ILE G 261 -36.33 -2.79 21.33
N ILE G 262 -35.03 -2.64 21.03
CA ILE G 262 -34.51 -1.40 20.46
C ILE G 262 -34.06 -1.60 19.01
N LEU G 263 -34.74 -0.94 18.08
CA LEU G 263 -34.26 -0.89 16.70
C LEU G 263 -33.40 0.34 16.53
N LEU G 264 -32.12 0.15 16.24
CA LEU G 264 -31.22 1.30 16.12
C LEU G 264 -30.84 1.62 14.67
N ASP G 265 -31.23 2.81 14.22
CA ASP G 265 -30.66 3.28 12.98
C ASP G 265 -29.24 3.81 13.13
N SER G 266 -28.35 3.03 12.52
CA SER G 266 -26.89 3.12 12.61
C SER G 266 -26.31 3.06 14.00
N ILE G 267 -25.74 1.91 14.30
CA ILE G 267 -24.73 1.80 15.33
C ILE G 267 -23.59 2.69 14.93
N THR G 268 -23.37 2.86 13.62
CA THR G 268 -22.24 3.67 13.20
C THR G 268 -22.40 5.18 13.48
N ARG G 269 -23.61 5.73 13.26
CA ARG G 269 -23.83 7.14 13.59
C ARG G 269 -23.63 7.39 15.09
N LEU G 270 -24.14 6.47 15.92
CA LEU G 270 -23.89 6.50 17.36
C LEU G 270 -22.40 6.44 17.66
N ALA G 271 -21.71 5.50 17.01
CA ALA G 271 -20.26 5.37 17.18
C ALA G 271 -19.56 6.70 16.91
N ARG G 272 -19.92 7.34 15.80
CA ARG G 272 -19.33 8.63 15.42
C ARG G 272 -19.56 9.69 16.49
N ALA G 273 -20.80 9.81 16.97
CA ALA G 273 -21.12 10.77 18.03
C ALA G 273 -20.22 10.54 19.22
N TYR G 274 -20.10 9.29 19.65
CA TYR G 274 -19.23 8.96 20.75
C TYR G 274 -17.80 9.30 20.44
N ASN G 275 -17.43 9.21 19.16
CA ASN G 275 -16.05 9.36 18.74
C ASN G 275 -15.59 10.79 18.75
N THR G 276 -16.54 11.72 18.75
CA THR G 276 -16.17 13.14 18.84
C THR G 276 -16.35 13.68 20.25
N VAL G 277 -17.14 12.98 21.06
CA VAL G 277 -17.42 13.38 22.43
C VAL G 277 -16.36 12.81 23.40
N VAL G 278 -15.98 11.55 23.21
CA VAL G 278 -14.94 10.94 24.03
C VAL G 278 -13.58 11.56 23.73
N PRO G 279 -12.92 12.10 24.76
CA PRO G 279 -11.63 12.80 24.58
C PRO G 279 -10.57 11.85 24.02
N ALA G 280 -9.59 12.42 23.31
CA ALA G 280 -8.57 11.67 22.59
C ALA G 280 -7.95 10.51 23.41
N VAL G 284 -3.97 7.08 19.95
CA VAL G 284 -4.32 5.79 19.35
C VAL G 284 -5.54 5.87 18.42
N LEU G 285 -5.35 6.47 17.25
CA LEU G 285 -6.41 6.58 16.23
C LEU G 285 -6.23 5.50 15.16
N THR G 286 -7.29 4.72 14.92
CA THR G 286 -7.23 3.70 13.87
C THR G 286 -7.40 4.25 12.44
N GLY G 287 -8.17 5.33 12.27
CA GLY G 287 -8.37 5.94 10.97
C GLY G 287 -9.50 6.96 10.95
N GLY G 288 -9.39 7.95 11.82
CA GLY G 288 -10.50 8.81 12.14
C GLY G 288 -11.04 8.49 13.53
N VAL G 289 -11.27 7.20 13.79
CA VAL G 289 -11.84 6.75 15.07
C VAL G 289 -10.78 6.44 16.14
N ASP G 290 -10.95 7.08 17.29
CA ASP G 290 -10.15 6.80 18.47
C ASP G 290 -10.56 5.44 18.99
N ALA G 291 -9.57 4.56 19.17
CA ALA G 291 -9.81 3.19 19.61
C ALA G 291 -10.68 3.12 20.86
N ASN G 292 -10.24 3.80 21.91
CA ASN G 292 -10.96 3.80 23.18
C ASN G 292 -12.35 4.49 23.11
N ALA G 293 -12.60 5.23 22.02
CA ALA G 293 -13.92 5.88 21.82
C ALA G 293 -15.02 4.87 21.61
N LEU G 294 -14.69 3.74 20.98
CA LEU G 294 -15.65 2.71 20.60
C LEU G 294 -16.29 1.95 21.78
N HIS G 295 -15.66 2.04 22.96
CA HIS G 295 -16.06 1.29 24.13
C HIS G 295 -17.54 1.43 24.39
N ARG G 296 -17.97 2.68 24.55
CA ARG G 296 -19.37 3.01 24.84
C ARG G 296 -20.38 2.46 23.81
N PRO G 297 -20.19 2.72 22.51
CA PRO G 297 -21.03 2.07 21.50
C PRO G 297 -21.04 0.55 21.68
N LYS G 298 -19.93 -0.03 22.15
CA LYS G 298 -19.87 -1.47 22.29
C LYS G 298 -20.67 -1.86 23.52
N ARG G 299 -20.52 -1.06 24.57
CA ARG G 299 -21.33 -1.19 25.77
C ARG G 299 -22.80 -1.22 25.41
N PHE G 300 -23.22 -0.29 24.55
CA PHE G 300 -24.63 -0.13 24.17
C PHE G 300 -25.14 -1.36 23.47
N PHE G 301 -24.40 -1.82 22.47
CA PHE G 301 -24.70 -3.08 21.79
C PHE G 301 -24.58 -4.29 22.73
N GLY G 302 -23.60 -4.26 23.63
CA GLY G 302 -23.37 -5.37 24.53
C GLY G 302 -24.54 -5.61 25.48
N ALA G 303 -25.33 -4.56 25.72
CA ALA G 303 -26.49 -4.68 26.58
C ALA G 303 -27.43 -5.72 26.00
N ALA G 304 -27.56 -5.76 24.67
CA ALA G 304 -28.37 -6.78 24.03
C ALA G 304 -28.10 -8.17 24.62
N ARG G 305 -29.08 -8.69 25.32
CA ARG G 305 -28.94 -9.99 25.93
C ARG G 305 -30.32 -10.55 26.21
N ASN G 306 -30.41 -11.85 26.41
CA ASN G 306 -31.59 -12.37 27.04
C ASN G 306 -31.24 -12.85 28.41
N VAL G 307 -32.06 -12.45 29.36
CA VAL G 307 -31.77 -12.68 30.76
C VAL G 307 -32.31 -14.02 31.22
N GLU G 308 -31.46 -14.80 31.87
CA GLU G 308 -31.92 -16.03 32.51
C GLU G 308 -33.15 -15.78 33.37
N GLU G 309 -33.08 -14.74 34.20
CA GLU G 309 -34.04 -14.58 35.30
C GLU G 309 -35.27 -13.70 34.97
N GLY G 310 -35.65 -13.67 33.69
CA GLY G 310 -36.88 -13.01 33.28
C GLY G 310 -36.65 -11.82 32.39
N GLY G 311 -37.25 -11.85 31.20
CA GLY G 311 -37.17 -10.76 30.25
C GLY G 311 -35.92 -10.79 29.38
N SER G 312 -35.85 -9.89 28.42
CA SER G 312 -34.71 -9.79 27.52
C SER G 312 -34.62 -8.40 26.93
N LEU G 313 -33.38 -7.92 26.74
CA LEU G 313 -33.14 -6.69 25.99
C LEU G 313 -32.58 -7.06 24.63
N THR G 314 -33.43 -6.99 23.61
CA THR G 314 -33.00 -7.27 22.24
C THR G 314 -32.71 -5.96 21.52
N ILE G 315 -31.62 -5.93 20.74
CA ILE G 315 -31.25 -4.74 19.97
C ILE G 315 -30.95 -5.06 18.53
N ILE G 316 -31.71 -4.50 17.60
CA ILE G 316 -31.38 -4.61 16.18
C ILE G 316 -30.78 -3.27 15.73
N ALA G 317 -29.53 -3.29 15.26
CA ALA G 317 -28.89 -2.06 14.84
C ALA G 317 -28.35 -2.12 13.41
N THR G 318 -28.34 -0.99 12.72
CA THR G 318 -27.78 -1.00 11.38
C THR G 318 -26.36 -0.49 11.35
N ALA G 319 -25.51 -1.24 10.67
CA ALA G 319 -24.16 -0.83 10.40
C ALA G 319 -24.13 -0.40 8.96
N LEU G 320 -23.83 0.88 8.74
CA LEU G 320 -23.82 1.48 7.40
C LEU G 320 -22.51 1.17 6.71
N ILE G 321 -22.60 0.73 5.46
CA ILE G 321 -21.44 0.34 4.67
C ILE G 321 -21.36 1.07 3.31
N ASP G 322 -20.18 1.01 2.69
CA ASP G 322 -19.93 1.56 1.35
C ASP G 322 -20.39 2.99 1.28
N THR G 323 -20.09 3.73 2.34
CA THR G 323 -20.44 5.13 2.43
C THR G 323 -19.32 5.93 1.80
N GLY G 324 -18.20 5.25 1.57
CA GLY G 324 -16.97 5.92 1.18
C GLY G 324 -16.44 6.76 2.32
N SER G 325 -16.64 6.26 3.55
CA SER G 325 -16.05 6.86 4.74
C SER G 325 -15.20 5.79 5.44
N LYS G 326 -13.91 6.07 5.60
CA LYS G 326 -13.01 5.09 6.18
C LYS G 326 -13.45 4.81 7.60
N MET G 327 -13.68 5.87 8.36
CA MET G 327 -14.07 5.75 9.75
C MET G 327 -15.44 5.05 9.93
N ASP G 328 -16.29 5.11 8.92
CA ASP G 328 -17.50 4.30 8.88
C ASP G 328 -17.11 2.85 8.74
N GLU G 329 -16.06 2.59 7.96
CA GLU G 329 -15.61 1.22 7.70
C GLU G 329 -14.85 0.62 8.87
N VAL G 330 -14.07 1.43 9.58
CA VAL G 330 -13.41 0.98 10.79
C VAL G 330 -14.47 0.51 11.78
N ILE G 331 -15.41 1.40 12.12
CA ILE G 331 -16.54 1.09 13.01
C ILE G 331 -17.12 -0.30 12.70
N TYR G 332 -17.42 -0.53 11.44
CA TYR G 332 -18.03 -1.77 11.02
C TYR G 332 -17.14 -2.98 11.30
N GLU G 333 -15.85 -2.82 11.03
CA GLU G 333 -14.87 -3.89 11.26
C GLU G 333 -14.82 -4.21 12.74
N GLU G 334 -14.81 -3.17 13.55
CA GLU G 334 -14.79 -3.30 15.00
C GLU G 334 -16.02 -3.97 15.61
N PHE G 335 -17.15 -3.90 14.92
CA PHE G 335 -18.35 -4.57 15.37
C PHE G 335 -18.52 -5.95 14.75
N LYS G 336 -17.53 -6.36 13.98
CA LYS G 336 -17.53 -7.68 13.36
C LYS G 336 -17.35 -8.68 14.48
N GLY G 337 -18.25 -9.66 14.57
CA GLY G 337 -18.17 -10.67 15.60
C GLY G 337 -18.85 -10.35 16.94
N THR G 338 -19.44 -9.15 17.06
CA THR G 338 -20.11 -8.77 18.31
C THR G 338 -21.57 -9.24 18.40
N GLY G 339 -22.27 -9.28 17.25
CA GLY G 339 -23.67 -9.66 17.21
C GLY G 339 -23.91 -11.15 17.10
N ASN G 340 -25.15 -11.57 17.21
CA ASN G 340 -25.50 -12.99 17.05
C ASN G 340 -26.44 -13.24 15.86
N MET G 341 -27.01 -12.17 15.33
CA MET G 341 -27.63 -12.22 14.02
C MET G 341 -26.94 -11.22 13.11
N GLU G 342 -27.13 -11.36 11.81
CA GLU G 342 -26.78 -10.31 10.86
C GLU G 342 -27.62 -10.43 9.61
N LEU G 343 -28.01 -9.28 9.06
CA LEU G 343 -28.72 -9.25 7.81
C LEU G 343 -27.98 -8.34 6.87
N HIS G 344 -27.52 -8.87 5.74
CA HIS G 344 -26.84 -8.04 4.76
C HIS G 344 -27.79 -7.52 3.71
N LEU G 345 -27.70 -6.22 3.44
CA LEU G 345 -28.41 -5.62 2.31
C LEU G 345 -27.42 -5.42 1.17
N SER G 346 -27.93 -5.44 -0.06
CA SER G 346 -27.06 -5.37 -1.23
C SER G 346 -27.43 -4.25 -2.20
N ARG G 347 -26.43 -3.52 -2.68
CA ARG G 347 -26.64 -2.53 -3.73
C ARG G 347 -27.22 -3.19 -4.98
N LYS G 348 -26.53 -4.22 -5.45
CA LYS G 348 -26.90 -4.94 -6.67
C LYS G 348 -28.38 -5.32 -6.70
N ILE G 349 -28.86 -5.94 -5.62
CA ILE G 349 -30.25 -6.39 -5.56
C ILE G 349 -31.20 -5.19 -5.58
N ALA G 350 -30.87 -4.16 -4.80
CA ALA G 350 -31.66 -2.95 -4.74
C ALA G 350 -31.63 -2.16 -6.05
N GLU G 351 -30.47 -2.16 -6.71
CA GLU G 351 -30.28 -1.42 -7.96
C GLU G 351 -31.18 -1.90 -9.10
N LYS G 352 -31.34 -3.22 -9.20
CA LYS G 352 -32.25 -3.82 -10.19
C LYS G 352 -33.72 -3.59 -9.81
N ARG G 353 -33.97 -2.63 -8.93
CA ARG G 353 -35.32 -2.30 -8.44
C ARG G 353 -36.00 -3.47 -7.70
N VAL G 354 -35.23 -4.54 -7.48
CA VAL G 354 -35.74 -5.73 -6.81
C VAL G 354 -35.58 -5.62 -5.30
N PHE G 355 -36.67 -5.83 -4.57
CA PHE G 355 -36.62 -5.60 -3.14
C PHE G 355 -36.44 -6.88 -2.31
N PRO G 356 -36.78 -6.85 -1.02
CA PRO G 356 -35.84 -7.20 0.03
C PRO G 356 -34.42 -7.42 -0.49
N ALA G 357 -33.64 -6.35 -0.49
CA ALA G 357 -32.26 -6.37 -1.00
C ALA G 357 -31.36 -7.18 -0.07
N ILE G 358 -31.91 -8.28 0.43
CA ILE G 358 -31.20 -9.22 1.29
C ILE G 358 -30.29 -10.12 0.47
N ASP G 359 -29.02 -10.19 0.86
CA ASP G 359 -28.09 -11.21 0.38
C ASP G 359 -28.21 -12.41 1.32
N TYR G 360 -29.05 -13.37 0.93
CA TYR G 360 -29.36 -14.53 1.73
C TYR G 360 -28.11 -15.22 2.27
N ASN G 361 -27.11 -15.41 1.41
CA ASN G 361 -25.97 -16.26 1.73
C ASN G 361 -25.10 -15.76 2.88
N ARG G 362 -24.90 -14.44 2.92
CA ARG G 362 -24.09 -13.82 3.96
C ARG G 362 -24.92 -13.50 5.20
N SER G 363 -26.24 -13.67 5.09
CA SER G 363 -27.13 -13.50 6.22
C SER G 363 -27.14 -14.72 7.13
N GLY G 364 -27.88 -14.65 8.23
CA GLY G 364 -28.07 -15.79 9.11
C GLY G 364 -27.78 -15.53 10.57
N THR G 365 -28.31 -16.38 11.45
CA THR G 365 -28.12 -16.18 12.89
C THR G 365 -27.51 -17.36 13.67
N ARG G 366 -26.68 -17.01 14.67
CA ARG G 366 -26.05 -17.95 15.59
C ARG G 366 -27.07 -18.67 16.45
N LYS G 367 -26.78 -19.93 16.75
CA LYS G 367 -27.65 -20.76 17.57
C LYS G 367 -29.11 -20.66 17.10
N GLU G 368 -29.27 -20.73 15.78
CA GLU G 368 -30.56 -20.88 15.12
C GLU G 368 -31.43 -21.94 15.79
N GLU G 369 -30.80 -23.08 16.11
CA GLU G 369 -31.49 -24.25 16.65
C GLU G 369 -32.20 -24.01 18.01
N LEU G 370 -32.15 -22.76 18.48
CA LEU G 370 -32.86 -22.38 19.70
C LEU G 370 -33.99 -21.39 19.39
N LEU G 371 -34.12 -21.03 18.12
CA LEU G 371 -35.13 -20.08 17.66
C LEU G 371 -36.07 -20.67 16.62
N THR G 372 -35.82 -21.93 16.23
CA THR G 372 -36.66 -22.61 15.24
C THR G 372 -36.86 -24.07 15.62
N THR G 373 -38.09 -24.57 15.42
CA THR G 373 -38.45 -25.96 15.74
C THR G 373 -37.66 -26.96 14.89
N GLN G 374 -37.54 -28.20 15.39
CA GLN G 374 -36.69 -29.23 14.79
C GLN G 374 -36.94 -29.42 13.29
N GLU G 375 -38.21 -29.40 12.90
CA GLU G 375 -38.61 -29.43 11.49
C GLU G 375 -38.20 -28.14 10.80
N GLU G 376 -38.65 -27.00 11.35
CA GLU G 376 -38.38 -25.68 10.79
C GLU G 376 -36.93 -25.49 10.36
N LEU G 377 -36.01 -25.68 11.31
CA LEU G 377 -34.58 -25.52 11.04
C LEU G 377 -34.14 -26.36 9.85
N GLN G 378 -34.50 -27.65 9.88
CA GLN G 378 -34.16 -28.58 8.80
C GLN G 378 -34.79 -28.13 7.48
N LYS G 379 -36.02 -27.67 7.55
CA LYS G 379 -36.71 -27.13 6.39
C LYS G 379 -35.83 -26.07 5.73
N MET G 380 -35.44 -25.04 6.50
CA MET G 380 -34.64 -23.93 5.96
C MET G 380 -33.22 -24.33 5.60
N TRP G 381 -32.66 -25.28 6.35
CA TRP G 381 -31.33 -25.81 6.04
C TRP G 381 -31.29 -26.26 4.58
N ILE G 382 -32.29 -27.03 4.16
CA ILE G 382 -32.39 -27.48 2.77
C ILE G 382 -32.57 -26.27 1.86
N LEU G 383 -33.41 -25.33 2.27
CA LEU G 383 -33.61 -24.08 1.53
C LEU G 383 -32.29 -23.34 1.32
N ARG G 384 -31.43 -23.35 2.33
CA ARG G 384 -30.13 -22.70 2.24
C ARG G 384 -29.20 -23.44 1.28
N LYS G 385 -29.31 -24.77 1.26
CA LYS G 385 -28.44 -25.61 0.44
C LYS G 385 -28.61 -25.34 -1.04
N ILE G 386 -29.85 -25.03 -1.44
CA ILE G 386 -30.19 -24.82 -2.85
C ILE G 386 -29.86 -23.42 -3.36
N ILE G 387 -29.93 -22.42 -2.47
CA ILE G 387 -29.70 -21.02 -2.87
C ILE G 387 -28.21 -20.61 -2.85
N HIS G 388 -27.35 -21.51 -2.38
CA HIS G 388 -25.92 -21.21 -2.21
C HIS G 388 -25.18 -20.73 -3.48
N PRO G 389 -25.19 -21.54 -4.56
CA PRO G 389 -24.38 -21.22 -5.73
C PRO G 389 -24.94 -20.05 -6.54
N MET G 390 -26.17 -19.65 -6.23
CA MET G 390 -26.81 -18.53 -6.89
C MET G 390 -26.11 -17.22 -6.56
N GLY G 391 -25.93 -16.38 -7.58
CA GLY G 391 -25.45 -15.03 -7.39
C GLY G 391 -26.44 -14.19 -6.58
N GLU G 392 -26.03 -12.96 -6.26
CA GLU G 392 -26.82 -12.11 -5.38
C GLU G 392 -28.25 -11.86 -5.89
N ILE G 393 -28.35 -11.43 -7.13
CA ILE G 393 -29.63 -11.07 -7.75
C ILE G 393 -30.48 -12.30 -8.02
N ASP G 394 -29.83 -13.34 -8.55
CA ASP G 394 -30.45 -14.65 -8.78
C ASP G 394 -31.33 -15.06 -7.60
N ALA G 395 -30.74 -15.00 -6.40
CA ALA G 395 -31.28 -15.63 -5.21
C ALA G 395 -32.57 -15.00 -4.69
N MET G 396 -32.70 -13.68 -4.84
CA MET G 396 -33.88 -12.98 -4.33
C MET G 396 -35.05 -13.04 -5.29
N GLU G 397 -34.76 -13.22 -6.57
CA GLU G 397 -35.78 -13.58 -7.54
C GLU G 397 -36.28 -14.99 -7.24
N PHE G 398 -35.32 -15.91 -7.07
CA PHE G 398 -35.63 -17.31 -6.75
C PHE G 398 -36.43 -17.48 -5.46
N LEU G 399 -36.52 -16.42 -4.66
CA LEU G 399 -37.29 -16.44 -3.43
C LEU G 399 -38.60 -15.66 -3.54
N ILE G 400 -38.51 -14.41 -4.00
CA ILE G 400 -39.70 -13.59 -4.20
C ILE G 400 -40.70 -14.31 -5.11
N ASN G 401 -40.20 -14.87 -6.22
CA ASN G 401 -41.02 -15.63 -7.19
C ASN G 401 -41.83 -16.78 -6.56
N LYS G 402 -41.31 -17.34 -5.47
CA LYS G 402 -41.95 -18.46 -4.79
C LYS G 402 -42.65 -18.06 -3.49
N LEU G 403 -42.19 -16.98 -2.87
CA LEU G 403 -42.81 -16.48 -1.65
C LEU G 403 -44.10 -15.76 -1.96
N ALA G 404 -44.16 -15.11 -3.13
CA ALA G 404 -45.40 -14.48 -3.63
C ALA G 404 -46.39 -15.53 -4.14
N MET G 405 -46.07 -16.79 -3.89
CA MET G 405 -46.91 -17.90 -4.32
C MET G 405 -47.83 -18.40 -3.22
N THR G 406 -47.58 -17.99 -1.97
CA THR G 406 -48.38 -18.49 -0.84
C THR G 406 -47.92 -17.96 0.53
N LYS G 407 -48.18 -18.74 1.58
CA LYS G 407 -47.68 -18.44 2.93
C LYS G 407 -46.43 -19.28 3.27
N THR G 408 -45.74 -18.89 4.35
CA THR G 408 -44.40 -19.38 4.64
C THR G 408 -44.29 -20.87 4.99
N ASN G 409 -45.31 -21.42 5.67
CA ASN G 409 -45.32 -22.85 5.97
C ASN G 409 -45.61 -23.68 4.72
N ASP G 410 -46.10 -22.99 3.68
CA ASP G 410 -46.51 -23.63 2.44
C ASP G 410 -45.43 -23.52 1.35
N ASP G 411 -44.33 -22.85 1.67
CA ASP G 411 -43.26 -22.57 0.71
C ASP G 411 -42.64 -23.83 0.08
N PHE G 412 -42.64 -24.94 0.82
CA PHE G 412 -41.82 -26.09 0.45
C PHE G 412 -42.54 -27.33 -0.12
N PHE G 413 -43.83 -27.47 0.16
CA PHE G 413 -44.55 -28.72 -0.12
C PHE G 413 -44.54 -29.15 -1.60
N GLU G 414 -45.10 -28.31 -2.47
CA GLU G 414 -45.37 -28.70 -3.86
C GLU G 414 -44.13 -28.77 -4.75
N MET G 415 -43.02 -28.18 -4.29
CA MET G 415 -41.76 -28.17 -5.04
C MET G 415 -41.06 -29.53 -5.06
N MET G 416 -41.48 -30.43 -4.15
CA MET G 416 -40.83 -31.73 -3.97
C MET G 416 -41.63 -32.89 -4.56
N LYS G 417 -42.95 -32.73 -4.63
CA LYS G 417 -43.88 -33.74 -5.16
C LYS G 417 -44.02 -34.97 -4.27
N MET H 1 -18.56 -13.88 56.04
CA MET H 1 -18.02 -15.23 56.38
C MET H 1 -16.64 -15.43 55.72
N ASN H 2 -16.58 -16.33 54.75
CA ASN H 2 -15.39 -16.47 53.90
C ASN H 2 -15.57 -15.67 52.61
N LEU H 3 -14.60 -14.79 52.33
CA LEU H 3 -14.70 -13.85 51.21
C LEU H 3 -14.94 -14.55 49.88
N THR H 4 -14.41 -15.78 49.75
CA THR H 4 -14.60 -16.56 48.53
C THR H 4 -16.05 -17.01 48.39
N GLU H 5 -16.54 -17.75 49.38
CA GLU H 5 -17.85 -18.36 49.30
C GLU H 5 -18.95 -17.31 49.20
N LEU H 6 -18.73 -16.16 49.83
CA LEU H 6 -19.54 -14.96 49.60
C LEU H 6 -19.59 -14.58 48.10
N LYS H 7 -18.44 -14.59 47.43
CA LYS H 7 -18.35 -14.22 46.02
C LYS H 7 -19.00 -15.24 45.09
N ASN H 8 -19.26 -16.45 45.61
CA ASN H 8 -19.81 -17.52 44.80
C ASN H 8 -21.30 -17.77 45.00
N THR H 9 -21.97 -16.90 45.75
CA THR H 9 -23.41 -17.04 45.96
C THR H 9 -24.22 -16.09 45.08
N PRO H 10 -25.40 -16.53 44.64
CA PRO H 10 -26.33 -15.68 43.88
C PRO H 10 -26.56 -14.34 44.55
N VAL H 11 -26.77 -13.30 43.74
CA VAL H 11 -26.94 -11.93 44.25
C VAL H 11 -28.21 -11.81 45.09
N SER H 12 -29.31 -12.39 44.58
CA SER H 12 -30.58 -12.40 45.28
C SER H 12 -30.40 -12.93 46.69
N GLU H 13 -29.58 -13.97 46.84
CA GLU H 13 -29.29 -14.58 48.15
C GLU H 13 -28.40 -13.68 48.99
N LEU H 14 -27.41 -13.08 48.35
CA LEU H 14 -26.49 -12.15 49.01
C LEU H 14 -27.23 -10.96 49.61
N ILE H 15 -28.19 -10.42 48.85
CA ILE H 15 -29.04 -9.34 49.33
C ILE H 15 -29.85 -9.72 50.60
N THR H 16 -30.55 -10.86 50.58
CA THR H 16 -31.32 -11.23 51.76
C THR H 16 -30.40 -11.41 52.96
N LEU H 17 -29.10 -11.58 52.69
CA LEU H 17 -28.12 -11.77 53.76
C LEU H 17 -27.90 -10.49 54.53
N GLY H 18 -27.45 -9.45 53.83
CA GLY H 18 -27.24 -8.14 54.42
C GLY H 18 -28.51 -7.55 55.01
N GLU H 19 -29.64 -7.82 54.36
CA GLU H 19 -30.94 -7.40 54.88
C GLU H 19 -31.24 -8.09 56.21
N ASN H 20 -30.79 -9.33 56.37
CA ASN H 20 -30.89 -10.05 57.65
C ASN H 20 -29.89 -9.55 58.66
N MET H 21 -28.80 -8.95 58.17
CA MET H 21 -27.81 -8.31 59.02
C MET H 21 -28.18 -6.86 59.33
N GLY H 22 -29.25 -6.37 58.71
CA GLY H 22 -29.76 -5.04 59.00
C GLY H 22 -29.38 -3.97 57.97
N LEU H 23 -28.51 -4.33 57.03
CA LEU H 23 -28.03 -3.40 56.00
C LEU H 23 -29.16 -2.97 55.08
N GLU H 24 -29.49 -1.69 55.13
CA GLU H 24 -30.64 -1.15 54.41
C GLU H 24 -30.43 -1.01 52.89
N ASN H 25 -31.43 -1.47 52.13
CA ASN H 25 -31.56 -1.24 50.69
C ASN H 25 -30.28 -1.27 49.88
N LEU H 26 -29.75 -2.48 49.70
CA LEU H 26 -28.67 -2.74 48.77
C LEU H 26 -29.15 -3.66 47.65
N ALA H 27 -30.34 -3.36 47.12
CA ALA H 27 -30.89 -4.11 45.99
C ALA H 27 -30.31 -3.62 44.66
N ARG H 28 -30.12 -2.31 44.54
CA ARG H 28 -29.74 -1.69 43.28
C ARG H 28 -28.24 -1.40 43.15
N MET H 29 -27.41 -2.14 43.91
CA MET H 29 -25.96 -2.05 43.74
C MET H 29 -25.32 -3.30 43.11
N ARG H 30 -24.06 -3.16 42.69
CA ARG H 30 -23.25 -4.28 42.17
C ARG H 30 -23.16 -5.44 43.17
N LYS H 31 -22.97 -6.65 42.65
CA LYS H 31 -22.62 -7.83 43.46
C LYS H 31 -21.46 -7.52 44.40
N GLN H 32 -20.45 -6.84 43.88
CA GLN H 32 -19.23 -6.53 44.63
C GLN H 32 -19.42 -5.50 45.76
N ASP H 33 -20.15 -4.42 45.47
CA ASP H 33 -20.54 -3.45 46.51
C ASP H 33 -21.39 -4.15 47.57
N ILE H 34 -22.19 -5.12 47.13
CA ILE H 34 -23.02 -5.89 48.02
C ILE H 34 -22.19 -6.89 48.83
N ILE H 35 -21.11 -7.41 48.23
CA ILE H 35 -20.24 -8.33 48.96
C ILE H 35 -19.48 -7.59 50.05
N PHE H 36 -18.95 -6.42 49.68
CA PHE H 36 -18.19 -5.57 50.59
C PHE H 36 -19.03 -5.07 51.77
N ALA H 37 -20.28 -4.69 51.50
CA ALA H 37 -21.21 -4.28 52.56
C ALA H 37 -21.38 -5.36 53.61
N ILE H 38 -21.62 -6.59 53.15
CA ILE H 38 -21.89 -7.72 54.04
C ILE H 38 -20.62 -8.12 54.79
N LEU H 39 -19.47 -7.90 54.14
CA LEU H 39 -18.17 -8.13 54.74
C LEU H 39 -17.88 -7.11 55.85
N LYS H 40 -18.34 -5.87 55.66
CA LYS H 40 -18.10 -4.79 56.62
C LYS H 40 -18.98 -4.89 57.88
N GLN H 41 -20.29 -5.05 57.68
CA GLN H 41 -21.23 -5.13 58.80
C GLN H 41 -20.84 -6.28 59.70
N HIS H 42 -20.29 -7.33 59.10
CA HIS H 42 -19.66 -8.43 59.84
C HIS H 42 -18.34 -7.95 60.46
N ALA H 43 -18.44 -7.36 61.65
CA ALA H 43 -17.29 -6.99 62.47
C ALA H 43 -17.71 -7.20 63.91
N LYS H 44 -18.18 -8.40 64.18
CA LYS H 44 -18.49 -8.83 65.52
C LYS H 44 -17.76 -10.12 65.85
N SER H 45 -17.62 -11.01 64.85
CA SER H 45 -16.89 -12.25 65.06
C SER H 45 -15.48 -12.18 64.49
N GLY H 46 -14.52 -12.69 65.25
CA GLY H 46 -13.14 -12.71 64.82
C GLY H 46 -12.80 -13.97 64.05
N GLU H 47 -11.75 -13.90 63.25
CA GLU H 47 -11.12 -15.07 62.64
C GLU H 47 -11.93 -15.80 61.55
N ASP H 48 -13.23 -15.51 61.43
CA ASP H 48 -14.06 -16.18 60.42
C ASP H 48 -13.93 -15.56 59.03
N ILE H 49 -13.05 -14.55 58.90
CA ILE H 49 -13.03 -13.70 57.71
C ILE H 49 -12.26 -14.23 56.49
N PHE H 50 -11.52 -15.34 56.65
CA PHE H 50 -10.75 -15.99 55.55
C PHE H 50 -10.84 -15.36 54.13
N GLY H 51 -9.69 -15.02 53.57
CA GLY H 51 -9.65 -14.49 52.22
C GLY H 51 -8.67 -15.21 51.32
N ASP H 52 -9.01 -15.27 50.04
CA ASP H 52 -8.10 -15.78 49.03
C ASP H 52 -8.20 -14.93 47.75
N GLY H 53 -7.22 -15.09 46.86
CA GLY H 53 -7.21 -14.41 45.57
C GLY H 53 -5.87 -14.59 44.90
N VAL H 54 -5.77 -14.17 43.65
CA VAL H 54 -4.50 -14.22 42.92
C VAL H 54 -3.85 -12.83 42.99
N LEU H 55 -2.59 -12.81 43.42
CA LEU H 55 -1.92 -11.55 43.67
C LEU H 55 -1.48 -10.77 42.41
N GLU H 56 -1.69 -9.46 42.45
CA GLU H 56 -1.11 -8.57 41.46
C GLU H 56 -0.26 -7.52 42.18
N ILE H 57 1.04 -7.55 41.94
CA ILE H 57 1.94 -6.54 42.52
C ILE H 57 1.99 -5.29 41.62
N LEU H 58 1.36 -4.21 42.07
CA LEU H 58 1.33 -2.96 41.29
C LEU H 58 2.67 -2.27 41.26
N GLN H 59 2.82 -1.35 40.30
CA GLN H 59 4.05 -0.55 40.11
C GLN H 59 4.54 0.07 41.42
N ASP H 60 3.60 0.51 42.25
CA ASP H 60 3.93 1.16 43.52
C ASP H 60 4.58 0.22 44.55
N GLY H 61 4.45 -1.09 44.34
CA GLY H 61 5.16 -2.05 45.17
C GLY H 61 4.32 -2.84 46.16
N PHE H 62 3.04 -2.48 46.27
CA PHE H 62 2.07 -3.21 47.07
C PHE H 62 1.19 -4.04 46.12
N GLY H 63 0.45 -5.00 46.65
CA GLY H 63 -0.31 -5.89 45.80
C GLY H 63 -1.79 -5.98 46.11
N PHE H 64 -2.50 -6.69 45.24
CA PHE H 64 -3.91 -7.00 45.44
C PHE H 64 -4.24 -8.43 45.03
N LEU H 65 -4.94 -9.16 45.91
CA LEU H 65 -5.45 -10.48 45.58
C LEU H 65 -6.79 -10.29 44.87
N ARG H 66 -6.86 -10.67 43.59
CA ARG H 66 -8.13 -10.62 42.85
C ARG H 66 -8.70 -12.02 42.63
N SER H 67 -9.99 -12.09 42.34
CA SER H 67 -10.68 -13.38 42.22
C SER H 67 -10.96 -13.80 40.76
N ALA H 68 -10.92 -15.10 40.52
CA ALA H 68 -11.30 -15.64 39.22
C ALA H 68 -12.79 -15.41 38.94
N ASP H 69 -13.60 -15.41 39.99
CA ASP H 69 -15.07 -15.33 39.85
C ASP H 69 -15.52 -14.11 39.09
N SER H 70 -14.74 -13.04 39.13
CA SER H 70 -15.01 -11.89 38.28
C SER H 70 -13.91 -11.70 37.20
N SER H 71 -13.34 -12.82 36.75
CA SER H 71 -12.24 -12.81 35.79
C SER H 71 -11.24 -11.69 36.12
N TYR H 72 -10.91 -11.60 37.40
CA TYR H 72 -9.90 -10.70 37.89
C TYR H 72 -10.19 -9.22 37.68
N LEU H 73 -11.48 -8.88 37.57
CA LEU H 73 -11.91 -7.48 37.59
C LEU H 73 -11.67 -6.87 38.96
N ALA H 74 -10.88 -5.78 38.99
CA ALA H 74 -10.58 -5.11 40.26
C ALA H 74 -11.84 -4.51 40.85
N GLY H 75 -11.95 -4.54 42.17
CA GLY H 75 -13.18 -4.13 42.84
C GLY H 75 -13.08 -3.92 44.33
N PRO H 76 -14.21 -3.53 44.94
CA PRO H 76 -14.27 -3.11 46.35
C PRO H 76 -13.75 -4.14 47.34
N ASP H 77 -13.74 -5.40 46.92
CA ASP H 77 -13.34 -6.50 47.79
C ASP H 77 -12.20 -7.31 47.21
N ASP H 78 -11.12 -6.62 46.88
CA ASP H 78 -9.85 -7.28 46.72
C ASP H 78 -9.12 -7.12 48.01
N ILE H 79 -8.27 -8.07 48.32
CA ILE H 79 -7.50 -8.01 49.53
C ILE H 79 -6.23 -7.22 49.27
N TYR H 80 -5.98 -6.23 50.12
CA TYR H 80 -4.75 -5.46 50.06
C TYR H 80 -3.57 -6.32 50.53
N VAL H 81 -2.48 -6.31 49.78
CA VAL H 81 -1.25 -7.00 50.20
C VAL H 81 -0.11 -5.98 50.39
N SER H 82 0.49 -5.99 51.58
CA SER H 82 1.55 -5.03 51.94
C SER H 82 2.88 -5.35 51.25
N PRO H 83 3.68 -4.30 50.98
CA PRO H 83 5.03 -4.48 50.47
C PRO H 83 5.83 -5.36 51.40
N SER H 84 5.66 -5.14 52.71
CA SER H 84 6.34 -5.92 53.73
C SER H 84 5.98 -7.41 53.64
N GLN H 85 4.70 -7.69 53.39
CA GLN H 85 4.26 -9.07 53.23
C GLN H 85 4.83 -9.67 51.95
N ILE H 86 4.87 -8.87 50.88
CA ILE H 86 5.45 -9.34 49.64
C ILE H 86 6.92 -9.67 49.83
N ARG H 87 7.66 -8.77 50.49
CA ARG H 87 9.03 -9.03 50.91
C ARG H 87 9.13 -10.35 51.67
N ARG H 88 8.27 -10.49 52.67
CA ARG H 88 8.33 -11.58 53.65
C ARG H 88 8.26 -12.98 53.04
N PHE H 89 7.25 -13.20 52.20
CA PHE H 89 7.03 -14.51 51.61
C PHE H 89 7.42 -14.48 50.16
N ASN H 90 8.26 -13.53 49.80
CA ASN H 90 8.82 -13.46 48.47
C ASN H 90 7.75 -13.55 47.37
N LEU H 91 6.60 -12.92 47.63
CA LEU H 91 5.47 -13.01 46.73
C LEU H 91 5.80 -12.50 45.33
N ARG H 92 5.12 -13.06 44.34
CA ARG H 92 5.28 -12.69 42.93
C ARG H 92 3.90 -12.56 42.35
N THR H 93 3.72 -11.69 41.38
CA THR H 93 2.38 -11.57 40.83
C THR H 93 2.02 -12.85 40.04
N GLY H 94 0.82 -13.36 40.29
CA GLY H 94 0.45 -14.66 39.78
C GLY H 94 0.22 -15.59 40.94
N ASP H 95 0.99 -15.41 42.01
CA ASP H 95 0.82 -16.22 43.21
C ASP H 95 -0.61 -16.21 43.70
N THR H 96 -1.03 -17.33 44.25
CA THR H 96 -2.38 -17.50 44.75
C THR H 96 -2.26 -17.66 46.23
N ILE H 97 -2.77 -16.65 46.96
CA ILE H 97 -2.60 -16.61 48.42
C ILE H 97 -3.90 -16.77 49.20
N SER H 98 -3.78 -17.43 50.36
CA SER H 98 -4.89 -17.66 51.30
C SER H 98 -4.61 -17.06 52.67
N GLY H 99 -5.66 -16.88 53.47
CA GLY H 99 -5.51 -16.53 54.88
C GLY H 99 -6.62 -15.66 55.46
N LYS H 100 -6.47 -15.29 56.73
CA LYS H 100 -7.43 -14.41 57.40
C LYS H 100 -7.20 -12.95 56.99
N ILE H 101 -8.30 -12.20 56.89
CA ILE H 101 -8.22 -10.79 56.50
C ILE H 101 -8.71 -9.89 57.64
N ARG H 102 -8.77 -8.58 57.40
CA ARG H 102 -9.23 -7.62 58.41
C ARG H 102 -9.77 -6.35 57.76
N PRO H 103 -10.75 -5.70 58.40
CA PRO H 103 -11.36 -4.48 57.85
C PRO H 103 -10.37 -3.33 57.63
N PRO H 104 -10.76 -2.35 56.82
CA PRO H 104 -10.02 -1.10 56.69
C PRO H 104 -10.05 -0.23 57.98
N LYS H 105 -8.91 0.36 58.32
CA LYS H 105 -8.72 1.07 59.60
C LYS H 105 -9.25 2.51 59.59
N GLU H 106 -8.75 3.30 58.64
CA GLU H 106 -9.11 4.72 58.46
C GLU H 106 -8.30 5.25 57.28
N GLY H 107 -8.96 6.03 56.42
CA GLY H 107 -8.35 6.46 55.18
C GLY H 107 -8.13 5.26 54.26
N GLU H 108 -8.28 4.07 54.83
CA GLU H 108 -8.22 2.80 54.09
C GLU H 108 -9.53 2.58 53.32
N ARG H 109 -9.49 1.67 52.35
CA ARG H 109 -10.64 1.39 51.50
C ARG H 109 -10.95 -0.11 51.30
N TYR H 110 -9.96 -0.97 51.54
CA TYR H 110 -10.11 -2.40 51.27
C TYR H 110 -9.68 -3.29 52.44
N PHE H 111 -10.25 -4.49 52.49
CA PHE H 111 -9.81 -5.50 53.44
C PHE H 111 -8.35 -5.87 53.20
N ALA H 112 -7.64 -6.26 54.25
CA ALA H 112 -6.21 -6.47 54.17
C ALA H 112 -5.79 -7.84 54.69
N LEU H 113 -4.90 -8.49 53.97
CA LEU H 113 -4.41 -9.81 54.34
C LEU H 113 -3.58 -9.73 55.60
N LEU H 114 -4.08 -10.36 56.68
CA LEU H 114 -3.43 -10.30 57.99
C LEU H 114 -2.60 -11.54 58.31
N LYS H 115 -3.10 -12.70 57.92
CA LYS H 115 -2.33 -13.93 58.04
C LYS H 115 -2.28 -14.69 56.73
N VAL H 116 -1.06 -14.93 56.25
CA VAL H 116 -0.83 -15.76 55.07
C VAL H 116 -0.87 -17.21 55.52
N ASN H 117 -1.82 -17.97 55.01
CA ASN H 117 -1.95 -19.37 55.38
C ASN H 117 -1.42 -20.32 54.30
N GLU H 118 -1.71 -20.00 53.04
CA GLU H 118 -1.23 -20.76 51.91
C GLU H 118 -0.68 -19.83 50.83
N VAL H 119 0.32 -20.30 50.11
CA VAL H 119 0.81 -19.67 48.87
C VAL H 119 0.91 -20.75 47.81
N ASN H 120 0.19 -20.56 46.70
CA ASN H 120 0.08 -21.54 45.63
C ASN H 120 -0.18 -22.95 46.17
N PHE H 121 -1.13 -23.05 47.11
CA PHE H 121 -1.52 -24.35 47.67
C PHE H 121 -0.34 -25.09 48.28
N ASP H 122 0.44 -24.37 49.07
CA ASP H 122 1.63 -24.90 49.69
C ASP H 122 1.91 -24.12 50.97
N LYS H 123 2.74 -24.69 51.83
CA LYS H 123 3.17 -24.01 53.05
C LYS H 123 3.88 -22.74 52.60
N PRO H 124 3.39 -21.58 53.07
CA PRO H 124 3.88 -20.28 52.63
C PRO H 124 5.40 -20.15 52.71
N GLU H 125 6.05 -21.18 53.24
CA GLU H 125 7.47 -21.20 53.42
C GLU H 125 8.19 -21.96 52.29
N ASN H 126 7.57 -22.01 51.12
CA ASN H 126 8.10 -22.77 49.99
C ASN H 126 8.09 -21.98 48.67
N ASN H 129 10.95 -21.91 44.95
CA ASN H 129 10.87 -22.52 43.62
C ASN H 129 11.40 -21.63 42.51
N LYS H 130 12.36 -22.18 41.77
CA LYS H 130 12.85 -21.60 40.53
C LYS H 130 11.71 -21.02 39.69
N ILE H 131 12.03 -19.97 38.94
CA ILE H 131 11.04 -19.20 38.21
C ILE H 131 10.86 -19.79 36.79
N LEU H 132 9.64 -19.75 36.24
CA LEU H 132 9.35 -20.46 34.96
C LEU H 132 10.46 -20.17 33.96
N PHE H 133 10.95 -18.93 34.02
CA PHE H 133 11.78 -18.38 32.96
C PHE H 133 13.17 -19.01 32.89
N GLU H 134 13.56 -19.74 33.93
CA GLU H 134 14.79 -20.52 33.89
C GLU H 134 14.63 -22.02 33.90
N ASN H 135 13.40 -22.49 33.84
CA ASN H 135 13.10 -23.89 33.59
C ASN H 135 13.51 -24.27 32.15
N LEU H 136 14.17 -25.42 31.99
CA LEU H 136 14.58 -25.83 30.66
C LEU H 136 13.41 -26.37 29.83
N THR H 137 13.50 -26.16 28.53
CA THR H 137 12.38 -26.45 27.62
C THR H 137 12.69 -27.58 26.63
N PRO H 138 12.26 -28.82 26.96
CA PRO H 138 12.06 -29.93 25.99
C PRO H 138 10.92 -29.81 24.98
N LEU H 139 11.05 -30.60 23.91
CA LEU H 139 10.07 -30.63 22.81
C LEU H 139 8.71 -31.18 23.24
N HIS H 140 8.43 -31.15 24.55
CA HIS H 140 7.07 -31.31 25.08
C HIS H 140 6.33 -32.39 24.37
N ALA H 141 7.11 -33.34 23.93
CA ALA H 141 6.59 -34.53 23.41
C ALA H 141 7.18 -35.61 24.29
N ASN H 142 6.96 -35.49 25.59
CA ASN H 142 7.13 -36.63 26.43
C ASN H 142 5.79 -37.31 26.50
N SER H 143 4.84 -36.63 27.16
CA SER H 143 3.62 -37.24 27.60
C SER H 143 2.39 -36.74 26.88
N ARG H 144 1.73 -37.67 26.20
CA ARG H 144 0.57 -37.40 25.39
C ARG H 144 -0.63 -37.05 26.24
N LEU H 145 -1.45 -36.14 25.73
CA LEU H 145 -2.75 -35.86 26.30
C LEU H 145 -3.85 -36.36 25.35
N ARG H 146 -3.99 -37.67 25.25
CA ARG H 146 -4.98 -38.29 24.35
C ARG H 146 -6.38 -37.73 24.61
N MET H 147 -7.20 -37.66 23.57
CA MET H 147 -8.50 -36.98 23.65
C MET H 147 -9.67 -37.93 23.40
N GLY H 152 -18.72 -44.02 23.67
CA GLY H 152 -18.46 -43.99 22.25
C GLY H 152 -19.38 -43.06 21.48
N SER H 153 -19.49 -41.81 21.96
CA SER H 153 -20.49 -40.85 21.44
C SER H 153 -20.09 -40.15 20.14
N THR H 154 -20.97 -39.26 19.67
CA THR H 154 -20.71 -38.41 18.49
C THR H 154 -19.74 -37.26 18.84
N GLU H 155 -19.92 -36.69 20.03
CA GLU H 155 -18.99 -35.68 20.57
C GLU H 155 -17.54 -36.18 20.45
N ASP H 156 -17.37 -37.48 20.54
CA ASP H 156 -16.03 -38.07 20.64
C ASP H 156 -15.38 -38.27 19.29
N LEU H 157 -16.09 -37.99 18.21
CA LEU H 157 -15.45 -38.05 16.89
C LEU H 157 -14.48 -36.87 16.65
N THR H 158 -14.88 -35.66 17.04
CA THR H 158 -13.97 -34.53 17.12
C THR H 158 -12.68 -34.94 17.81
N ALA H 159 -12.80 -35.41 19.06
CA ALA H 159 -11.66 -35.85 19.88
C ALA H 159 -10.76 -36.84 19.14
N ARG H 160 -11.38 -37.84 18.53
CA ARG H 160 -10.66 -38.92 17.89
C ARG H 160 -9.98 -38.48 16.59
N VAL H 161 -10.67 -37.69 15.79
CA VAL H 161 -10.05 -37.17 14.57
C VAL H 161 -8.86 -36.32 14.97
N LEU H 162 -9.04 -35.49 15.97
CA LEU H 162 -7.97 -34.67 16.52
C LEU H 162 -6.79 -35.55 16.97
N ASP H 163 -7.10 -36.52 17.81
CA ASP H 163 -6.14 -37.50 18.30
C ASP H 163 -5.33 -38.16 17.18
N LEU H 164 -5.78 -38.01 15.94
CA LEU H 164 -5.16 -38.65 14.80
C LEU H 164 -4.45 -37.65 13.90
N ALA H 165 -5.06 -36.48 13.75
CA ALA H 165 -4.49 -35.41 12.94
C ALA H 165 -3.38 -34.67 13.69
N SER H 166 -3.72 -34.18 14.88
CA SER H 166 -2.84 -33.28 15.61
C SER H 166 -2.77 -33.70 17.07
N PRO H 167 -1.81 -34.60 17.36
CA PRO H 167 -1.55 -35.03 18.74
C PRO H 167 -1.19 -33.85 19.63
N ILE H 168 -1.99 -33.62 20.67
CA ILE H 168 -1.59 -32.72 21.73
C ILE H 168 -0.93 -33.52 22.86
N GLY H 169 0.21 -33.01 23.33
CA GLY H 169 0.89 -33.49 24.53
C GLY H 169 1.16 -32.37 25.55
N ARG H 170 1.54 -32.75 26.78
CA ARG H 170 1.83 -31.80 27.86
C ARG H 170 2.87 -30.77 27.44
N GLY H 171 2.44 -29.53 27.28
CA GLY H 171 3.34 -28.44 26.91
C GLY H 171 3.26 -28.03 25.44
N GLN H 172 2.31 -28.62 24.70
CA GLN H 172 2.04 -28.28 23.32
C GLN H 172 1.84 -26.79 23.22
N ARG H 173 2.37 -26.21 22.15
CA ARG H 173 2.03 -24.86 21.76
C ARG H 173 1.22 -25.02 20.51
N GLY H 174 -0.07 -25.26 20.68
CA GLY H 174 -0.92 -25.58 19.55
C GLY H 174 -1.63 -24.36 19.04
N LEU H 175 -2.04 -24.40 17.77
CA LEU H 175 -2.79 -23.34 17.10
C LEU H 175 -4.00 -23.93 16.34
N ILE H 176 -5.20 -23.49 16.68
CA ILE H 176 -6.38 -23.87 15.91
C ILE H 176 -6.69 -22.71 14.96
N VAL H 177 -6.49 -22.95 13.67
CA VAL H 177 -6.78 -21.96 12.65
C VAL H 177 -8.24 -22.11 12.19
N ALA H 178 -9.07 -21.14 12.52
CA ALA H 178 -10.48 -21.21 12.15
C ALA H 178 -10.92 -20.03 11.26
N PRO H 179 -11.60 -20.33 10.17
CA PRO H 179 -12.40 -19.33 9.47
C PRO H 179 -13.69 -19.22 10.24
N PRO H 180 -14.52 -18.22 10.00
CA PRO H 180 -15.73 -18.01 10.82
C PRO H 180 -16.71 -19.16 10.69
N LYS H 181 -17.51 -19.36 11.74
CA LYS H 181 -18.49 -20.46 11.83
C LYS H 181 -17.98 -21.76 11.18
N ALA H 182 -16.95 -22.34 11.80
CA ALA H 182 -16.37 -23.59 11.30
C ALA H 182 -16.23 -24.63 12.42
N GLY H 183 -16.87 -24.37 13.55
CA GLY H 183 -16.95 -25.34 14.63
C GLY H 183 -16.03 -25.00 15.78
N LYS H 184 -15.26 -23.94 15.60
CA LYS H 184 -14.23 -23.52 16.55
C LYS H 184 -14.61 -23.66 18.06
N THR H 185 -15.73 -23.06 18.45
CA THR H 185 -16.20 -23.08 19.84
C THR H 185 -16.47 -24.50 20.34
N MET H 186 -17.26 -25.27 19.60
CA MET H 186 -17.55 -26.64 20.00
C MET H 186 -16.27 -27.44 20.11
N LEU H 187 -15.29 -27.13 19.25
CA LEU H 187 -14.01 -27.84 19.30
C LEU H 187 -13.26 -27.53 20.60
N LEU H 188 -13.26 -26.26 21.01
CA LEU H 188 -12.71 -25.87 22.30
C LEU H 188 -13.47 -26.58 23.41
N GLN H 189 -14.80 -26.54 23.33
CA GLN H 189 -15.65 -27.17 24.34
C GLN H 189 -15.34 -28.65 24.42
N ASN H 190 -15.14 -29.28 23.27
CA ASN H 190 -14.77 -30.69 23.20
C ASN H 190 -13.48 -30.95 23.94
N ILE H 191 -12.42 -30.28 23.51
CA ILE H 191 -11.12 -30.38 24.14
C ILE H 191 -11.22 -30.15 25.67
N ALA H 192 -12.02 -29.17 26.06
CA ALA H 192 -12.26 -28.90 27.46
C ALA H 192 -12.87 -30.11 28.16
N GLN H 193 -14.00 -30.61 27.66
CA GLN H 193 -14.62 -31.79 28.26
C GLN H 193 -13.64 -32.95 28.26
N SER H 194 -12.99 -33.17 27.12
CA SER H 194 -11.97 -34.21 26.95
C SER H 194 -10.84 -34.11 28.00
N ILE H 195 -10.29 -32.90 28.20
CA ILE H 195 -9.25 -32.69 29.21
C ILE H 195 -9.70 -33.06 30.62
N ALA H 196 -10.89 -32.61 31.03
CA ALA H 196 -11.37 -32.84 32.38
C ALA H 196 -11.59 -34.33 32.66
N TYR H 197 -12.23 -35.00 31.70
CA TYR H 197 -12.52 -36.42 31.79
C TYR H 197 -11.21 -37.24 31.83
N ASN H 198 -10.35 -37.05 30.84
CA ASN H 198 -9.16 -37.87 30.66
C ASN H 198 -7.96 -37.45 31.50
N HIS H 199 -7.96 -36.19 31.93
CA HIS H 199 -6.78 -35.54 32.49
C HIS H 199 -7.12 -34.59 33.65
N PRO H 200 -7.85 -35.08 34.65
CA PRO H 200 -8.31 -34.24 35.76
C PRO H 200 -7.16 -33.74 36.63
N ASP H 201 -5.97 -34.33 36.46
CA ASP H 201 -4.74 -33.87 37.12
C ASP H 201 -4.22 -32.53 36.59
N CYS H 202 -4.50 -32.23 35.32
CA CYS H 202 -4.10 -30.94 34.76
C CYS H 202 -5.00 -29.80 35.17
N VAL H 203 -4.42 -28.62 35.30
CA VAL H 203 -5.20 -27.44 35.64
C VAL H 203 -5.80 -26.86 34.37
N LEU H 204 -7.09 -27.05 34.19
CA LEU H 204 -7.74 -26.44 33.05
C LEU H 204 -7.98 -24.96 33.33
N MET H 205 -7.40 -24.10 32.49
CA MET H 205 -7.83 -22.70 32.45
C MET H 205 -8.28 -22.38 31.05
N VAL H 206 -9.50 -21.87 30.94
CA VAL H 206 -10.01 -21.41 29.65
C VAL H 206 -10.13 -19.90 29.63
N LEU H 207 -9.52 -19.32 28.61
CA LEU H 207 -9.33 -17.90 28.54
C LEU H 207 -10.03 -17.41 27.27
N LEU H 208 -10.94 -16.45 27.42
CA LEU H 208 -11.73 -15.95 26.30
C LEU H 208 -11.59 -14.44 26.19
N ILE H 209 -11.22 -13.96 25.00
CA ILE H 209 -10.81 -12.57 24.87
C ILE H 209 -11.89 -11.56 24.49
N ASP H 210 -12.36 -11.58 23.27
CA ASP H 210 -13.22 -10.46 22.87
C ASP H 210 -14.67 -10.89 22.78
N GLU H 211 -15.12 -11.62 23.80
CA GLU H 211 -16.27 -12.52 23.63
C GLU H 211 -17.64 -11.89 23.84
N ARG H 212 -18.65 -12.53 23.26
CA ARG H 212 -20.03 -12.16 23.50
C ARG H 212 -20.44 -12.63 24.89
N PRO H 213 -21.05 -11.73 25.66
CA PRO H 213 -21.52 -12.05 27.01
C PRO H 213 -22.22 -13.39 27.10
N GLU H 214 -23.23 -13.58 26.27
CA GLU H 214 -23.99 -14.83 26.22
C GLU H 214 -23.10 -16.06 26.01
N GLU H 215 -22.02 -15.88 25.25
CA GLU H 215 -21.12 -16.95 24.87
C GLU H 215 -20.29 -17.36 26.07
N VAL H 216 -20.04 -16.41 26.95
CA VAL H 216 -19.17 -16.60 28.11
C VAL H 216 -19.85 -17.47 29.14
N THR H 217 -21.11 -17.15 29.46
CA THR H 217 -21.84 -17.89 30.47
C THR H 217 -21.97 -19.36 30.07
N GLU H 218 -22.17 -19.60 28.77
CA GLU H 218 -22.18 -20.96 28.24
C GLU H 218 -20.89 -21.68 28.58
N MET H 219 -19.77 -21.11 28.17
CA MET H 219 -18.47 -21.69 28.44
C MET H 219 -18.29 -21.87 29.96
N GLN H 220 -18.66 -20.85 30.72
CA GLN H 220 -18.61 -20.88 32.19
C GLN H 220 -19.41 -22.03 32.81
N ARG H 221 -20.30 -22.63 32.03
CA ARG H 221 -21.22 -23.61 32.57
C ARG H 221 -20.92 -25.04 32.13
N LEU H 222 -20.19 -25.19 31.03
CA LEU H 222 -19.79 -26.51 30.53
C LEU H 222 -18.45 -26.92 31.12
N VAL H 223 -17.46 -26.03 30.99
CA VAL H 223 -16.08 -26.34 31.35
C VAL H 223 -15.88 -26.55 32.84
N LYS H 224 -15.33 -27.71 33.19
CA LYS H 224 -14.79 -27.93 34.52
C LYS H 224 -13.34 -27.45 34.55
N GLY H 225 -13.17 -26.17 34.89
CA GLY H 225 -11.89 -25.56 35.09
C GLY H 225 -12.12 -24.10 35.44
N GLU H 226 -11.08 -23.28 35.40
CA GLU H 226 -11.29 -21.85 35.52
C GLU H 226 -11.72 -21.38 34.15
N VAL H 227 -12.80 -20.62 34.12
CA VAL H 227 -13.24 -19.96 32.90
C VAL H 227 -13.14 -18.45 33.12
N VAL H 228 -12.18 -17.84 32.43
CA VAL H 228 -11.74 -16.49 32.68
C VAL H 228 -12.02 -15.70 31.42
N ALA H 229 -12.72 -14.59 31.55
CA ALA H 229 -13.27 -13.96 30.37
C ALA H 229 -13.24 -12.46 30.42
N SER H 230 -13.10 -11.89 29.24
CA SER H 230 -13.35 -10.50 29.07
C SER H 230 -14.29 -10.41 27.90
N THR H 231 -15.21 -9.46 27.92
CA THR H 231 -16.18 -9.35 26.84
C THR H 231 -15.83 -8.21 25.87
N PHE H 232 -16.46 -8.20 24.70
CA PHE H 232 -16.17 -7.16 23.72
C PHE H 232 -16.63 -5.79 24.22
N ASP H 233 -17.25 -5.81 25.41
CA ASP H 233 -17.68 -4.64 26.14
C ASP H 233 -16.50 -3.91 26.68
N GLU H 234 -15.51 -4.68 27.08
CA GLU H 234 -14.45 -4.16 27.92
C GLU H 234 -13.33 -3.54 27.10
N PRO H 235 -12.60 -2.59 27.69
CA PRO H 235 -11.45 -1.94 27.06
C PRO H 235 -10.35 -2.92 26.63
N ALA H 236 -9.57 -2.55 25.64
CA ALA H 236 -8.38 -3.31 25.30
C ALA H 236 -7.55 -3.62 26.57
N SER H 237 -7.40 -2.64 27.45
CA SER H 237 -6.58 -2.82 28.64
C SER H 237 -7.06 -4.00 29.43
N ARG H 238 -8.34 -4.30 29.29
CA ARG H 238 -8.94 -5.27 30.13
C ARG H 238 -8.68 -6.68 29.59
N HIS H 239 -8.96 -6.86 28.30
CA HIS H 239 -8.39 -8.00 27.56
C HIS H 239 -6.93 -8.28 27.95
N VAL H 240 -6.10 -7.25 27.92
CA VAL H 240 -4.73 -7.45 28.35
C VAL H 240 -4.67 -7.95 29.80
N GLN H 241 -5.30 -7.24 30.74
CA GLN H 241 -5.26 -7.62 32.18
C GLN H 241 -5.64 -9.06 32.42
N VAL H 242 -6.74 -9.48 31.84
CA VAL H 242 -7.21 -10.85 32.03
C VAL H 242 -6.18 -11.87 31.52
N ALA H 243 -5.58 -11.60 30.38
CA ALA H 243 -4.64 -12.53 29.76
C ALA H 243 -3.34 -12.70 30.56
N GLU H 244 -2.96 -11.65 31.26
CA GLU H 244 -1.64 -11.63 31.86
C GLU H 244 -1.71 -12.20 33.24
N MET H 245 -2.90 -12.10 33.83
CA MET H 245 -3.19 -12.69 35.13
C MET H 245 -3.29 -14.21 34.96
N VAL H 246 -3.96 -14.64 33.90
CA VAL H 246 -3.99 -16.07 33.60
C VAL H 246 -2.58 -16.64 33.38
N ILE H 247 -1.78 -16.02 32.53
CA ILE H 247 -0.46 -16.61 32.24
C ILE H 247 0.49 -16.58 33.45
N GLU H 248 0.41 -15.55 34.27
CA GLU H 248 1.31 -15.53 35.42
C GLU H 248 0.93 -16.64 36.39
N LYS H 249 -0.34 -16.66 36.81
CA LYS H 249 -0.85 -17.76 37.60
C LYS H 249 -0.33 -19.07 37.02
N ALA H 250 -0.43 -19.21 35.70
CA ALA H 250 -0.08 -20.47 35.06
C ALA H 250 1.38 -20.80 35.32
N LYS H 251 2.27 -19.84 35.05
CA LYS H 251 3.69 -20.00 35.35
C LYS H 251 3.91 -20.37 36.82
N ARG H 252 3.41 -19.51 37.72
CA ARG H 252 3.34 -19.77 39.15
C ARG H 252 2.95 -21.22 39.54
N LEU H 253 2.00 -21.80 38.83
CA LEU H 253 1.59 -23.18 39.10
C LEU H 253 2.55 -24.20 38.48
N VAL H 254 3.09 -23.86 37.31
CA VAL H 254 4.07 -24.74 36.68
C VAL H 254 5.36 -24.71 37.50
N GLU H 255 5.50 -23.66 38.30
CA GLU H 255 6.67 -23.53 39.17
C GLU H 255 6.55 -24.49 40.32
N HIS H 256 5.33 -24.96 40.58
CA HIS H 256 5.08 -26.00 41.58
C HIS H 256 4.90 -27.35 40.86
N LYS H 257 5.40 -27.43 39.64
CA LYS H 257 5.52 -28.70 38.92
C LYS H 257 4.20 -29.24 38.38
N LYS H 258 3.16 -28.42 38.34
CA LYS H 258 1.85 -28.84 37.87
C LYS H 258 1.73 -28.80 36.35
N ASP H 259 0.75 -29.47 35.81
CA ASP H 259 0.51 -29.40 34.39
C ASP H 259 -0.65 -28.46 34.14
N VAL H 260 -0.34 -27.27 33.64
CA VAL H 260 -1.39 -26.31 33.27
C VAL H 260 -1.72 -26.45 31.79
N ILE H 261 -2.99 -26.23 31.44
CA ILE H 261 -3.41 -26.14 30.05
C ILE H 261 -4.28 -24.90 29.86
N ILE H 262 -3.85 -24.02 28.97
CA ILE H 262 -4.64 -22.85 28.62
C ILE H 262 -5.33 -22.99 27.26
N LEU H 263 -6.66 -22.88 27.28
CA LEU H 263 -7.41 -22.82 26.05
C LEU H 263 -7.70 -21.34 25.75
N LEU H 264 -7.04 -20.78 24.74
CA LEU H 264 -7.19 -19.35 24.47
C LEU H 264 -8.13 -19.07 23.33
N ASP H 265 -9.19 -18.28 23.55
CA ASP H 265 -9.95 -17.88 22.39
C ASP H 265 -9.56 -16.57 21.78
N SER H 266 -8.80 -16.75 20.69
CA SER H 266 -8.26 -15.78 19.77
C SER H 266 -7.00 -15.26 20.35
N ILE H 267 -5.88 -15.88 19.98
CA ILE H 267 -4.60 -15.20 20.07
C ILE H 267 -4.73 -13.87 19.33
N THR H 268 -5.49 -13.90 18.22
CA THR H 268 -5.67 -12.73 17.38
C THR H 268 -6.43 -11.61 18.10
N ARG H 269 -7.49 -11.96 18.81
CA ARG H 269 -8.15 -10.94 19.62
C ARG H 269 -7.25 -10.38 20.70
N LEU H 270 -6.46 -11.26 21.31
CA LEU H 270 -5.48 -10.87 22.29
C LEU H 270 -4.53 -9.89 21.62
N ALA H 271 -4.07 -10.28 20.44
CA ALA H 271 -3.18 -9.47 19.63
C ALA H 271 -3.77 -8.12 19.28
N ARG H 272 -5.07 -8.05 18.94
CA ARG H 272 -5.72 -6.75 18.73
C ARG H 272 -5.56 -5.87 19.98
N ALA H 273 -5.83 -6.41 21.17
CA ALA H 273 -5.77 -5.64 22.40
C ALA H 273 -4.37 -5.09 22.68
N TYR H 274 -3.38 -5.95 22.71
CA TYR H 274 -2.01 -5.49 22.92
C TYR H 274 -1.74 -4.40 21.92
N ASN H 275 -2.17 -4.61 20.67
CA ASN H 275 -1.93 -3.66 19.61
C ASN H 275 -2.57 -2.31 19.83
N THR H 276 -3.71 -2.25 20.47
CA THR H 276 -4.29 -0.94 20.70
C THR H 276 -3.77 -0.29 22.00
N VAL H 277 -2.89 -0.99 22.71
CA VAL H 277 -2.43 -0.54 24.03
C VAL H 277 -0.94 -0.13 24.09
N VAL H 278 -0.27 -0.11 22.93
CA VAL H 278 1.18 0.09 22.82
C VAL H 278 1.48 0.70 21.45
N PRO H 279 2.06 1.92 21.40
CA PRO H 279 2.54 2.58 20.15
C PRO H 279 3.91 2.19 19.61
N ALA H 280 4.40 2.96 18.58
CA ALA H 280 5.72 2.82 17.90
C ALA H 280 5.64 2.65 16.36
N VAL H 284 6.76 1.96 14.37
CA VAL H 284 6.68 1.35 13.02
C VAL H 284 5.41 0.44 12.78
N LEU H 285 4.99 0.26 11.49
CA LEU H 285 3.66 -0.34 11.19
C LEU H 285 3.60 -1.23 9.92
N THR H 286 2.61 -2.17 9.87
CA THR H 286 2.38 -3.04 8.69
C THR H 286 0.94 -3.63 8.54
N GLY H 287 0.07 -2.94 7.81
CA GLY H 287 -1.28 -3.46 7.56
C GLY H 287 -2.28 -3.19 8.69
N GLY H 288 -1.96 -2.21 9.52
CA GLY H 288 -2.80 -1.82 10.65
C GLY H 288 -2.11 -2.09 11.99
N VAL H 289 -1.22 -3.07 11.98
CA VAL H 289 -0.65 -3.61 13.21
C VAL H 289 0.80 -3.14 13.45
N ASP H 290 0.98 -2.52 14.61
CA ASP H 290 2.27 -2.02 15.06
C ASP H 290 3.31 -3.12 15.19
N ALA H 291 4.40 -3.01 14.43
CA ALA H 291 5.43 -4.06 14.39
C ALA H 291 5.85 -4.48 15.80
N ASN H 292 6.22 -3.49 16.59
CA ASN H 292 6.58 -3.64 17.99
C ASN H 292 5.56 -4.44 18.83
N ALA H 293 4.27 -4.29 18.52
CA ALA H 293 3.16 -4.72 19.39
C ALA H 293 3.02 -6.21 19.63
N LEU H 294 3.27 -7.01 18.60
CA LEU H 294 3.09 -8.45 18.69
C LEU H 294 4.05 -9.14 19.67
N HIS H 295 5.02 -8.39 20.18
CA HIS H 295 5.97 -8.94 21.13
C HIS H 295 5.23 -9.59 22.30
N ARG H 296 4.34 -8.84 22.94
CA ARG H 296 3.65 -9.31 24.12
C ARG H 296 2.84 -10.59 23.90
N PRO H 297 2.01 -10.65 22.84
CA PRO H 297 1.24 -11.86 22.51
C PRO H 297 2.11 -13.06 22.27
N LYS H 298 3.24 -12.84 21.61
CA LYS H 298 4.16 -13.91 21.27
C LYS H 298 4.85 -14.37 22.53
N ARG H 299 4.96 -13.47 23.52
CA ARG H 299 5.50 -13.83 24.83
C ARG H 299 4.55 -14.80 25.50
N PHE H 300 3.25 -14.50 25.41
CA PHE H 300 2.17 -15.31 25.95
C PHE H 300 2.20 -16.73 25.39
N PHE H 301 2.14 -16.82 24.06
CA PHE H 301 2.16 -18.10 23.35
C PHE H 301 3.52 -18.79 23.56
N GLY H 302 4.59 -18.00 23.59
CA GLY H 302 5.93 -18.56 23.76
C GLY H 302 6.14 -19.18 25.12
N ALA H 303 5.30 -18.80 26.08
CA ALA H 303 5.38 -19.40 27.40
C ALA H 303 5.11 -20.89 27.33
N ALA H 304 4.19 -21.31 26.43
CA ALA H 304 3.88 -22.74 26.25
C ALA H 304 5.15 -23.58 26.18
N ARG H 305 5.26 -24.61 27.01
CA ARG H 305 6.46 -25.41 26.99
C ARG H 305 6.38 -26.64 27.86
N ASN H 306 7.20 -27.65 27.56
CA ASN H 306 7.31 -28.77 28.46
C ASN H 306 8.57 -28.66 29.30
N VAL H 307 8.43 -28.65 30.62
CA VAL H 307 9.54 -28.33 31.52
C VAL H 307 10.32 -29.55 31.95
N GLU H 308 11.62 -29.55 31.66
CA GLU H 308 12.47 -30.70 31.96
C GLU H 308 12.36 -31.11 33.42
N GLU H 309 12.46 -30.11 34.30
CA GLU H 309 12.51 -30.37 35.74
C GLU H 309 11.10 -30.62 36.35
N GLY H 310 10.14 -30.96 35.50
CA GLY H 310 8.82 -31.29 35.97
C GLY H 310 7.77 -30.25 35.64
N GLY H 311 6.56 -30.74 35.33
CA GLY H 311 5.45 -29.87 35.02
C GLY H 311 5.50 -29.41 33.58
N SER H 312 4.45 -28.72 33.18
CA SER H 312 4.31 -28.32 31.80
C SER H 312 3.25 -27.23 31.73
N LEU H 313 3.44 -26.34 30.77
CA LEU H 313 2.41 -25.36 30.42
C LEU H 313 2.04 -25.65 28.99
N THR H 314 0.79 -25.97 28.72
CA THR H 314 0.38 -26.21 27.35
C THR H 314 -0.64 -25.14 26.90
N ILE H 315 -0.40 -24.50 25.76
CA ILE H 315 -1.32 -23.45 25.27
C ILE H 315 -1.93 -23.83 23.93
N ILE H 316 -3.25 -23.86 23.89
CA ILE H 316 -3.99 -24.12 22.66
C ILE H 316 -4.83 -22.89 22.36
N ALA H 317 -4.48 -22.24 21.27
CA ALA H 317 -5.00 -20.91 20.97
C ALA H 317 -5.62 -20.93 19.58
N THR H 318 -6.85 -20.47 19.47
CA THR H 318 -7.43 -20.29 18.13
C THR H 318 -6.82 -19.07 17.42
N ALA H 319 -6.63 -19.21 16.13
CA ALA H 319 -6.25 -18.08 15.31
C ALA H 319 -7.42 -17.85 14.37
N LEU H 320 -8.01 -16.66 14.44
CA LEU H 320 -9.19 -16.36 13.66
C LEU H 320 -8.75 -15.92 12.28
N ILE H 321 -9.39 -16.47 11.26
CA ILE H 321 -8.89 -16.35 9.89
C ILE H 321 -10.01 -16.10 8.88
N ASP H 322 -9.66 -15.54 7.73
CA ASP H 322 -10.63 -15.21 6.69
C ASP H 322 -11.81 -14.40 7.24
N THR H 323 -11.49 -13.43 8.08
CA THR H 323 -12.53 -12.64 8.70
C THR H 323 -12.77 -11.41 7.89
N GLY H 324 -12.03 -11.29 6.80
CA GLY H 324 -12.06 -10.07 6.01
C GLY H 324 -11.42 -8.90 6.73
N SER H 325 -10.48 -9.19 7.61
CA SER H 325 -9.66 -8.18 8.26
C SER H 325 -8.18 -8.36 7.90
N LYS H 326 -7.57 -7.34 7.28
CA LYS H 326 -6.16 -7.43 6.95
C LYS H 326 -5.32 -7.50 8.22
N MET H 327 -5.75 -6.80 9.26
CA MET H 327 -5.10 -6.93 10.55
C MET H 327 -5.06 -8.39 11.04
N ASP H 328 -6.17 -9.10 10.94
CA ASP H 328 -6.23 -10.48 11.38
C ASP H 328 -5.27 -11.35 10.57
N GLU H 329 -5.28 -11.19 9.25
CA GLU H 329 -4.39 -11.98 8.40
C GLU H 329 -2.91 -11.75 8.71
N VAL H 330 -2.52 -10.49 8.97
CA VAL H 330 -1.15 -10.18 9.42
C VAL H 330 -0.76 -10.86 10.75
N ILE H 331 -1.62 -10.71 11.76
CA ILE H 331 -1.44 -11.40 13.02
C ILE H 331 -1.21 -12.89 12.78
N TYR H 332 -2.00 -13.51 11.91
CA TYR H 332 -1.84 -14.95 11.69
C TYR H 332 -0.54 -15.30 10.96
N GLU H 333 -0.10 -14.42 10.05
CA GLU H 333 1.15 -14.63 9.32
C GLU H 333 2.33 -14.59 10.27
N GLU H 334 2.25 -13.66 11.24
CA GLU H 334 3.32 -13.46 12.23
C GLU H 334 3.42 -14.60 13.21
N PHE H 335 2.32 -15.33 13.36
CA PHE H 335 2.24 -16.42 14.30
C PHE H 335 2.57 -17.78 13.70
N LYS H 336 2.43 -17.90 12.38
CA LYS H 336 2.97 -19.04 11.62
C LYS H 336 4.41 -19.38 12.06
N GLY H 337 4.66 -20.65 12.34
CA GLY H 337 6.01 -21.08 12.66
C GLY H 337 6.32 -21.15 14.13
N THR H 338 5.59 -20.39 14.96
CA THR H 338 5.84 -20.37 16.39
C THR H 338 5.35 -21.63 17.08
N GLY H 339 4.19 -22.14 16.65
CA GLY H 339 3.54 -23.26 17.31
C GLY H 339 4.21 -24.60 17.02
N ASN H 340 3.77 -25.65 17.69
CA ASN H 340 4.27 -26.99 17.38
C ASN H 340 3.15 -27.99 17.09
N MET H 341 1.93 -27.51 17.17
CA MET H 341 0.78 -28.23 16.70
C MET H 341 -0.10 -27.19 16.03
N GLU H 342 -0.76 -27.59 14.96
CA GLU H 342 -1.67 -26.72 14.26
C GLU H 342 -2.77 -27.58 13.66
N LEU H 343 -4.00 -27.25 14.02
CA LEU H 343 -5.16 -27.96 13.53
C LEU H 343 -5.99 -26.93 12.82
N HIS H 344 -6.16 -27.11 11.52
CA HIS H 344 -6.95 -26.21 10.69
C HIS H 344 -8.39 -26.69 10.60
N LEU H 345 -9.33 -25.76 10.66
CA LEU H 345 -10.71 -26.07 10.31
C LEU H 345 -10.98 -25.47 8.94
N SER H 346 -12.14 -25.81 8.37
CA SER H 346 -12.40 -25.47 6.98
C SER H 346 -13.84 -25.07 6.79
N ARG H 347 -14.05 -23.81 6.38
CA ARG H 347 -15.40 -23.35 6.10
C ARG H 347 -16.11 -24.32 5.16
N LYS H 348 -15.40 -24.70 4.09
CA LYS H 348 -15.80 -25.78 3.18
C LYS H 348 -16.47 -26.95 3.90
N ILE H 349 -15.68 -27.73 4.63
CA ILE H 349 -16.18 -28.95 5.26
C ILE H 349 -17.39 -28.66 6.15
N ALA H 350 -17.47 -27.44 6.66
CA ALA H 350 -18.56 -27.07 7.56
C ALA H 350 -19.83 -26.66 6.81
N GLU H 351 -19.65 -26.07 5.62
CA GLU H 351 -20.79 -25.69 4.77
C GLU H 351 -21.69 -26.89 4.52
N LYS H 352 -21.08 -28.00 4.09
CA LYS H 352 -21.79 -29.26 3.86
C LYS H 352 -22.20 -29.92 5.19
N ARG H 353 -22.04 -29.19 6.29
CA ARG H 353 -22.33 -29.68 7.64
C ARG H 353 -21.69 -31.03 8.01
N VAL H 354 -20.48 -31.27 7.51
CA VAL H 354 -19.70 -32.44 7.93
C VAL H 354 -19.00 -32.16 9.27
N PHE H 355 -19.07 -33.17 10.14
CA PHE H 355 -19.06 -32.99 11.60
C PHE H 355 -17.90 -32.17 12.12
N PRO H 356 -16.75 -32.81 12.37
CA PRO H 356 -15.56 -32.12 12.92
C PRO H 356 -14.97 -30.99 12.08
N ALA H 357 -15.11 -30.99 10.76
CA ALA H 357 -14.67 -29.83 9.94
C ALA H 357 -13.16 -29.61 9.87
N ILE H 358 -12.39 -30.65 10.14
CA ILE H 358 -10.95 -30.55 10.14
C ILE H 358 -10.37 -30.75 8.76
N ASP H 359 -9.51 -29.84 8.34
CA ASP H 359 -8.66 -30.05 7.16
C ASP H 359 -7.51 -31.01 7.55
N TYR H 360 -7.81 -32.31 7.50
CA TYR H 360 -6.88 -33.34 7.98
C TYR H 360 -5.53 -33.25 7.32
N ASN H 361 -5.49 -32.69 6.12
CA ASN H 361 -4.26 -32.67 5.35
C ASN H 361 -3.32 -31.57 5.76
N ARG H 362 -3.88 -30.44 6.18
CA ARG H 362 -3.07 -29.29 6.60
C ARG H 362 -2.83 -29.25 8.12
N SER H 363 -3.25 -30.29 8.82
CA SER H 363 -3.05 -30.35 10.25
C SER H 363 -1.89 -31.28 10.56
N GLY H 364 -1.36 -31.19 11.77
CA GLY H 364 -0.27 -32.04 12.19
C GLY H 364 0.42 -31.48 13.42
N THR H 365 1.23 -32.30 14.10
CA THR H 365 2.09 -31.79 15.16
C THR H 365 3.58 -32.15 15.00
N ARG H 366 4.45 -31.27 15.45
CA ARG H 366 5.89 -31.46 15.28
C ARG H 366 6.35 -32.54 16.24
N LYS H 367 7.30 -33.35 15.79
CA LYS H 367 7.85 -34.43 16.60
C LYS H 367 6.76 -35.32 17.22
N GLU H 368 5.72 -35.58 16.42
CA GLU H 368 4.67 -36.55 16.76
C GLU H 368 5.21 -37.80 17.43
N GLU H 369 6.35 -38.29 16.93
CA GLU H 369 6.98 -39.50 17.45
C GLU H 369 7.25 -39.49 18.95
N LEU H 370 7.44 -38.32 19.53
CA LEU H 370 7.61 -38.28 20.97
C LEU H 370 6.27 -38.32 21.70
N LEU H 371 5.18 -38.30 20.96
CA LEU H 371 3.84 -38.29 21.55
C LEU H 371 3.04 -39.52 21.16
N THR H 372 3.74 -40.54 20.66
CA THR H 372 3.09 -41.78 20.20
C THR H 372 4.01 -42.99 20.38
N THR H 373 3.42 -44.18 20.21
CA THR H 373 4.19 -45.41 20.03
C THR H 373 4.45 -45.65 18.55
N GLN H 374 5.48 -46.43 18.24
CA GLN H 374 5.91 -46.64 16.85
C GLN H 374 4.77 -47.13 15.98
N GLU H 375 3.96 -48.04 16.52
CA GLU H 375 2.81 -48.59 15.80
C GLU H 375 1.80 -47.48 15.54
N GLU H 376 1.50 -46.70 16.57
CA GLU H 376 0.50 -45.63 16.46
C GLU H 376 0.84 -44.59 15.40
N LEU H 377 2.10 -44.17 15.37
CA LEU H 377 2.58 -43.28 14.32
C LEU H 377 2.33 -43.90 12.93
N GLN H 378 2.88 -45.09 12.72
CA GLN H 378 2.70 -45.82 11.47
C GLN H 378 1.25 -45.89 11.03
N LYS H 379 0.39 -46.40 11.90
CA LYS H 379 -1.05 -46.27 11.71
C LYS H 379 -1.43 -44.89 11.16
N MET H 380 -1.10 -43.84 11.92
CA MET H 380 -1.42 -42.48 11.53
C MET H 380 -0.86 -42.14 10.17
N TRP H 381 0.37 -42.61 9.88
CA TRP H 381 1.01 -42.27 8.62
C TRP H 381 0.46 -43.03 7.43
N ILE H 382 0.00 -44.27 7.65
CA ILE H 382 -0.77 -44.94 6.62
C ILE H 382 -2.03 -44.12 6.42
N LEU H 383 -2.81 -43.94 7.49
CA LEU H 383 -4.01 -43.10 7.41
C LEU H 383 -3.73 -41.84 6.60
N ARG H 384 -2.66 -41.15 6.99
CA ARG H 384 -2.23 -39.89 6.39
C ARG H 384 -2.01 -40.00 4.88
N LYS H 385 -1.35 -41.07 4.46
CA LYS H 385 -1.04 -41.25 3.04
C LYS H 385 -2.25 -41.60 2.17
N ILE H 386 -3.26 -42.25 2.76
CA ILE H 386 -4.49 -42.62 2.03
C ILE H 386 -5.39 -41.40 1.79
N ILE H 387 -5.08 -40.28 2.45
CA ILE H 387 -5.94 -39.09 2.38
C ILE H 387 -5.29 -37.88 1.69
N HIS H 388 -3.96 -37.88 1.60
CA HIS H 388 -3.19 -36.81 0.95
C HIS H 388 -3.84 -36.28 -0.34
N PRO H 389 -4.16 -37.17 -1.29
CA PRO H 389 -4.68 -36.73 -2.59
C PRO H 389 -6.17 -36.40 -2.57
N MET H 390 -6.87 -36.70 -1.47
CA MET H 390 -8.29 -36.38 -1.34
C MET H 390 -8.53 -34.88 -1.11
N GLY H 391 -9.73 -34.41 -1.46
CA GLY H 391 -10.15 -33.06 -1.12
C GLY H 391 -10.39 -32.92 0.37
N GLU H 392 -10.53 -31.68 0.84
CA GLU H 392 -10.89 -31.42 2.24
C GLU H 392 -12.17 -32.15 2.66
N ILE H 393 -13.27 -31.89 1.95
CA ILE H 393 -14.57 -32.52 2.24
C ILE H 393 -14.46 -34.03 2.19
N ASP H 394 -13.95 -34.54 1.07
CA ASP H 394 -13.73 -35.97 0.87
C ASP H 394 -13.05 -36.56 2.11
N ALA H 395 -11.87 -36.05 2.44
CA ALA H 395 -11.02 -36.58 3.50
C ALA H 395 -11.74 -36.78 4.84
N MET H 396 -12.67 -35.89 5.17
CA MET H 396 -13.34 -35.93 6.47
C MET H 396 -14.42 -37.00 6.52
N GLU H 397 -15.26 -37.01 5.48
CA GLU H 397 -16.29 -38.03 5.34
C GLU H 397 -15.67 -39.43 5.29
N PHE H 398 -14.53 -39.55 4.63
CA PHE H 398 -13.81 -40.81 4.53
C PHE H 398 -13.38 -41.29 5.89
N LEU H 399 -12.96 -40.36 6.74
CA LEU H 399 -12.39 -40.70 8.03
C LEU H 399 -13.46 -40.85 9.10
N ILE H 400 -14.48 -40.00 9.06
CA ILE H 400 -15.63 -40.15 9.94
C ILE H 400 -16.28 -41.53 9.77
N ASN H 401 -16.54 -41.92 8.52
CA ASN H 401 -17.14 -43.22 8.22
C ASN H 401 -16.42 -44.34 8.94
N LYS H 402 -15.12 -44.47 8.67
CA LYS H 402 -14.30 -45.48 9.33
C LYS H 402 -14.31 -45.32 10.85
N LEU H 403 -14.22 -44.08 11.34
CA LEU H 403 -14.11 -43.84 12.77
C LEU H 403 -15.43 -43.95 13.54
N ALA H 404 -16.55 -43.76 12.84
CA ALA H 404 -17.89 -43.85 13.47
C ALA H 404 -18.24 -45.27 13.89
N MET H 405 -17.36 -46.22 13.56
CA MET H 405 -17.53 -47.63 13.92
C MET H 405 -17.20 -47.90 15.40
N THR H 406 -16.03 -47.42 15.87
CA THR H 406 -15.73 -47.19 17.32
C THR H 406 -14.31 -46.70 17.57
N LYS H 407 -13.99 -46.53 18.87
CA LYS H 407 -12.66 -46.13 19.37
C LYS H 407 -11.42 -46.38 18.47
N THR H 408 -10.61 -45.33 18.27
CA THR H 408 -9.51 -45.30 17.29
C THR H 408 -8.64 -46.55 17.21
N ASN H 409 -8.46 -47.26 18.32
CA ASN H 409 -7.69 -48.50 18.25
C ASN H 409 -8.49 -49.67 17.70
N ASP H 410 -9.81 -49.65 17.90
CA ASP H 410 -10.70 -50.63 17.27
C ASP H 410 -10.65 -50.55 15.74
N ASP H 411 -10.73 -49.33 15.19
CA ASP H 411 -10.60 -49.13 13.74
C ASP H 411 -9.21 -49.55 13.22
N PHE H 412 -8.17 -49.13 13.93
CA PHE H 412 -6.78 -49.51 13.62
C PHE H 412 -6.64 -51.03 13.60
N PHE H 413 -7.05 -51.68 14.70
CA PHE H 413 -6.89 -53.11 14.89
C PHE H 413 -7.62 -53.94 13.82
N GLU H 414 -8.88 -53.60 13.57
CA GLU H 414 -9.70 -54.34 12.60
C GLU H 414 -9.13 -54.30 11.19
N MET H 415 -8.71 -53.12 10.75
CA MET H 415 -8.17 -52.96 9.41
C MET H 415 -6.87 -53.75 9.20
N MET H 416 -6.07 -53.84 10.25
CA MET H 416 -4.78 -54.53 10.17
C MET H 416 -4.97 -56.04 10.30
N LYS H 417 -4.03 -56.71 10.99
CA LYS H 417 -4.11 -58.14 11.25
C LYS H 417 -3.47 -58.51 12.58
N MET I 1 33.46 -17.84 42.01
CA MET I 1 34.64 -18.59 41.49
C MET I 1 35.19 -17.98 40.19
N ASN I 2 34.77 -18.54 39.06
CA ASN I 2 35.06 -17.98 37.75
C ASN I 2 33.73 -17.80 37.01
N LEU I 3 33.49 -16.59 36.49
CA LEU I 3 32.17 -16.20 35.98
C LEU I 3 31.56 -17.21 35.00
N THR I 4 32.38 -17.74 34.10
CA THR I 4 31.94 -18.70 33.09
C THR I 4 31.52 -20.03 33.72
N GLU I 5 32.31 -20.49 34.68
CA GLU I 5 32.01 -21.72 35.41
C GLU I 5 30.69 -21.58 36.16
N LEU I 6 30.51 -20.41 36.81
CA LEU I 6 29.33 -20.06 37.59
C LEU I 6 28.06 -20.05 36.75
N LYS I 7 28.17 -19.59 35.50
CA LYS I 7 27.00 -19.48 34.65
C LYS I 7 26.83 -20.66 33.69
N ASN I 8 27.73 -21.63 33.80
CA ASN I 8 27.57 -22.94 33.15
C ASN I 8 27.16 -24.06 34.14
N THR I 9 26.62 -23.69 35.30
CA THR I 9 26.10 -24.66 36.26
C THR I 9 24.59 -24.51 36.47
N PRO I 10 23.87 -25.64 36.56
CA PRO I 10 22.42 -25.61 36.78
C PRO I 10 21.98 -24.67 37.90
N VAL I 11 20.77 -24.15 37.77
CA VAL I 11 20.25 -23.12 38.68
C VAL I 11 20.12 -23.62 40.13
N SER I 12 19.66 -24.85 40.30
CA SER I 12 19.55 -25.45 41.64
C SER I 12 20.90 -25.47 42.35
N GLU I 13 21.92 -25.93 41.63
CA GLU I 13 23.30 -25.92 42.14
C GLU I 13 23.70 -24.53 42.60
N LEU I 14 23.27 -23.52 41.85
CA LEU I 14 23.65 -22.13 42.11
C LEU I 14 22.96 -21.62 43.35
N ILE I 15 21.68 -21.97 43.50
CA ILE I 15 20.98 -21.62 44.71
C ILE I 15 21.63 -22.31 45.92
N THR I 16 21.93 -23.61 45.80
CA THR I 16 22.60 -24.36 46.87
C THR I 16 23.90 -23.66 47.30
N LEU I 17 24.81 -23.51 46.34
CA LEU I 17 26.01 -22.69 46.47
C LEU I 17 25.73 -21.37 47.18
N GLY I 18 24.77 -20.62 46.65
CA GLY I 18 24.46 -19.29 47.16
C GLY I 18 23.87 -19.24 48.56
N GLU I 19 22.91 -20.12 48.84
CA GLU I 19 22.30 -20.22 50.16
C GLU I 19 23.40 -20.45 51.18
N ASN I 20 24.30 -21.37 50.84
CA ASN I 20 25.42 -21.73 51.70
C ASN I 20 26.56 -20.73 51.56
N MET I 21 26.20 -19.46 51.49
CA MET I 21 27.12 -18.35 51.61
C MET I 21 26.46 -17.25 52.46
N GLY I 22 25.27 -17.57 52.98
CA GLY I 22 24.50 -16.65 53.80
C GLY I 22 23.50 -15.82 53.01
N LEU I 23 23.22 -16.24 51.78
CA LEU I 23 22.36 -15.47 50.86
C LEU I 23 20.90 -15.93 50.88
N GLU I 24 20.04 -15.05 51.38
CA GLU I 24 18.63 -15.37 51.59
C GLU I 24 17.85 -15.30 50.28
N ASN I 25 16.52 -15.42 50.37
CA ASN I 25 15.61 -15.34 49.23
C ASN I 25 16.30 -15.02 47.91
N LEU I 26 16.54 -16.04 47.10
CA LEU I 26 16.99 -15.87 45.72
C LEU I 26 16.53 -17.02 44.81
N ALA I 27 15.69 -17.90 45.36
CA ALA I 27 15.16 -19.04 44.62
C ALA I 27 14.27 -18.61 43.46
N ARG I 28 13.68 -17.42 43.56
CA ARG I 28 12.77 -16.94 42.55
C ARG I 28 13.42 -15.85 41.72
N MET I 29 14.74 -15.73 41.86
CA MET I 29 15.52 -14.80 41.05
C MET I 29 15.83 -15.35 39.64
N ARG I 30 15.99 -14.46 38.66
CA ARG I 30 16.52 -14.91 37.37
C ARG I 30 17.96 -15.38 37.57
N LYS I 31 18.34 -16.43 36.86
CA LYS I 31 19.64 -17.06 37.03
C LYS I 31 20.76 -16.05 37.12
N GLN I 32 20.81 -15.14 36.14
CA GLN I 32 21.85 -14.13 36.08
C GLN I 32 21.88 -13.23 37.32
N ASP I 33 20.70 -12.83 37.82
CA ASP I 33 20.61 -12.13 39.10
C ASP I 33 21.19 -12.97 40.25
N ILE I 34 20.95 -14.28 40.21
CA ILE I 34 21.57 -15.20 41.16
C ILE I 34 23.10 -15.17 41.03
N ILE I 35 23.59 -15.38 39.81
CA ILE I 35 25.03 -15.31 39.54
C ILE I 35 25.62 -14.01 40.12
N PHE I 36 24.93 -12.89 39.89
CA PHE I 36 25.40 -11.59 40.38
C PHE I 36 25.56 -11.57 41.89
N ALA I 37 24.61 -12.20 42.59
CA ALA I 37 24.62 -12.31 44.03
C ALA I 37 25.80 -13.13 44.52
N ILE I 38 26.03 -14.27 43.87
CA ILE I 38 27.11 -15.16 44.26
C ILE I 38 28.49 -14.50 44.10
N LEU I 39 28.67 -13.74 43.01
CA LEU I 39 29.89 -12.94 42.83
C LEU I 39 30.02 -11.87 43.92
N LYS I 40 29.09 -10.92 43.91
CA LYS I 40 29.06 -9.81 44.85
C LYS I 40 29.27 -10.29 46.31
N GLN I 41 28.80 -11.49 46.61
CA GLN I 41 28.98 -12.09 47.92
C GLN I 41 30.31 -12.84 48.06
N HIS I 42 30.85 -13.32 46.93
CA HIS I 42 32.17 -13.96 46.95
C HIS I 42 33.32 -12.94 46.96
N ALA I 43 32.96 -11.65 46.89
CA ALA I 43 33.92 -10.56 47.06
C ALA I 43 34.55 -10.53 48.46
N LYS I 44 35.04 -11.69 48.91
CA LYS I 44 35.75 -11.85 50.17
C LYS I 44 37.24 -12.07 49.88
N SER I 45 37.57 -13.22 49.29
CA SER I 45 38.93 -13.51 48.81
C SER I 45 39.28 -12.73 47.52
N GLY I 46 39.80 -11.52 47.69
CA GLY I 46 40.03 -10.59 46.59
C GLY I 46 41.20 -10.96 45.69
N GLU I 47 40.90 -11.08 44.38
CA GLU I 47 41.87 -11.46 43.32
C GLU I 47 41.65 -12.91 42.83
N ASP I 48 40.48 -13.45 43.15
CA ASP I 48 40.09 -14.78 42.67
C ASP I 48 39.21 -14.74 41.43
N ILE I 49 38.31 -13.76 41.34
CA ILE I 49 37.29 -13.78 40.29
C ILE I 49 37.84 -13.51 38.89
N PHE I 50 37.76 -14.53 38.04
CA PHE I 50 38.05 -14.41 36.61
C PHE I 50 36.77 -14.15 35.84
N GLY I 51 36.88 -13.58 34.65
CA GLY I 51 35.71 -13.33 33.82
C GLY I 51 36.02 -13.34 32.34
N ASP I 52 34.98 -13.45 31.52
CA ASP I 52 35.17 -13.49 30.08
C ASP I 52 33.90 -13.26 29.29
N GLY I 53 34.08 -12.95 28.01
CA GLY I 53 32.99 -12.82 27.08
C GLY I 53 33.36 -12.07 25.82
N VAL I 54 32.36 -11.85 24.99
CA VAL I 54 32.55 -11.16 23.73
C VAL I 54 32.22 -9.69 23.92
N LEU I 55 33.09 -8.82 23.44
CA LEU I 55 32.94 -7.40 23.65
C LEU I 55 31.91 -6.78 22.70
N GLU I 56 31.01 -5.99 23.26
CA GLU I 56 30.19 -5.09 22.47
C GLU I 56 30.45 -3.68 22.95
N ILE I 57 31.04 -2.85 22.08
CA ILE I 57 31.30 -1.46 22.40
C ILE I 57 30.04 -0.64 22.11
N LEU I 58 29.46 -0.06 23.15
CA LEU I 58 28.26 0.73 23.02
C LEU I 58 28.58 2.13 22.48
N GLN I 59 27.54 2.90 22.19
CA GLN I 59 27.69 4.19 21.50
C GLN I 59 28.57 5.19 22.27
N ASP I 60 28.51 5.17 23.59
CA ASP I 60 29.25 6.12 24.43
C ASP I 60 30.77 5.88 24.52
N GLY I 61 31.22 4.69 24.16
CA GLY I 61 32.63 4.37 24.13
C GLY I 61 33.09 3.29 25.11
N PHE I 62 32.27 2.98 26.11
CA PHE I 62 32.56 1.86 26.99
C PHE I 62 31.97 0.59 26.36
N GLY I 63 32.39 -0.57 26.86
CA GLY I 63 31.88 -1.83 26.34
C GLY I 63 31.39 -2.79 27.39
N PHE I 64 30.93 -3.95 26.92
CA PHE I 64 30.51 -5.02 27.80
C PHE I 64 30.94 -6.35 27.25
N LEU I 65 31.65 -7.09 28.08
CA LEU I 65 31.84 -8.50 27.82
C LEU I 65 30.52 -9.21 28.03
N ARG I 66 29.96 -9.72 26.95
CA ARG I 66 28.66 -10.35 26.99
C ARG I 66 28.90 -11.82 26.74
N SER I 67 28.00 -12.66 27.23
CA SER I 67 28.30 -14.09 27.30
C SER I 67 27.46 -14.97 26.38
N ALA I 68 28.15 -15.84 25.65
CA ALA I 68 27.55 -16.69 24.63
C ALA I 68 26.41 -17.53 25.18
N ASP I 69 26.51 -17.88 26.46
CA ASP I 69 25.58 -18.84 27.02
C ASP I 69 24.20 -18.25 27.27
N SER I 70 24.09 -16.92 27.30
CA SER I 70 22.77 -16.29 27.32
C SER I 70 22.45 -15.73 25.97
N SER I 71 23.17 -16.23 24.96
CA SER I 71 23.08 -15.72 23.59
C SER I 71 23.27 -14.21 23.57
N TYR I 72 24.36 -13.75 24.20
CA TYR I 72 24.76 -12.34 24.26
C TYR I 72 23.67 -11.36 24.71
N LEU I 73 22.65 -11.86 25.42
CA LEU I 73 21.62 -11.01 26.01
C LEU I 73 22.20 -10.24 27.17
N ALA I 74 22.17 -8.91 27.05
CA ALA I 74 22.58 -8.01 28.14
C ALA I 74 22.00 -8.45 29.49
N GLY I 75 22.85 -8.43 30.53
CA GLY I 75 22.48 -8.96 31.82
C GLY I 75 23.26 -8.42 33.00
N PRO I 76 22.68 -8.57 34.20
CA PRO I 76 23.27 -7.98 35.41
C PRO I 76 24.72 -8.40 35.54
N ASP I 77 25.05 -9.56 34.98
CA ASP I 77 26.37 -10.14 35.14
C ASP I 77 27.24 -10.00 33.88
N ASP I 78 27.10 -8.88 33.19
CA ASP I 78 28.00 -8.53 32.09
C ASP I 78 29.14 -7.65 32.59
N ILE I 79 30.33 -7.88 32.06
CA ILE I 79 31.53 -7.27 32.56
C ILE I 79 31.78 -5.95 31.85
N TYR I 80 31.74 -4.86 32.62
CA TYR I 80 31.97 -3.51 32.08
C TYR I 80 33.42 -3.33 31.68
N VAL I 81 33.64 -3.00 30.39
CA VAL I 81 34.98 -2.65 29.92
C VAL I 81 35.07 -1.15 29.66
N SER I 82 36.07 -0.52 30.29
CA SER I 82 36.25 0.93 30.26
C SER I 82 36.75 1.43 28.90
N PRO I 83 36.31 2.63 28.51
CA PRO I 83 36.81 3.31 27.31
C PRO I 83 38.34 3.32 27.22
N SER I 84 39.00 3.46 28.37
CA SER I 84 40.46 3.50 28.41
C SER I 84 41.07 2.12 28.12
N GLN I 85 40.42 1.07 28.62
CA GLN I 85 40.86 -0.30 28.39
C GLN I 85 40.72 -0.68 26.92
N ILE I 86 39.71 -0.10 26.25
CA ILE I 86 39.50 -0.33 24.82
C ILE I 86 40.60 0.36 24.02
N ARG I 87 40.97 1.56 24.46
CA ARG I 87 41.97 2.37 23.77
C ARG I 87 43.37 1.82 23.95
N ARG I 88 43.68 1.34 25.16
CA ARG I 88 44.98 0.75 25.47
C ARG I 88 45.27 -0.52 24.63
N PHE I 89 44.22 -1.26 24.30
CA PHE I 89 44.39 -2.57 23.66
C PHE I 89 43.96 -2.67 22.21
N ASN I 90 43.49 -1.56 21.64
CA ASN I 90 42.99 -1.55 20.27
C ASN I 90 41.68 -2.36 20.15
N LEU I 91 41.01 -2.56 21.29
CA LEU I 91 39.87 -3.48 21.39
C LEU I 91 38.77 -3.10 20.41
N ARG I 92 38.01 -4.11 19.98
CA ARG I 92 36.97 -3.91 18.99
C ARG I 92 35.82 -4.83 19.31
N THR I 93 34.59 -4.39 19.01
CA THR I 93 33.42 -5.20 19.29
C THR I 93 33.49 -6.47 18.46
N GLY I 94 33.23 -7.61 19.11
CA GLY I 94 33.51 -8.91 18.55
C GLY I 94 34.71 -9.59 19.19
N ASP I 95 35.54 -8.85 19.92
CA ASP I 95 36.70 -9.43 20.62
C ASP I 95 36.32 -10.35 21.79
N THR I 96 37.04 -11.46 21.90
CA THR I 96 36.87 -12.41 23.00
C THR I 96 37.86 -12.14 24.15
N ILE I 97 37.35 -11.52 25.22
CA ILE I 97 38.22 -10.99 26.27
C ILE I 97 38.10 -11.72 27.59
N SER I 98 39.24 -12.27 28.03
CA SER I 98 39.37 -12.98 29.30
C SER I 98 40.13 -12.11 30.27
N GLY I 99 40.01 -12.43 31.55
CA GLY I 99 40.91 -11.88 32.56
C GLY I 99 40.39 -12.00 33.98
N LYS I 100 40.70 -10.99 34.78
CA LYS I 100 40.20 -10.88 36.15
C LYS I 100 39.18 -9.75 36.22
N ILE I 101 38.29 -9.80 37.21
CA ILE I 101 37.19 -8.85 37.30
C ILE I 101 36.97 -8.44 38.75
N ARG I 102 36.38 -7.27 38.94
CA ARG I 102 36.18 -6.70 40.27
C ARG I 102 34.74 -6.21 40.48
N PRO I 103 34.25 -6.28 41.72
CA PRO I 103 32.86 -5.95 42.04
C PRO I 103 32.59 -4.47 41.91
N PRO I 104 31.34 -4.08 41.70
CA PRO I 104 30.97 -2.66 41.64
C PRO I 104 31.24 -1.96 42.98
N LYS I 105 31.92 -0.82 42.93
CA LYS I 105 32.07 0.04 44.09
C LYS I 105 30.80 0.89 44.26
N GLU I 106 30.60 1.43 45.47
CA GLU I 106 29.43 2.26 45.78
C GLU I 106 29.14 3.27 44.67
N GLY I 107 28.08 3.03 43.91
CA GLY I 107 27.64 3.96 42.87
C GLY I 107 27.79 3.47 41.42
N GLU I 108 28.24 2.24 41.26
CA GLU I 108 28.26 1.60 39.95
C GLU I 108 27.10 0.61 39.86
N ARG I 109 27.18 -0.33 38.93
CA ARG I 109 26.09 -1.27 38.69
C ARG I 109 26.60 -2.61 38.12
N TYR I 110 27.88 -2.66 37.76
CA TYR I 110 28.44 -3.84 37.11
C TYR I 110 29.77 -4.24 37.69
N PHE I 111 30.03 -5.54 37.72
CA PHE I 111 31.39 -6.03 37.83
C PHE I 111 32.17 -5.48 36.66
N ALA I 112 33.45 -5.24 36.87
CA ALA I 112 34.26 -4.57 35.87
C ALA I 112 35.50 -5.38 35.54
N LEU I 113 35.94 -5.24 34.29
CA LEU I 113 37.19 -5.84 33.87
C LEU I 113 38.32 -5.04 34.50
N LEU I 114 39.07 -5.70 35.37
CA LEU I 114 40.13 -5.06 36.13
C LEU I 114 41.50 -5.37 35.52
N LYS I 115 41.63 -6.58 34.97
CA LYS I 115 42.87 -7.01 34.30
C LYS I 115 42.57 -7.87 33.05
N VAL I 116 43.15 -7.50 31.92
CA VAL I 116 42.97 -8.24 30.66
C VAL I 116 44.08 -9.27 30.46
N ASN I 117 43.71 -10.54 30.34
CA ASN I 117 44.68 -11.62 30.18
C ASN I 117 44.86 -12.09 28.75
N GLU I 118 43.77 -12.52 28.12
CA GLU I 118 43.78 -12.90 26.72
C GLU I 118 42.79 -12.04 25.94
N VAL I 119 43.19 -11.63 24.74
CA VAL I 119 42.30 -11.01 23.78
C VAL I 119 42.38 -11.81 22.49
N ASN I 120 41.25 -12.34 22.05
CA ASN I 120 41.20 -13.27 20.91
C ASN I 120 42.12 -14.49 21.04
N PHE I 121 42.38 -14.92 22.26
CA PHE I 121 43.20 -16.12 22.51
C PHE I 121 44.68 -15.91 22.15
N ASP I 122 45.05 -14.64 21.97
CA ASP I 122 46.43 -14.21 21.78
C ASP I 122 46.77 -13.23 22.88
N LYS I 123 48.02 -12.77 22.94
CA LYS I 123 48.42 -11.78 23.94
C LYS I 123 47.73 -10.42 23.69
N PRO I 124 47.18 -9.82 24.76
CA PRO I 124 46.45 -8.55 24.65
C PRO I 124 47.09 -7.44 23.82
N GLU I 125 48.39 -7.51 23.56
CA GLU I 125 49.06 -6.52 22.73
C GLU I 125 49.64 -7.19 21.48
N ASN I 126 48.78 -7.81 20.67
CA ASN I 126 49.18 -8.50 19.44
C ASN I 126 48.15 -8.41 18.29
N ASN I 129 47.06 -7.24 13.70
CA ASN I 129 45.98 -8.07 13.14
C ASN I 129 44.96 -7.27 12.32
N LYS I 130 45.03 -7.45 11.01
CA LYS I 130 44.34 -6.59 10.03
C LYS I 130 42.87 -6.97 9.82
N ILE I 131 42.03 -5.95 9.62
CA ILE I 131 40.57 -6.07 9.61
C ILE I 131 40.00 -6.99 8.52
N LEU I 132 38.99 -7.79 8.88
CA LEU I 132 38.35 -8.67 7.90
C LEU I 132 38.19 -7.94 6.55
N PHE I 133 37.79 -6.68 6.64
CA PHE I 133 37.23 -5.96 5.51
C PHE I 133 38.29 -5.67 4.46
N GLU I 134 39.56 -5.82 4.84
CA GLU I 134 40.65 -5.63 3.90
C GLU I 134 41.57 -6.84 3.67
N ASN I 135 41.15 -8.01 4.12
CA ASN I 135 41.73 -9.25 3.62
C ASN I 135 41.21 -9.54 2.21
N LEU I 136 42.00 -10.24 1.42
CA LEU I 136 41.62 -10.53 0.04
C LEU I 136 40.77 -11.78 0.02
N THR I 137 40.00 -11.92 -1.03
CA THR I 137 38.93 -12.88 -1.04
C THR I 137 39.00 -13.87 -2.21
N PRO I 138 39.94 -14.83 -2.19
CA PRO I 138 39.82 -15.99 -3.08
C PRO I 138 38.48 -16.71 -3.04
N LEU I 139 38.20 -17.46 -4.11
CA LEU I 139 36.89 -18.02 -4.40
C LEU I 139 36.43 -19.09 -3.43
N HIS I 140 37.27 -19.41 -2.44
CA HIS I 140 36.83 -20.25 -1.32
C HIS I 140 36.86 -21.71 -1.71
N ALA I 141 37.84 -22.05 -2.53
CA ALA I 141 37.90 -23.39 -3.05
C ALA I 141 39.33 -23.96 -3.03
N ASN I 142 40.23 -23.31 -2.32
CA ASN I 142 41.56 -23.88 -2.16
C ASN I 142 41.67 -24.77 -0.92
N SER I 143 40.54 -25.38 -0.53
CA SER I 143 40.50 -26.32 0.62
C SER I 143 39.09 -26.79 0.93
N ARG I 144 38.93 -28.11 1.08
CA ARG I 144 37.62 -28.70 1.18
C ARG I 144 37.21 -29.06 2.60
N LEU I 145 35.90 -29.14 2.84
CA LEU I 145 35.38 -29.70 4.09
C LEU I 145 34.38 -30.83 3.78
N ARG I 146 34.89 -32.06 3.71
CA ARG I 146 34.06 -33.23 3.39
C ARG I 146 33.22 -33.64 4.57
N MET I 147 32.16 -34.40 4.32
CA MET I 147 31.24 -34.83 5.37
C MET I 147 30.84 -36.31 5.24
N GLY I 152 29.58 -45.70 8.48
CA GLY I 152 28.71 -46.16 7.40
C GLY I 152 27.25 -46.20 7.79
N SER I 153 26.86 -45.33 8.72
CA SER I 153 25.47 -45.24 9.18
C SER I 153 24.55 -44.54 8.18
N THR I 154 23.27 -44.46 8.54
CA THR I 154 22.27 -43.82 7.68
C THR I 154 22.13 -42.32 7.99
N GLU I 155 22.72 -41.90 9.11
CA GLU I 155 22.99 -40.48 9.39
C GLU I 155 23.86 -39.93 8.27
N ASP I 156 24.99 -40.61 8.04
CA ASP I 156 25.97 -40.27 7.00
C ASP I 156 25.36 -40.30 5.60
N LEU I 157 24.14 -40.78 5.48
CA LEU I 157 23.44 -40.72 4.20
C LEU I 157 23.37 -39.28 3.70
N THR I 158 22.75 -38.40 4.50
CA THR I 158 22.74 -36.96 4.23
C THR I 158 24.13 -36.43 3.89
N ALA I 159 25.08 -36.64 4.80
CA ALA I 159 26.45 -36.14 4.64
C ALA I 159 27.09 -36.53 3.31
N ARG I 160 26.85 -37.77 2.88
CA ARG I 160 27.36 -38.26 1.60
C ARG I 160 26.64 -37.63 0.39
N VAL I 161 25.30 -37.68 0.40
CA VAL I 161 24.52 -37.08 -0.68
C VAL I 161 24.93 -35.64 -0.90
N LEU I 162 25.24 -34.96 0.20
CA LEU I 162 25.70 -33.58 0.20
C LEU I 162 27.05 -33.43 -0.49
N ASP I 163 27.92 -34.42 -0.32
CA ASP I 163 29.29 -34.30 -0.81
C ASP I 163 29.42 -34.48 -2.32
N LEU I 164 28.36 -35.00 -2.94
CA LEU I 164 28.34 -35.19 -4.38
C LEU I 164 27.54 -34.08 -5.07
N ALA I 165 26.51 -33.59 -4.38
CA ALA I 165 25.67 -32.50 -4.87
C ALA I 165 26.30 -31.11 -4.69
N SER I 166 26.81 -30.84 -3.48
CA SER I 166 27.15 -29.47 -3.08
C SER I 166 28.40 -29.37 -2.19
N PRO I 167 29.56 -29.73 -2.74
CA PRO I 167 30.82 -29.64 -1.97
C PRO I 167 30.99 -28.30 -1.25
N ILE I 168 31.14 -28.38 0.07
CA ILE I 168 31.43 -27.20 0.87
C ILE I 168 32.93 -27.08 1.02
N GLY I 169 33.44 -25.87 0.84
CA GLY I 169 34.84 -25.60 1.08
C GLY I 169 35.03 -24.55 2.13
N ARG I 170 36.24 -24.46 2.67
CA ARG I 170 36.54 -23.46 3.68
C ARG I 170 36.26 -22.12 3.06
N GLY I 171 35.26 -21.43 3.59
CA GLY I 171 34.90 -20.11 3.09
C GLY I 171 33.69 -20.04 2.14
N GLN I 172 32.82 -21.04 2.18
CA GLN I 172 31.64 -21.03 1.32
C GLN I 172 30.60 -20.04 1.81
N ARG I 173 29.87 -19.50 0.85
CA ARG I 173 28.63 -18.81 1.08
C ARG I 173 27.57 -19.72 0.50
N GLY I 174 27.09 -20.65 1.32
CA GLY I 174 26.11 -21.59 0.88
C GLY I 174 24.72 -21.13 1.23
N LEU I 175 23.75 -21.53 0.43
CA LEU I 175 22.36 -21.20 0.70
C LEU I 175 21.56 -22.50 0.72
N ILE I 176 20.94 -22.84 1.85
CA ILE I 176 20.04 -24.00 1.89
C ILE I 176 18.62 -23.52 1.66
N VAL I 177 18.11 -23.73 0.47
CA VAL I 177 16.78 -23.29 0.13
C VAL I 177 15.88 -24.42 0.56
N ALA I 178 14.94 -24.11 1.45
CA ALA I 178 14.10 -25.15 2.01
C ALA I 178 12.66 -24.70 2.13
N PRO I 179 11.75 -25.58 1.73
CA PRO I 179 10.33 -25.49 2.10
C PRO I 179 10.13 -25.95 3.53
N PRO I 180 8.94 -25.76 4.09
CA PRO I 180 8.62 -26.29 5.41
C PRO I 180 8.66 -27.84 5.50
N LYS I 181 8.67 -28.36 6.73
CA LYS I 181 8.86 -29.79 7.02
C LYS I 181 9.62 -30.60 5.94
N ALA I 182 10.72 -30.06 5.45
CA ALA I 182 11.51 -30.75 4.44
C ALA I 182 12.85 -31.30 4.97
N GLY I 183 13.02 -31.21 6.29
CA GLY I 183 14.19 -31.77 6.97
C GLY I 183 15.41 -30.88 7.02
N LYS I 184 15.20 -29.56 7.06
CA LYS I 184 16.28 -28.59 7.11
C LYS I 184 16.99 -28.54 8.46
N THR I 185 16.22 -28.67 9.54
CA THR I 185 16.77 -28.66 10.90
C THR I 185 17.67 -29.87 11.11
N MET I 186 17.24 -31.01 10.59
CA MET I 186 18.04 -32.20 10.76
C MET I 186 19.23 -32.21 9.82
N LEU I 187 19.09 -31.59 8.65
CA LEU I 187 20.24 -31.34 7.78
C LEU I 187 21.24 -30.45 8.48
N LEU I 188 20.76 -29.34 9.04
CA LEU I 188 21.62 -28.44 9.79
C LEU I 188 22.36 -29.23 10.85
N GLN I 189 21.62 -30.08 11.56
CA GLN I 189 22.18 -30.83 12.66
C GLN I 189 23.23 -31.81 12.15
N ASN I 190 23.00 -32.31 10.95
CA ASN I 190 23.90 -33.26 10.32
C ASN I 190 25.24 -32.67 9.86
N ILE I 191 25.23 -31.45 9.34
CA ILE I 191 26.44 -30.73 8.95
C ILE I 191 27.21 -30.38 10.22
N ALA I 192 26.47 -29.94 11.23
CA ALA I 192 27.06 -29.58 12.51
C ALA I 192 27.86 -30.76 13.01
N GLN I 193 27.24 -31.94 13.06
CA GLN I 193 27.89 -33.14 13.59
C GLN I 193 29.04 -33.59 12.68
N SER I 194 28.83 -33.51 11.38
CA SER I 194 29.87 -33.81 10.41
C SER I 194 31.10 -32.87 10.50
N ILE I 195 30.89 -31.62 10.94
CA ILE I 195 31.99 -30.66 11.03
C ILE I 195 32.82 -30.82 12.30
N ALA I 196 32.15 -31.13 13.42
CA ALA I 196 32.83 -31.27 14.69
C ALA I 196 33.72 -32.51 14.64
N TYR I 197 33.08 -33.66 14.43
CA TYR I 197 33.74 -34.96 14.27
C TYR I 197 34.84 -34.95 13.18
N ASN I 198 34.62 -34.21 12.10
CA ASN I 198 35.46 -34.29 10.90
C ASN I 198 36.46 -33.13 10.71
N HIS I 199 36.14 -31.96 11.25
CA HIS I 199 37.04 -30.81 11.16
C HIS I 199 37.10 -30.05 12.50
N PRO I 200 37.55 -30.70 13.57
CA PRO I 200 37.56 -30.10 14.91
C PRO I 200 38.34 -28.79 14.97
N ASP I 201 39.21 -28.58 13.99
CA ASP I 201 40.03 -27.38 13.90
C ASP I 201 39.22 -26.16 13.49
N CYS I 202 38.05 -26.39 12.93
CA CYS I 202 37.17 -25.29 12.55
C CYS I 202 36.34 -24.85 13.73
N VAL I 203 36.23 -23.54 13.92
CA VAL I 203 35.36 -22.97 14.93
C VAL I 203 33.92 -22.99 14.43
N LEU I 204 33.06 -23.76 15.10
CA LEU I 204 31.66 -23.89 14.70
C LEU I 204 30.72 -23.05 15.55
N MET I 205 30.06 -22.10 14.91
CA MET I 205 29.00 -21.32 15.55
C MET I 205 27.69 -21.55 14.82
N VAL I 206 26.67 -22.01 15.54
CA VAL I 206 25.35 -22.21 14.96
C VAL I 206 24.45 -21.09 15.45
N LEU I 207 23.85 -20.36 14.53
CA LEU I 207 23.10 -19.17 14.87
C LEU I 207 21.66 -19.34 14.46
N LEU I 208 20.74 -19.31 15.42
CA LEU I 208 19.30 -19.55 15.20
C LEU I 208 18.47 -18.30 15.43
N ILE I 209 17.71 -17.88 14.42
CA ILE I 209 16.94 -16.63 14.52
C ILE I 209 15.43 -16.90 14.55
N ASP I 210 14.73 -16.33 15.53
CA ASP I 210 13.27 -16.45 15.57
C ASP I 210 12.79 -17.91 15.76
N GLU I 211 13.40 -18.61 16.70
CA GLU I 211 13.20 -20.03 16.87
C GLU I 211 12.22 -20.31 18.02
N ARG I 212 11.58 -21.46 17.96
CA ARG I 212 10.81 -21.98 19.08
C ARG I 212 11.79 -22.36 20.21
N PRO I 213 11.45 -22.00 21.47
CA PRO I 213 12.30 -22.24 22.64
C PRO I 213 12.85 -23.65 22.81
N GLU I 214 12.00 -24.66 22.67
CA GLU I 214 12.46 -26.03 22.76
C GLU I 214 13.35 -26.40 21.58
N GLU I 215 13.16 -25.72 20.46
CA GLU I 215 13.97 -26.00 19.30
C GLU I 215 15.41 -25.61 19.58
N VAL I 216 15.57 -24.53 20.35
CA VAL I 216 16.87 -24.04 20.79
C VAL I 216 17.58 -25.11 21.61
N THR I 217 16.91 -25.55 22.68
CA THR I 217 17.47 -26.53 23.60
C THR I 217 17.95 -27.80 22.91
N GLU I 218 17.19 -28.24 21.91
CA GLU I 218 17.52 -29.47 21.23
C GLU I 218 18.85 -29.24 20.54
N MET I 219 18.97 -28.10 19.86
CA MET I 219 20.16 -27.80 19.09
C MET I 219 21.31 -27.57 20.04
N GLN I 220 21.03 -26.85 21.12
CA GLN I 220 22.04 -26.51 22.13
C GLN I 220 22.69 -27.79 22.69
N ARG I 221 21.99 -28.91 22.57
CA ARG I 221 22.47 -30.14 23.18
C ARG I 221 23.09 -31.13 22.19
N LEU I 222 22.88 -30.93 20.89
CA LEU I 222 23.51 -31.80 19.90
C LEU I 222 24.83 -31.24 19.40
N VAL I 223 24.91 -29.92 19.23
CA VAL I 223 26.02 -29.33 18.49
C VAL I 223 27.26 -29.17 19.36
N LYS I 224 28.38 -29.74 18.90
CA LYS I 224 29.67 -29.50 19.53
C LYS I 224 30.18 -28.18 19.01
N GLY I 225 29.92 -27.12 19.77
CA GLY I 225 30.25 -25.77 19.33
C GLY I 225 29.34 -24.71 19.93
N GLU I 226 29.46 -23.48 19.46
CA GLU I 226 28.67 -22.39 19.99
C GLU I 226 27.28 -22.36 19.39
N VAL I 227 26.28 -22.50 20.23
CA VAL I 227 24.89 -22.35 19.81
C VAL I 227 24.22 -21.19 20.51
N VAL I 228 24.03 -20.16 19.69
CA VAL I 228 23.43 -18.92 20.05
C VAL I 228 22.11 -18.84 19.31
N ALA I 229 21.07 -18.37 19.98
CA ALA I 229 19.79 -18.27 19.34
C ALA I 229 19.02 -17.10 19.86
N SER I 230 17.99 -16.70 19.14
CA SER I 230 17.00 -15.82 19.72
C SER I 230 15.60 -16.34 19.38
N THR I 231 14.69 -16.36 20.36
CA THR I 231 13.39 -16.95 20.12
C THR I 231 12.36 -15.98 19.56
N PHE I 232 11.30 -16.53 18.97
CA PHE I 232 10.22 -15.68 18.45
C PHE I 232 9.59 -14.83 19.54
N ASP I 233 9.89 -15.11 20.78
CA ASP I 233 9.28 -14.23 21.75
C ASP I 233 10.13 -12.95 22.00
N GLU I 234 11.40 -12.98 21.62
CA GLU I 234 12.21 -11.76 21.75
C GLU I 234 11.97 -10.76 20.59
N PRO I 235 12.15 -9.47 20.84
CA PRO I 235 12.03 -8.41 19.81
C PRO I 235 12.93 -8.56 18.57
N ALA I 236 12.48 -8.02 17.44
CA ALA I 236 13.33 -7.91 16.25
C ALA I 236 14.71 -7.39 16.56
N SER I 237 14.76 -6.34 17.41
CA SER I 237 16.03 -5.75 17.85
C SER I 237 16.93 -6.83 18.38
N ARG I 238 16.35 -7.72 19.17
CA ARG I 238 17.11 -8.80 19.73
C ARG I 238 17.65 -9.75 18.65
N HIS I 239 16.83 -10.10 17.65
CA HIS I 239 17.29 -10.94 16.55
C HIS I 239 18.47 -10.26 15.87
N VAL I 240 18.38 -8.96 15.72
CA VAL I 240 19.44 -8.23 15.08
C VAL I 240 20.68 -8.29 15.97
N GLN I 241 20.51 -8.04 17.27
CA GLN I 241 21.62 -8.04 18.24
C GLN I 241 22.44 -9.34 18.14
N VAL I 242 21.76 -10.47 18.20
CA VAL I 242 22.46 -11.74 18.27
C VAL I 242 23.28 -12.02 17.03
N ALA I 243 22.70 -11.70 15.88
CA ALA I 243 23.36 -12.01 14.62
C ALA I 243 24.58 -11.12 14.43
N GLU I 244 24.43 -9.84 14.74
CA GLU I 244 25.53 -8.88 14.67
C GLU I 244 26.70 -9.26 15.61
N MET I 245 26.39 -9.71 16.82
CA MET I 245 27.44 -10.19 17.74
C MET I 245 28.17 -11.43 17.25
N VAL I 246 27.41 -12.39 16.73
CA VAL I 246 27.99 -13.60 16.18
C VAL I 246 28.89 -13.26 15.00
N ILE I 247 28.39 -12.54 14.00
CA ILE I 247 29.22 -12.25 12.83
C ILE I 247 30.51 -11.52 13.22
N GLU I 248 30.42 -10.57 14.15
CA GLU I 248 31.57 -9.78 14.52
C GLU I 248 32.66 -10.63 15.15
N LYS I 249 32.29 -11.41 16.18
CA LYS I 249 33.13 -12.45 16.71
C LYS I 249 33.75 -13.31 15.61
N ALA I 250 32.94 -13.73 14.63
CA ALA I 250 33.45 -14.56 13.53
C ALA I 250 34.61 -13.87 12.82
N LYS I 251 34.35 -12.66 12.36
CA LYS I 251 35.34 -11.87 11.65
C LYS I 251 36.59 -11.78 12.50
N ARG I 252 36.41 -11.60 13.81
CA ARG I 252 37.53 -11.41 14.73
C ARG I 252 38.47 -12.63 14.79
N LEU I 253 37.89 -13.82 14.74
CA LEU I 253 38.64 -15.08 14.72
C LEU I 253 39.40 -15.32 13.38
N VAL I 254 38.81 -14.89 12.27
CA VAL I 254 39.43 -15.00 10.96
C VAL I 254 40.66 -14.05 10.87
N GLU I 255 40.59 -12.93 11.57
CA GLU I 255 41.70 -12.00 11.62
C GLU I 255 42.84 -12.62 12.37
N HIS I 256 42.53 -13.76 13.01
CA HIS I 256 43.56 -14.58 13.65
C HIS I 256 43.76 -15.91 12.90
N LYS I 257 43.46 -15.88 11.60
CA LYS I 257 43.78 -16.98 10.69
C LYS I 257 43.00 -18.27 10.94
N LYS I 258 41.91 -18.17 11.68
CA LYS I 258 41.10 -19.34 12.01
C LYS I 258 40.02 -19.58 10.96
N ASP I 259 39.52 -20.79 10.91
CA ASP I 259 38.37 -21.06 10.08
C ASP I 259 37.17 -21.05 11.00
N VAL I 260 36.28 -20.07 10.80
CA VAL I 260 34.99 -20.07 11.49
C VAL I 260 33.95 -20.54 10.50
N ILE I 261 32.94 -21.26 11.02
CA ILE I 261 31.77 -21.66 10.24
C ILE I 261 30.52 -21.18 10.96
N ILE I 262 29.64 -20.51 10.25
CA ILE I 262 28.35 -20.14 10.83
C ILE I 262 27.24 -20.88 10.12
N LEU I 263 26.53 -21.70 10.88
CA LEU I 263 25.30 -22.28 10.40
C LEU I 263 24.20 -21.34 10.83
N LEU I 264 23.59 -20.65 9.86
CA LEU I 264 22.57 -19.65 10.16
C LEU I 264 21.20 -20.14 9.74
N ASP I 265 20.26 -20.21 10.69
CA ASP I 265 18.89 -20.67 10.39
C ASP I 265 17.88 -19.54 10.27
N SER I 266 17.54 -19.35 9.00
CA SER I 266 16.60 -18.39 8.48
C SER I 266 17.27 -17.04 8.41
N ILE I 267 18.04 -16.86 7.34
CA ILE I 267 18.43 -15.55 6.92
C ILE I 267 17.18 -14.74 6.56
N THR I 268 16.13 -15.40 6.09
CA THR I 268 14.89 -14.65 5.80
C THR I 268 14.30 -14.08 7.09
N ARG I 269 14.47 -14.84 8.17
CA ARG I 269 14.05 -14.39 9.48
C ARG I 269 14.94 -13.28 9.97
N LEU I 270 16.23 -13.47 9.81
CA LEU I 270 17.17 -12.40 10.07
C LEU I 270 16.76 -11.18 9.26
N ALA I 271 16.47 -11.40 7.98
CA ALA I 271 15.98 -10.36 7.11
C ALA I 271 14.66 -9.76 7.60
N ARG I 272 13.71 -10.58 8.07
CA ARG I 272 12.46 -10.01 8.60
C ARG I 272 12.77 -9.06 9.74
N ALA I 273 13.74 -9.43 10.59
CA ALA I 273 14.07 -8.63 11.77
C ALA I 273 14.54 -7.23 11.39
N TYR I 274 15.61 -7.19 10.59
CA TYR I 274 16.14 -5.92 10.06
C TYR I 274 15.02 -5.12 9.46
N ASN I 275 14.12 -5.80 8.74
CA ASN I 275 13.03 -5.11 8.07
C ASN I 275 12.10 -4.39 9.04
N THR I 276 11.87 -4.96 10.23
CA THR I 276 11.05 -4.23 11.18
C THR I 276 11.84 -3.19 11.97
N VAL I 277 13.15 -3.40 12.11
CA VAL I 277 14.01 -2.53 12.91
C VAL I 277 14.54 -1.34 12.09
N VAL I 278 14.77 -1.58 10.80
CA VAL I 278 15.29 -0.55 9.89
C VAL I 278 14.20 0.49 9.53
N PRO I 279 14.53 1.78 9.57
CA PRO I 279 13.53 2.84 9.26
C PRO I 279 13.10 2.85 7.78
N ALA I 280 12.35 3.87 7.36
CA ALA I 280 11.88 3.99 5.96
C ALA I 280 13.01 3.97 4.93
N VAL I 284 9.84 3.21 0.32
CA VAL I 284 9.92 2.42 -0.92
C VAL I 284 9.79 0.91 -0.65
N LEU I 285 8.56 0.38 -0.72
CA LEU I 285 8.29 -1.03 -0.42
C LEU I 285 8.20 -1.90 -1.68
N THR I 286 8.39 -3.21 -1.53
CA THR I 286 8.54 -4.12 -2.69
C THR I 286 7.74 -5.46 -2.64
N GLY I 287 6.99 -5.67 -1.57
CA GLY I 287 6.21 -6.87 -1.39
C GLY I 287 5.86 -7.02 0.08
N GLY I 288 6.19 -5.96 0.83
CA GLY I 288 6.15 -5.94 2.29
C GLY I 288 7.44 -5.34 2.86
N VAL I 289 8.52 -5.45 2.09
CA VAL I 289 9.86 -5.23 2.60
C VAL I 289 10.49 -3.94 2.09
N ASP I 290 11.05 -3.19 3.01
CA ASP I 290 11.88 -2.04 2.73
C ASP I 290 13.13 -2.42 1.89
N ALA I 291 13.33 -1.74 0.76
CA ALA I 291 14.48 -1.96 -0.11
C ALA I 291 15.79 -1.74 0.65
N ASN I 292 15.92 -0.53 1.19
CA ASN I 292 16.83 -0.18 2.28
C ASN I 292 17.23 -1.36 3.21
N ALA I 293 16.25 -2.20 3.57
CA ALA I 293 16.41 -3.14 4.69
C ALA I 293 17.35 -4.30 4.43
N LEU I 294 17.38 -4.81 3.19
CA LEU I 294 18.08 -6.06 2.89
C LEU I 294 19.58 -5.86 2.87
N HIS I 295 20.00 -4.63 3.07
CA HIS I 295 21.42 -4.32 3.15
C HIS I 295 22.19 -5.13 4.22
N ARG I 296 21.80 -4.97 5.48
CA ARG I 296 22.53 -5.60 6.59
C ARG I 296 22.56 -7.14 6.56
N PRO I 297 21.48 -7.82 6.16
CA PRO I 297 21.55 -9.27 5.96
C PRO I 297 22.46 -9.61 4.80
N LYS I 298 22.30 -8.93 3.68
CA LYS I 298 23.19 -9.15 2.55
C LYS I 298 24.62 -8.94 3.03
N ARG I 299 24.81 -8.03 3.98
CA ARG I 299 26.12 -7.83 4.57
C ARG I 299 26.57 -9.07 5.37
N PHE I 300 25.72 -9.52 6.28
CA PHE I 300 25.99 -10.71 7.07
C PHE I 300 26.44 -11.85 6.16
N PHE I 301 25.68 -12.09 5.09
CA PHE I 301 25.99 -13.16 4.17
C PHE I 301 27.26 -12.79 3.39
N GLY I 302 27.31 -11.55 2.89
CA GLY I 302 28.44 -11.07 2.11
C GLY I 302 29.80 -11.41 2.70
N ALA I 303 29.87 -11.45 4.04
CA ALA I 303 31.11 -11.66 4.78
C ALA I 303 31.73 -13.03 4.50
N ALA I 304 30.91 -14.04 4.25
CA ALA I 304 31.48 -15.35 3.96
C ALA I 304 32.54 -15.20 2.88
N ARG I 305 33.77 -15.55 3.20
CA ARG I 305 34.84 -15.55 2.23
C ARG I 305 35.92 -16.49 2.66
N ASN I 306 36.73 -16.90 1.70
CA ASN I 306 37.95 -17.61 1.98
C ASN I 306 39.06 -16.61 1.87
N VAL I 307 39.78 -16.41 2.96
CA VAL I 307 40.79 -15.36 3.03
C VAL I 307 42.17 -15.78 2.45
N GLU I 308 42.75 -14.90 1.67
CA GLU I 308 44.02 -15.18 1.03
C GLU I 308 45.10 -15.39 2.07
N GLU I 309 45.18 -14.46 3.03
CA GLU I 309 46.22 -14.51 4.07
C GLU I 309 45.94 -15.56 5.14
N GLY I 310 45.16 -16.57 4.77
CA GLY I 310 44.87 -17.66 5.66
C GLY I 310 43.60 -17.48 6.43
N GLY I 311 43.08 -18.58 6.93
CA GLY I 311 41.80 -18.57 7.64
C GLY I 311 40.66 -18.33 6.68
N SER I 312 39.46 -18.54 7.18
CA SER I 312 38.26 -18.44 6.34
C SER I 312 37.03 -18.13 7.17
N LEU I 313 36.06 -17.48 6.54
CA LEU I 313 34.71 -17.40 7.12
C LEU I 313 33.72 -18.08 6.21
N THR I 314 33.31 -19.29 6.59
CA THR I 314 32.27 -19.99 5.80
C THR I 314 30.91 -19.86 6.45
N ILE I 315 29.90 -19.60 5.63
CA ILE I 315 28.52 -19.38 6.11
C ILE I 315 27.53 -20.18 5.29
N ILE I 316 26.68 -20.93 6.01
CA ILE I 316 25.62 -21.71 5.41
C ILE I 316 24.32 -21.27 6.03
N ALA I 317 23.43 -20.77 5.18
CA ALA I 317 22.22 -20.16 5.66
C ALA I 317 21.02 -20.73 4.94
N THR I 318 19.96 -20.98 5.71
CA THR I 318 18.71 -21.41 5.11
C THR I 318 17.94 -20.21 4.60
N ALA I 319 17.31 -20.38 3.45
CA ALA I 319 16.32 -19.43 3.01
C ALA I 319 15.04 -20.21 3.03
N LEU I 320 14.07 -19.69 3.78
CA LEU I 320 12.76 -20.28 3.83
C LEU I 320 11.98 -19.83 2.62
N ILE I 321 11.13 -20.71 2.16
CA ILE I 321 10.54 -20.64 0.83
C ILE I 321 9.28 -21.46 0.94
N ASP I 322 8.24 -21.11 0.19
CA ASP I 322 7.01 -21.86 0.23
C ASP I 322 6.29 -21.64 1.57
N THR I 323 6.48 -20.50 2.22
CA THR I 323 5.77 -20.26 3.48
C THR I 323 4.43 -19.59 3.24
N GLY I 324 4.17 -19.18 2.00
CA GLY I 324 2.98 -18.41 1.70
C GLY I 324 3.05 -17.02 2.28
N SER I 325 4.25 -16.57 2.60
CA SER I 325 4.51 -15.18 2.93
C SER I 325 5.07 -14.50 1.68
N LYS I 326 4.45 -13.41 1.27
CA LYS I 326 4.97 -12.61 0.19
C LYS I 326 6.40 -12.17 0.53
N MET I 327 6.57 -11.71 1.75
CA MET I 327 7.84 -11.19 2.25
C MET I 327 8.99 -12.20 2.16
N ASP I 328 8.73 -13.43 2.60
CA ASP I 328 9.72 -14.49 2.50
C ASP I 328 10.16 -14.75 1.06
N GLU I 329 9.23 -14.69 0.12
CA GLU I 329 9.54 -14.92 -1.27
C GLU I 329 10.49 -13.87 -1.78
N VAL I 330 10.19 -12.60 -1.50
CA VAL I 330 11.01 -11.48 -1.95
C VAL I 330 12.44 -11.57 -1.41
N ILE I 331 12.53 -11.84 -0.10
CA ILE I 331 13.82 -12.02 0.55
C ILE I 331 14.64 -13.06 -0.23
N TYR I 332 14.01 -14.19 -0.54
CA TYR I 332 14.71 -15.27 -1.22
C TYR I 332 15.26 -14.82 -2.57
N GLU I 333 14.45 -14.04 -3.29
CA GLU I 333 14.80 -13.53 -4.62
C GLU I 333 16.04 -12.65 -4.54
N GLU I 334 16.11 -11.82 -3.49
CA GLU I 334 17.16 -10.85 -3.32
C GLU I 334 18.48 -11.49 -2.94
N PHE I 335 18.43 -12.79 -2.67
CA PHE I 335 19.60 -13.52 -2.28
C PHE I 335 19.98 -14.46 -3.40
N LYS I 336 19.02 -14.73 -4.29
CA LYS I 336 19.30 -15.38 -5.57
C LYS I 336 20.55 -14.71 -6.14
N GLY I 337 21.59 -15.51 -6.37
CA GLY I 337 22.78 -14.99 -6.99
C GLY I 337 23.92 -14.69 -6.04
N THR I 338 23.62 -14.40 -4.78
CA THR I 338 24.66 -14.05 -3.82
C THR I 338 25.55 -15.21 -3.39
N GLY I 339 24.99 -16.42 -3.33
CA GLY I 339 25.74 -17.57 -2.82
C GLY I 339 26.62 -18.25 -3.86
N ASN I 340 27.57 -19.07 -3.39
CA ASN I 340 28.41 -19.90 -4.28
C ASN I 340 28.29 -21.40 -4.04
N MET I 341 27.39 -21.78 -3.13
CA MET I 341 26.83 -23.11 -3.11
C MET I 341 25.33 -22.95 -2.88
N GLU I 342 24.55 -23.95 -3.30
CA GLU I 342 23.15 -24.01 -2.92
C GLU I 342 22.67 -25.44 -2.88
N LEU I 343 21.96 -25.76 -1.80
CA LEU I 343 21.36 -27.05 -1.63
C LEU I 343 19.87 -26.82 -1.57
N HIS I 344 19.14 -27.34 -2.56
CA HIS I 344 17.69 -27.24 -2.56
C HIS I 344 17.06 -28.45 -1.88
N LEU I 345 16.12 -28.20 -0.98
CA LEU I 345 15.30 -29.25 -0.41
C LEU I 345 13.96 -29.23 -1.10
N SER I 346 13.31 -30.38 -1.17
CA SER I 346 12.05 -30.46 -1.88
C SER I 346 10.98 -31.04 -0.98
N ARG I 347 9.89 -30.31 -0.85
CA ARG I 347 8.70 -30.82 -0.19
C ARG I 347 8.32 -32.15 -0.83
N LYS I 348 8.35 -32.21 -2.17
CA LYS I 348 8.07 -33.42 -2.93
C LYS I 348 8.72 -34.64 -2.27
N ILE I 349 10.05 -34.66 -2.29
CA ILE I 349 10.83 -35.75 -1.70
C ILE I 349 10.56 -35.93 -0.19
N ALA I 350 10.13 -34.87 0.48
CA ALA I 350 9.78 -34.95 1.90
C ALA I 350 8.44 -35.63 2.15
N GLU I 351 7.40 -35.21 1.43
CA GLU I 351 6.05 -35.81 1.57
C GLU I 351 6.09 -37.33 1.48
N LYS I 352 6.95 -37.84 0.59
CA LYS I 352 7.11 -39.27 0.35
C LYS I 352 8.10 -39.95 1.31
N ARG I 353 8.52 -39.21 2.35
CA ARG I 353 9.37 -39.72 3.44
C ARG I 353 10.74 -40.28 3.04
N VAL I 354 11.29 -39.79 1.93
CA VAL I 354 12.68 -40.05 1.56
C VAL I 354 13.51 -38.88 2.10
N PHE I 355 14.39 -39.18 3.05
CA PHE I 355 14.79 -38.18 4.03
C PHE I 355 15.95 -37.26 3.67
N PRO I 356 17.03 -37.79 3.09
CA PRO I 356 18.06 -36.90 2.53
C PRO I 356 17.49 -36.12 1.36
N ALA I 357 16.32 -35.50 1.58
CA ALA I 357 15.45 -34.91 0.55
C ALA I 357 16.07 -33.76 -0.25
N ILE I 358 17.07 -34.07 -1.05
CA ILE I 358 17.83 -33.06 -1.77
C ILE I 358 17.50 -33.08 -3.25
N ASP I 359 16.99 -31.96 -3.76
CA ASP I 359 16.89 -31.73 -5.20
C ASP I 359 18.29 -31.67 -5.79
N TYR I 360 18.89 -32.85 -6.02
CA TYR I 360 20.28 -32.97 -6.52
C TYR I 360 20.52 -32.17 -7.79
N ASN I 361 19.49 -32.06 -8.63
CA ASN I 361 19.62 -31.39 -9.93
C ASN I 361 19.59 -29.87 -9.86
N ARG I 362 19.18 -29.34 -8.72
CA ARG I 362 19.19 -27.89 -8.51
C ARG I 362 20.31 -27.49 -7.54
N SER I 363 20.92 -28.50 -6.93
CA SER I 363 21.99 -28.25 -6.00
C SER I 363 23.32 -28.19 -6.74
N GLY I 364 24.34 -27.68 -6.08
CA GLY I 364 25.66 -27.55 -6.68
C GLY I 364 26.41 -26.35 -6.14
N THR I 365 27.71 -26.33 -6.33
CA THR I 365 28.51 -25.19 -5.90
C THR I 365 29.38 -24.67 -7.04
N ARG I 366 29.77 -23.41 -6.98
CA ARG I 366 30.62 -22.83 -8.01
C ARG I 366 32.05 -23.27 -7.83
N LYS I 367 32.73 -23.46 -8.94
CA LYS I 367 34.15 -23.76 -8.93
C LYS I 367 34.43 -25.05 -8.19
N GLU I 368 33.44 -25.96 -8.20
CA GLU I 368 33.60 -27.39 -7.87
C GLU I 368 35.03 -27.88 -8.08
N GLU I 369 35.54 -27.68 -9.30
CA GLU I 369 36.87 -28.16 -9.69
C GLU I 369 37.97 -27.85 -8.66
N LEU I 370 37.76 -26.84 -7.84
CA LEU I 370 38.73 -26.43 -6.85
C LEU I 370 38.58 -27.18 -5.53
N LEU I 371 37.42 -27.80 -5.34
CA LEU I 371 37.14 -28.54 -4.11
C LEU I 371 37.33 -30.03 -4.27
N THR I 372 37.60 -30.48 -5.49
CA THR I 372 37.72 -31.91 -5.81
C THR I 372 39.05 -32.25 -6.49
N THR I 373 39.40 -33.53 -6.51
CA THR I 373 40.51 -34.01 -7.33
C THR I 373 39.95 -34.37 -8.68
N GLN I 374 40.70 -34.12 -9.75
CA GLN I 374 40.19 -34.33 -11.10
C GLN I 374 39.45 -35.67 -11.21
N GLU I 375 39.96 -36.68 -10.52
CA GLU I 375 39.33 -38.00 -10.48
C GLU I 375 37.94 -37.94 -9.86
N GLU I 376 37.83 -37.17 -8.78
CA GLU I 376 36.57 -36.98 -8.07
C GLU I 376 35.56 -36.21 -8.93
N LEU I 377 36.01 -35.10 -9.52
CA LEU I 377 35.14 -34.30 -10.36
C LEU I 377 34.56 -35.11 -11.51
N GLN I 378 35.41 -35.83 -12.23
CA GLN I 378 34.98 -36.71 -13.31
C GLN I 378 33.88 -37.67 -12.85
N LYS I 379 34.17 -38.43 -11.79
CA LYS I 379 33.19 -39.33 -11.21
C LYS I 379 31.88 -38.59 -10.93
N MET I 380 32.00 -37.39 -10.37
CA MET I 380 30.85 -36.56 -10.03
C MET I 380 30.10 -36.12 -11.30
N TRP I 381 30.85 -35.68 -12.31
CA TRP I 381 30.26 -35.25 -13.57
C TRP I 381 29.54 -36.39 -14.27
N ILE I 382 30.07 -37.61 -14.13
CA ILE I 382 29.40 -38.80 -14.64
C ILE I 382 28.11 -39.06 -13.88
N LEU I 383 28.15 -38.87 -12.56
CA LEU I 383 26.96 -39.04 -11.73
C LEU I 383 25.86 -38.07 -12.14
N ARG I 384 26.27 -36.85 -12.50
CA ARG I 384 25.34 -35.80 -12.91
C ARG I 384 24.70 -36.06 -14.27
N LYS I 385 25.44 -36.72 -15.15
CA LYS I 385 24.91 -37.14 -16.45
C LYS I 385 23.78 -38.16 -16.26
N ILE I 386 24.00 -39.14 -15.39
CA ILE I 386 23.02 -40.19 -15.16
C ILE I 386 21.82 -39.74 -14.31
N ILE I 387 21.94 -38.63 -13.58
CA ILE I 387 20.81 -38.13 -12.79
C ILE I 387 19.98 -37.06 -13.51
N HIS I 388 20.58 -36.36 -14.48
CA HIS I 388 19.94 -35.19 -15.10
C HIS I 388 18.49 -35.40 -15.59
N PRO I 389 18.23 -36.42 -16.41
CA PRO I 389 16.87 -36.66 -16.91
C PRO I 389 15.92 -37.24 -15.85
N MET I 390 16.44 -37.53 -14.67
CA MET I 390 15.66 -38.11 -13.58
C MET I 390 14.85 -37.04 -12.85
N GLY I 391 13.64 -37.41 -12.45
CA GLY I 391 12.79 -36.53 -11.66
C GLY I 391 13.32 -36.29 -10.25
N GLU I 392 12.61 -35.45 -9.49
CA GLU I 392 13.03 -35.07 -8.14
C GLU I 392 13.05 -36.28 -7.21
N ILE I 393 11.89 -36.92 -7.07
CA ILE I 393 11.73 -38.04 -6.15
C ILE I 393 12.53 -39.27 -6.58
N ASP I 394 12.55 -39.52 -7.89
CA ASP I 394 13.25 -40.68 -8.44
C ASP I 394 14.75 -40.61 -8.15
N ALA I 395 15.28 -39.40 -8.21
CA ALA I 395 16.73 -39.17 -8.14
C ALA I 395 17.36 -39.51 -6.79
N MET I 396 16.64 -39.28 -5.69
CA MET I 396 17.19 -39.57 -4.37
C MET I 396 17.02 -41.04 -4.01
N GLU I 397 15.90 -41.61 -4.42
CA GLU I 397 15.68 -43.04 -4.23
C GLU I 397 16.80 -43.82 -4.93
N PHE I 398 17.18 -43.35 -6.13
CA PHE I 398 18.26 -43.95 -6.90
C PHE I 398 19.64 -43.63 -6.34
N LEU I 399 19.74 -42.57 -5.53
CA LEU I 399 21.02 -42.20 -4.94
C LEU I 399 21.23 -42.86 -3.59
N ILE I 400 20.15 -43.01 -2.83
CA ILE I 400 20.19 -43.66 -1.53
C ILE I 400 20.36 -45.18 -1.67
N ASN I 401 19.57 -45.79 -2.55
CA ASN I 401 19.68 -47.24 -2.77
C ASN I 401 20.99 -47.64 -3.46
N LYS I 402 21.70 -46.63 -3.97
CA LYS I 402 23.03 -46.85 -4.55
C LYS I 402 24.15 -46.46 -3.58
N LEU I 403 23.79 -45.72 -2.52
CA LEU I 403 24.74 -45.42 -1.44
C LEU I 403 24.51 -46.37 -0.25
N ALA I 404 23.33 -46.99 -0.21
CA ALA I 404 22.99 -47.96 0.83
C ALA I 404 23.78 -49.26 0.65
N MET I 405 24.84 -49.21 -0.15
CA MET I 405 25.75 -50.33 -0.31
C MET I 405 27.01 -50.13 0.54
N THR I 406 27.71 -49.00 0.36
CA THR I 406 29.02 -48.79 1.01
C THR I 406 29.31 -47.33 1.35
N LYS I 407 30.60 -46.95 1.24
CA LYS I 407 31.05 -45.57 1.44
C LYS I 407 31.36 -44.85 0.10
N THR I 408 31.95 -43.65 0.20
CA THR I 408 32.02 -42.70 -0.94
C THR I 408 32.75 -43.18 -2.21
N ASN I 409 33.99 -43.65 -2.07
CA ASN I 409 34.78 -44.12 -3.20
C ASN I 409 34.31 -45.48 -3.66
N ASP I 410 33.77 -46.25 -2.72
CA ASP I 410 33.09 -47.50 -3.00
C ASP I 410 31.91 -47.27 -3.94
N ASP I 411 31.32 -46.07 -3.88
CA ASP I 411 30.23 -45.71 -4.79
C ASP I 411 30.65 -45.92 -6.24
N PHE I 412 31.78 -45.32 -6.62
CA PHE I 412 32.20 -45.33 -8.03
C PHE I 412 33.03 -46.54 -8.46
N PHE I 413 33.95 -46.98 -7.60
CA PHE I 413 34.69 -48.21 -7.86
C PHE I 413 33.77 -49.43 -7.85
N GLU I 414 32.61 -49.29 -7.19
CA GLU I 414 31.57 -50.32 -7.23
C GLU I 414 30.31 -49.83 -7.92
N MET I 415 30.51 -49.10 -9.02
CA MET I 415 29.45 -48.81 -9.99
C MET I 415 30.01 -49.00 -11.38
N MET I 416 31.29 -48.67 -11.54
CA MET I 416 32.03 -48.98 -12.76
C MET I 416 32.17 -50.50 -12.92
N LYS I 417 31.10 -51.12 -13.38
CA LYS I 417 31.03 -52.58 -13.52
C LYS I 417 31.79 -53.09 -14.74
N MET J 1 53.52 9.53 0.14
CA MET J 1 54.41 9.79 -1.03
C MET J 1 53.62 10.29 -2.26
N ASN J 2 53.09 9.33 -2.98
CA ASN J 2 52.29 9.56 -4.16
C ASN J 2 51.00 8.80 -3.94
N LEU J 3 49.92 9.53 -3.77
CA LEU J 3 48.67 8.96 -3.27
C LEU J 3 48.23 7.68 -3.99
N THR J 4 48.24 7.70 -5.32
CA THR J 4 47.80 6.54 -6.10
C THR J 4 48.75 5.35 -5.96
N GLU J 5 50.05 5.63 -5.83
CA GLU J 5 51.04 4.58 -5.52
C GLU J 5 50.75 3.99 -4.14
N LEU J 6 50.31 4.85 -3.21
CA LEU J 6 49.89 4.46 -1.89
C LEU J 6 48.66 3.56 -1.95
N LYS J 7 47.69 4.02 -2.73
CA LYS J 7 46.42 3.33 -2.86
C LYS J 7 46.59 2.00 -3.56
N ASN J 8 47.78 1.75 -4.10
CA ASN J 8 48.03 0.54 -4.87
C ASN J 8 49.03 -0.43 -4.24
N THR J 9 49.58 -0.08 -3.08
CA THR J 9 50.42 -1.01 -2.34
C THR J 9 49.58 -1.86 -1.38
N PRO J 10 49.98 -3.11 -1.20
CA PRO J 10 49.33 -4.01 -0.23
C PRO J 10 49.22 -3.43 1.19
N VAL J 11 48.24 -3.93 1.93
CA VAL J 11 47.86 -3.36 3.22
C VAL J 11 48.97 -3.52 4.23
N SER J 12 49.61 -4.69 4.22
CA SER J 12 50.73 -4.96 5.12
C SER J 12 51.87 -4.03 4.82
N GLU J 13 52.26 -3.98 3.54
CA GLU J 13 53.26 -3.05 3.06
C GLU J 13 52.98 -1.60 3.50
N LEU J 14 51.70 -1.20 3.47
CA LEU J 14 51.27 0.13 3.90
C LEU J 14 51.44 0.29 5.40
N ILE J 15 51.10 -0.77 6.13
CA ILE J 15 51.26 -0.81 7.58
C ILE J 15 52.75 -0.63 7.96
N THR J 16 53.62 -1.49 7.44
CA THR J 16 55.05 -1.35 7.75
C THR J 16 55.66 -0.04 7.19
N LEU J 17 55.06 0.51 6.14
CA LEU J 17 55.38 1.87 5.69
C LEU J 17 55.01 2.88 6.78
N GLY J 18 53.84 2.71 7.38
CA GLY J 18 53.39 3.60 8.45
C GLY J 18 54.21 3.52 9.74
N GLU J 19 54.57 2.30 10.13
CA GLU J 19 55.29 2.08 11.38
C GLU J 19 56.73 2.61 11.30
N ASN J 20 57.30 2.55 10.10
CA ASN J 20 58.61 3.12 9.81
C ASN J 20 58.63 4.64 9.92
N MET J 21 57.46 5.24 9.99
CA MET J 21 57.32 6.67 10.21
C MET J 21 57.04 6.95 11.68
N GLY J 22 56.68 5.90 12.41
CA GLY J 22 56.36 6.00 13.83
C GLY J 22 54.88 5.81 14.13
N LEU J 23 54.08 5.52 13.11
CA LEU J 23 52.63 5.36 13.28
C LEU J 23 52.27 4.06 14.01
N GLU J 24 51.58 4.19 15.14
CA GLU J 24 51.31 3.05 16.01
C GLU J 24 50.16 2.14 15.54
N ASN J 25 48.91 2.54 15.77
CA ASN J 25 47.76 1.60 15.72
C ASN J 25 47.17 1.27 14.35
N LEU J 26 48.02 1.02 13.35
CA LEU J 26 47.56 0.93 11.95
C LEU J 26 46.75 -0.33 11.55
N ALA J 27 47.14 -1.51 12.07
CA ALA J 27 46.59 -2.79 11.63
C ALA J 27 45.07 -2.94 11.71
N ARG J 28 44.46 -2.13 12.58
CA ARG J 28 43.03 -2.28 12.85
C ARG J 28 42.19 -1.10 12.31
N MET J 29 42.56 -0.66 11.11
CA MET J 29 41.97 0.51 10.47
C MET J 29 41.65 0.10 9.04
N ARG J 30 40.69 0.77 8.40
CA ARG J 30 40.43 0.55 6.99
C ARG J 30 41.57 1.11 6.12
N LYS J 31 41.99 0.32 5.13
CA LYS J 31 43.06 0.69 4.18
C LYS J 31 43.12 2.17 3.87
N GLN J 32 41.94 2.81 3.78
CA GLN J 32 41.84 4.23 3.48
C GLN J 32 42.29 5.11 4.64
N ASP J 33 41.87 4.75 5.85
CA ASP J 33 42.32 5.45 7.05
C ASP J 33 43.83 5.29 7.25
N ILE J 34 44.35 4.09 6.97
CA ILE J 34 45.81 3.88 7.04
C ILE J 34 46.50 4.81 6.05
N ILE J 35 46.01 4.82 4.82
CA ILE J 35 46.52 5.73 3.80
C ILE J 35 46.44 7.21 4.25
N PHE J 36 45.31 7.60 4.86
CA PHE J 36 45.17 8.96 5.38
C PHE J 36 46.26 9.26 6.40
N ALA J 37 46.43 8.35 7.36
CA ALA J 37 47.41 8.51 8.42
C ALA J 37 48.80 8.71 7.84
N ILE J 38 49.16 7.84 6.90
CA ILE J 38 50.43 7.92 6.19
C ILE J 38 50.58 9.22 5.41
N LEU J 39 49.52 9.62 4.70
CA LEU J 39 49.51 10.87 3.95
C LEU J 39 49.58 12.05 4.88
N LYS J 40 48.88 11.97 6.01
CA LYS J 40 48.82 13.07 6.99
C LYS J 40 50.14 13.28 7.73
N GLN J 41 50.79 12.18 8.11
CA GLN J 41 52.06 12.25 8.83
C GLN J 41 53.26 12.39 7.88
N HIS J 42 52.98 12.46 6.58
CA HIS J 42 53.96 12.80 5.57
C HIS J 42 53.88 14.30 5.26
N ALA J 43 53.05 15.02 6.03
CA ALA J 43 53.00 16.47 5.97
C ALA J 43 54.26 17.04 6.59
N LYS J 44 55.37 16.88 5.88
CA LYS J 44 56.68 17.37 6.31
C LYS J 44 57.50 17.92 5.14
N SER J 45 57.05 17.62 3.91
CA SER J 45 57.69 18.14 2.69
C SER J 45 57.08 19.49 2.29
N GLY J 46 57.58 20.06 1.19
CA GLY J 46 57.14 21.39 0.74
C GLY J 46 56.25 21.38 -0.49
N GLU J 47 56.68 20.66 -1.54
CA GLU J 47 55.94 20.54 -2.79
C GLU J 47 55.74 19.07 -3.17
N ASP J 48 55.92 18.17 -2.19
CA ASP J 48 56.01 16.73 -2.44
C ASP J 48 54.90 15.90 -1.79
N ILE J 49 53.66 16.13 -2.24
CA ILE J 49 52.55 15.18 -2.03
C ILE J 49 51.57 15.22 -3.20
N PHE J 50 51.61 14.19 -4.04
CA PHE J 50 50.86 14.18 -5.30
C PHE J 50 49.59 13.38 -5.20
N GLY J 51 48.55 13.87 -5.86
CA GLY J 51 47.28 13.17 -5.91
C GLY J 51 46.71 13.11 -7.31
N ASP J 52 45.70 12.26 -7.46
CA ASP J 52 44.91 12.21 -8.68
C ASP J 52 43.59 11.53 -8.38
N GLY J 53 42.64 11.69 -9.29
CA GLY J 53 41.35 11.04 -9.19
C GLY J 53 40.34 11.49 -10.23
N VAL J 54 39.26 10.71 -10.34
CA VAL J 54 38.12 11.10 -11.16
C VAL J 54 37.23 12.02 -10.35
N LEU J 55 36.87 13.15 -10.93
CA LEU J 55 36.08 14.17 -10.25
C LEU J 55 34.61 13.79 -10.12
N GLU J 56 34.06 13.93 -8.92
CA GLU J 56 32.62 13.86 -8.71
C GLU J 56 32.11 15.14 -8.06
N ILE J 57 31.38 15.96 -8.80
CA ILE J 57 30.82 17.22 -8.29
C ILE J 57 29.45 17.00 -7.62
N LEU J 58 29.40 17.11 -6.29
CA LEU J 58 28.12 17.00 -5.59
C LEU J 58 27.25 18.24 -5.84
N GLN J 59 25.93 18.09 -5.70
CA GLN J 59 24.96 19.17 -5.98
C GLN J 59 25.36 20.53 -5.41
N ASP J 60 25.94 20.53 -4.21
CA ASP J 60 26.37 21.77 -3.57
C ASP J 60 27.58 22.46 -4.23
N GLY J 61 27.97 21.98 -5.41
CA GLY J 61 28.86 22.74 -6.28
C GLY J 61 30.34 22.48 -6.09
N PHE J 62 30.68 21.89 -4.95
CA PHE J 62 32.05 21.44 -4.70
C PHE J 62 32.20 20.00 -5.18
N GLY J 63 33.45 19.58 -5.40
CA GLY J 63 33.74 18.27 -5.95
C GLY J 63 34.71 17.44 -5.12
N PHE J 64 34.82 16.17 -5.49
CA PHE J 64 35.75 15.25 -4.86
C PHE J 64 36.43 14.37 -5.90
N LEU J 65 37.75 14.30 -5.83
CA LEU J 65 38.51 13.29 -6.57
C LEU J 65 38.37 11.92 -5.89
N ARG J 66 37.83 10.97 -6.64
CA ARG J 66 37.62 9.63 -6.11
C ARG J 66 38.46 8.61 -6.88
N SER J 67 38.81 7.51 -6.22
CA SER J 67 39.82 6.60 -6.77
C SER J 67 39.24 5.34 -7.41
N ALA J 68 39.84 4.92 -8.52
CA ALA J 68 39.39 3.72 -9.23
C ALA J 68 39.68 2.49 -8.40
N ASP J 69 40.84 2.49 -7.75
CA ASP J 69 41.24 1.40 -6.85
C ASP J 69 40.20 1.12 -5.77
N SER J 70 39.41 2.12 -5.42
CA SER J 70 38.35 1.96 -4.42
C SER J 70 36.99 1.82 -5.10
N SER J 71 37.01 1.67 -6.41
CA SER J 71 35.78 1.69 -7.22
C SER J 71 34.93 2.89 -6.85
N TYR J 72 35.62 4.02 -6.62
CA TYR J 72 34.99 5.33 -6.43
C TYR J 72 34.15 5.39 -5.17
N LEU J 73 34.49 4.54 -4.20
CA LEU J 73 33.87 4.60 -2.90
C LEU J 73 34.30 5.83 -2.11
N ALA J 74 33.35 6.72 -1.80
CA ALA J 74 33.63 7.86 -0.95
C ALA J 74 34.53 7.41 0.20
N GLY J 75 35.65 8.10 0.39
CA GLY J 75 36.61 7.72 1.41
C GLY J 75 37.36 8.86 2.04
N PRO J 76 38.01 8.58 3.16
CA PRO J 76 38.75 9.59 3.93
C PRO J 76 39.86 10.25 3.11
N ASP J 77 40.46 9.51 2.19
CA ASP J 77 41.56 10.03 1.38
C ASP J 77 41.10 10.49 -0.02
N ASP J 78 39.90 11.07 -0.06
CA ASP J 78 39.40 11.73 -1.27
C ASP J 78 39.97 13.12 -1.33
N ILE J 79 40.53 13.49 -2.48
CA ILE J 79 41.01 14.84 -2.67
C ILE J 79 39.86 15.78 -2.98
N TYR J 80 39.63 16.72 -2.07
CA TYR J 80 38.58 17.71 -2.21
C TYR J 80 38.96 18.68 -3.32
N VAL J 81 37.94 19.11 -4.05
CA VAL J 81 38.10 20.04 -5.17
C VAL J 81 37.08 21.16 -4.98
N SER J 82 37.53 22.40 -5.08
CA SER J 82 36.68 23.56 -4.73
C SER J 82 35.76 23.99 -5.89
N PRO J 83 34.62 24.60 -5.58
CA PRO J 83 33.74 25.23 -6.58
C PRO J 83 34.53 26.13 -7.52
N SER J 84 35.44 26.91 -6.94
CA SER J 84 36.29 27.84 -7.71
C SER J 84 37.40 27.12 -8.48
N GLN J 85 37.59 25.83 -8.19
CA GLN J 85 38.55 25.01 -8.93
C GLN J 85 37.86 24.37 -10.12
N ILE J 86 36.60 23.99 -9.92
CA ILE J 86 35.80 23.41 -10.98
C ILE J 86 35.51 24.47 -12.02
N ARG J 87 35.35 25.71 -11.56
CA ARG J 87 34.95 26.82 -12.43
C ARG J 87 36.10 27.47 -13.22
N ARG J 88 37.29 27.55 -12.61
CA ARG J 88 38.44 28.11 -13.30
C ARG J 88 38.87 27.24 -14.49
N PHE J 89 38.62 25.93 -14.39
CA PHE J 89 39.03 25.00 -15.45
C PHE J 89 37.86 24.29 -16.12
N ASN J 90 36.66 24.85 -15.97
CA ASN J 90 35.49 24.33 -16.66
C ASN J 90 35.27 22.83 -16.40
N LEU J 91 35.83 22.33 -15.30
CA LEU J 91 35.78 20.92 -14.95
C LEU J 91 34.37 20.40 -14.86
N ARG J 92 34.14 19.21 -15.41
CA ARG J 92 32.87 18.53 -15.21
C ARG J 92 33.14 17.17 -14.60
N THR J 93 32.14 16.58 -13.96
CA THR J 93 32.35 15.30 -13.30
C THR J 93 32.66 14.20 -14.32
N GLY J 94 33.61 13.34 -13.96
CA GLY J 94 34.19 12.40 -14.88
C GLY J 94 35.62 12.78 -15.17
N ASP J 95 35.88 14.09 -15.17
CA ASP J 95 37.23 14.59 -15.39
C ASP J 95 38.23 13.86 -14.49
N THR J 96 39.19 13.20 -15.12
CA THR J 96 40.31 12.59 -14.44
C THR J 96 41.33 13.69 -14.16
N ILE J 97 41.52 14.01 -12.89
CA ILE J 97 42.37 15.16 -12.53
C ILE J 97 43.60 14.74 -11.75
N SER J 98 44.75 15.32 -12.13
CA SER J 98 46.01 15.04 -11.48
C SER J 98 46.60 16.30 -10.89
N GLY J 99 47.32 16.17 -9.77
CA GLY J 99 48.19 17.25 -9.29
C GLY J 99 48.59 17.26 -7.82
N LYS J 100 49.25 18.34 -7.42
CA LYS J 100 49.69 18.53 -6.04
C LYS J 100 48.50 18.67 -5.08
N ILE J 101 48.54 17.93 -3.97
CA ILE J 101 47.49 18.00 -2.96
C ILE J 101 48.09 18.43 -1.62
N ARG J 102 47.24 18.66 -0.62
CA ARG J 102 47.70 19.19 0.67
C ARG J 102 46.84 18.72 1.85
N PRO J 103 47.46 18.59 3.04
CA PRO J 103 46.73 18.28 4.29
C PRO J 103 45.58 19.24 4.58
N PRO J 104 44.63 18.82 5.41
CA PRO J 104 43.53 19.70 5.83
C PRO J 104 44.00 20.71 6.88
N LYS J 105 43.78 22.00 6.62
CA LYS J 105 43.87 23.02 7.67
C LYS J 105 42.85 22.66 8.75
N GLU J 106 43.16 22.97 10.00
CA GLU J 106 42.28 22.57 11.11
C GLU J 106 40.87 23.11 10.92
N GLY J 107 39.88 22.23 11.09
CA GLY J 107 38.50 22.53 10.76
C GLY J 107 38.13 21.91 9.41
N GLU J 108 39.15 21.56 8.64
CA GLU J 108 38.98 20.87 7.36
C GLU J 108 39.03 19.36 7.56
N ARG J 109 38.27 18.65 6.74
CA ARG J 109 38.10 17.21 6.87
C ARG J 109 39.00 16.43 5.91
N TYR J 110 39.04 16.88 4.66
CA TYR J 110 39.72 16.13 3.59
C TYR J 110 40.98 16.81 3.11
N PHE J 111 41.89 16.01 2.55
CA PHE J 111 42.99 16.53 1.74
C PHE J 111 42.43 17.34 0.57
N ALA J 112 43.19 18.35 0.13
CA ALA J 112 42.71 19.29 -0.87
C ALA J 112 43.64 19.40 -2.07
N LEU J 113 43.05 19.44 -3.27
CA LEU J 113 43.81 19.68 -4.50
C LEU J 113 44.38 21.09 -4.48
N LEU J 114 45.70 21.20 -4.46
CA LEU J 114 46.36 22.51 -4.39
C LEU J 114 46.42 23.17 -5.75
N LYS J 115 47.09 22.50 -6.70
CA LYS J 115 47.21 22.99 -8.06
C LYS J 115 46.86 21.88 -9.05
N VAL J 116 46.06 22.25 -10.05
CA VAL J 116 45.64 21.33 -11.10
C VAL J 116 46.78 21.16 -12.12
N ASN J 117 47.35 19.96 -12.20
CA ASN J 117 48.47 19.75 -13.12
C ASN J 117 48.06 19.22 -14.49
N GLU J 118 47.04 18.38 -14.50
CA GLU J 118 46.58 17.71 -15.72
C GLU J 118 45.10 17.39 -15.61
N VAL J 119 44.35 17.64 -16.68
CA VAL J 119 42.94 17.24 -16.76
C VAL J 119 42.74 16.32 -17.95
N ASN J 120 42.20 15.13 -17.70
CA ASN J 120 41.95 14.13 -18.75
C ASN J 120 43.20 13.84 -19.58
N PHE J 121 44.35 13.81 -18.90
CA PHE J 121 45.65 13.61 -19.54
C PHE J 121 46.04 14.71 -20.55
N ASP J 122 45.60 15.93 -20.27
CA ASP J 122 45.81 17.06 -21.17
C ASP J 122 46.03 18.31 -20.32
N LYS J 123 46.52 19.37 -20.96
CA LYS J 123 46.68 20.67 -20.31
C LYS J 123 45.35 21.17 -19.72
N PRO J 124 45.36 21.57 -18.44
CA PRO J 124 44.14 22.00 -17.73
C PRO J 124 43.35 23.11 -18.44
N GLU J 125 43.99 23.74 -19.41
CA GLU J 125 43.35 24.85 -20.11
C GLU J 125 42.62 24.34 -21.35
N ASN J 126 42.68 23.04 -21.59
CA ASN J 126 42.02 22.44 -22.75
C ASN J 126 40.83 21.56 -22.36
N ASN J 129 36.99 21.18 -25.46
CA ASN J 129 36.57 19.86 -25.94
C ASN J 129 35.05 19.74 -26.04
N LYS J 130 34.54 19.56 -27.27
CA LYS J 130 33.11 19.34 -27.50
C LYS J 130 32.63 18.15 -26.70
N ILE J 131 31.53 18.37 -25.98
CA ILE J 131 30.89 17.39 -25.09
C ILE J 131 30.43 16.12 -25.84
N LEU J 132 30.34 14.97 -25.16
CA LEU J 132 29.94 13.71 -25.84
C LEU J 132 28.63 13.85 -26.60
N PHE J 133 27.70 14.62 -26.02
CA PHE J 133 26.28 14.55 -26.37
C PHE J 133 25.96 15.19 -27.69
N GLU J 134 26.93 15.91 -28.23
CA GLU J 134 26.76 16.55 -29.52
C GLU J 134 27.82 16.14 -30.50
N ASN J 135 28.51 15.06 -30.19
CA ASN J 135 29.33 14.37 -31.17
C ASN J 135 28.42 13.54 -32.04
N LEU J 136 28.85 13.22 -33.26
CA LEU J 136 27.96 12.48 -34.14
C LEU J 136 28.09 10.98 -34.00
N THR J 137 26.94 10.31 -34.09
CA THR J 137 26.88 8.87 -33.92
C THR J 137 26.82 8.09 -35.25
N PRO J 138 27.97 7.60 -35.75
CA PRO J 138 27.97 6.54 -36.78
C PRO J 138 27.75 5.15 -36.25
N LEU J 139 27.51 4.25 -37.20
CA LEU J 139 27.23 2.86 -36.93
C LEU J 139 28.46 2.14 -36.41
N HIS J 140 29.54 2.88 -36.16
CA HIS J 140 30.65 2.34 -35.39
C HIS J 140 30.96 0.97 -35.91
N ALA J 141 30.64 0.76 -37.16
CA ALA J 141 30.90 -0.52 -37.71
C ALA J 141 32.26 -0.47 -38.38
N ASN J 142 32.69 0.70 -38.84
CA ASN J 142 34.06 0.76 -39.30
C ASN J 142 35.07 0.53 -38.15
N SER J 143 36.19 -0.09 -38.46
CA SER J 143 37.27 -0.32 -37.50
C SER J 143 37.00 -1.47 -36.51
N ARG J 144 37.55 -2.64 -36.84
CA ARG J 144 37.21 -3.88 -36.22
C ARG J 144 38.07 -4.16 -35.00
N LEU J 145 37.44 -4.63 -33.94
CA LEU J 145 38.15 -5.17 -32.79
C LEU J 145 38.14 -6.69 -32.93
N ARG J 146 39.28 -7.23 -33.38
CA ARG J 146 39.46 -8.64 -33.67
C ARG J 146 39.85 -9.42 -32.41
N MET J 147 39.39 -10.68 -32.31
CA MET J 147 39.75 -11.53 -31.18
C MET J 147 40.45 -12.88 -31.53
N GLY J 152 47.49 -19.12 -30.93
CA GLY J 152 47.79 -20.54 -30.88
C GLY J 152 46.89 -21.38 -30.00
N SER J 153 46.62 -20.92 -28.78
CA SER J 153 46.02 -21.75 -27.71
C SER J 153 44.49 -21.94 -27.77
N THR J 154 43.96 -22.78 -26.87
CA THR J 154 42.54 -23.12 -26.85
C THR J 154 41.66 -22.04 -26.21
N GLU J 155 42.28 -21.16 -25.43
CA GLU J 155 41.56 -20.00 -24.93
C GLU J 155 41.12 -19.12 -26.09
N ASP J 156 41.88 -19.17 -27.18
CA ASP J 156 41.60 -18.40 -28.39
C ASP J 156 40.49 -19.03 -29.25
N LEU J 157 39.88 -20.11 -28.76
CA LEU J 157 38.75 -20.73 -29.46
C LEU J 157 37.45 -19.94 -29.26
N THR J 158 37.24 -19.46 -28.03
CA THR J 158 36.13 -18.58 -27.74
C THR J 158 36.22 -17.38 -28.66
N ALA J 159 37.41 -16.78 -28.69
CA ALA J 159 37.64 -15.52 -29.38
C ALA J 159 37.48 -15.65 -30.89
N ARG J 160 37.59 -16.87 -31.38
CA ARG J 160 37.51 -17.15 -32.81
C ARG J 160 36.07 -17.40 -33.28
N VAL J 161 35.26 -18.02 -32.43
CA VAL J 161 33.84 -18.15 -32.69
C VAL J 161 33.18 -16.77 -32.69
N LEU J 162 33.56 -15.94 -31.72
CA LEU J 162 33.06 -14.57 -31.62
C LEU J 162 33.27 -13.84 -32.94
N ASP J 163 34.51 -13.85 -33.39
CA ASP J 163 34.92 -13.21 -34.63
C ASP J 163 34.11 -13.64 -35.84
N LEU J 164 33.53 -14.86 -35.78
CA LEU J 164 32.66 -15.34 -36.86
C LEU J 164 31.19 -15.13 -36.49
N ALA J 165 30.85 -15.40 -35.24
CA ALA J 165 29.48 -15.37 -34.78
C ALA J 165 28.94 -13.95 -34.70
N SER J 166 29.77 -13.02 -34.23
CA SER J 166 29.32 -11.68 -33.87
C SER J 166 30.50 -10.70 -33.62
N PRO J 167 31.10 -10.22 -34.70
CA PRO J 167 32.28 -9.35 -34.62
C PRO J 167 32.01 -8.06 -33.89
N ILE J 168 33.05 -7.48 -33.29
CA ILE J 168 32.91 -6.26 -32.51
C ILE J 168 33.68 -5.10 -33.14
N GLY J 169 33.08 -3.92 -33.16
CA GLY J 169 33.77 -2.75 -33.65
C GLY J 169 33.97 -1.70 -32.58
N ARG J 170 34.83 -0.74 -32.87
CA ARG J 170 34.99 0.39 -32.00
C ARG J 170 33.67 1.16 -31.97
N GLY J 171 33.00 1.13 -30.82
CA GLY J 171 31.74 1.83 -30.64
C GLY J 171 30.49 0.94 -30.61
N GLN J 172 30.69 -0.38 -30.52
CA GLN J 172 29.56 -1.31 -30.51
C GLN J 172 28.74 -1.19 -29.24
N ARG J 173 27.46 -1.52 -29.36
CA ARG J 173 26.56 -1.62 -28.24
C ARG J 173 26.10 -3.07 -28.21
N GLY J 174 26.85 -3.89 -27.49
CA GLY J 174 26.63 -5.33 -27.55
C GLY J 174 25.93 -5.85 -26.33
N LEU J 175 25.00 -6.78 -26.57
CA LEU J 175 24.30 -7.50 -25.50
C LEU J 175 24.74 -8.96 -25.45
N ILE J 176 25.31 -9.36 -24.32
CA ILE J 176 25.60 -10.77 -24.10
C ILE J 176 24.45 -11.36 -23.31
N VAL J 177 23.63 -12.16 -23.99
CA VAL J 177 22.39 -12.66 -23.42
C VAL J 177 22.67 -14.01 -22.79
N ALA J 178 22.66 -14.06 -21.47
CA ALA J 178 23.27 -15.16 -20.77
C ALA J 178 22.39 -15.67 -19.65
N PRO J 179 22.04 -16.96 -19.69
CA PRO J 179 21.33 -17.60 -18.60
C PRO J 179 22.36 -18.11 -17.61
N PRO J 180 21.94 -18.59 -16.44
CA PRO J 180 22.90 -18.90 -15.39
C PRO J 180 23.84 -20.04 -15.79
N LYS J 181 25.07 -19.94 -15.32
CA LYS J 181 26.11 -20.96 -15.55
C LYS J 181 26.37 -21.30 -17.04
N ALA J 182 26.47 -20.30 -17.91
CA ALA J 182 26.76 -20.55 -19.31
C ALA J 182 28.14 -20.04 -19.74
N GLY J 183 28.95 -19.69 -18.75
CA GLY J 183 30.27 -19.15 -18.98
C GLY J 183 30.28 -17.69 -19.35
N LYS J 184 29.31 -16.94 -18.82
CA LYS J 184 29.25 -15.50 -19.03
C LYS J 184 30.52 -14.82 -18.56
N THR J 185 30.99 -15.18 -17.37
CA THR J 185 32.22 -14.62 -16.78
C THR J 185 33.49 -14.99 -17.55
N MET J 186 33.65 -16.26 -17.88
CA MET J 186 34.82 -16.66 -18.65
C MET J 186 34.83 -15.99 -20.00
N LEU J 187 33.65 -15.87 -20.61
CA LEU J 187 33.56 -15.14 -21.85
C LEU J 187 34.11 -13.73 -21.68
N LEU J 188 33.65 -13.03 -20.64
CA LEU J 188 34.10 -11.66 -20.40
C LEU J 188 35.61 -11.58 -20.15
N GLN J 189 36.10 -12.46 -19.29
CA GLN J 189 37.54 -12.57 -19.04
C GLN J 189 38.31 -12.76 -20.36
N ASN J 190 37.72 -13.54 -21.27
CA ASN J 190 38.32 -13.80 -22.58
C ASN J 190 38.35 -12.55 -23.47
N ILE J 191 37.18 -11.92 -23.64
CA ILE J 191 37.11 -10.65 -24.38
C ILE J 191 38.07 -9.60 -23.80
N ALA J 192 38.11 -9.48 -22.48
CA ALA J 192 39.09 -8.61 -21.83
C ALA J 192 40.53 -8.96 -22.23
N GLN J 193 40.94 -10.19 -21.95
CA GLN J 193 42.29 -10.66 -22.28
C GLN J 193 42.60 -10.39 -23.75
N SER J 194 41.60 -10.63 -24.61
CA SER J 194 41.73 -10.45 -26.05
C SER J 194 41.89 -8.99 -26.43
N ILE J 195 41.12 -8.12 -25.76
CA ILE J 195 41.26 -6.69 -25.94
C ILE J 195 42.64 -6.21 -25.49
N ALA J 196 43.14 -6.75 -24.37
CA ALA J 196 44.45 -6.37 -23.83
C ALA J 196 45.64 -6.75 -24.74
N TYR J 197 45.69 -8.01 -25.19
CA TYR J 197 46.75 -8.47 -26.10
C TYR J 197 46.64 -7.79 -27.48
N ASN J 198 45.45 -7.86 -28.07
CA ASN J 198 45.25 -7.38 -29.42
C ASN J 198 45.13 -5.87 -29.53
N HIS J 199 44.35 -5.26 -28.64
CA HIS J 199 43.99 -3.84 -28.77
C HIS J 199 44.37 -3.01 -27.56
N PRO J 200 45.67 -2.88 -27.28
CA PRO J 200 46.11 -2.22 -26.04
C PRO J 200 45.96 -0.72 -26.16
N ASP J 201 45.53 -0.26 -27.34
CA ASP J 201 45.40 1.16 -27.64
C ASP J 201 44.10 1.74 -27.11
N CYS J 202 43.15 0.86 -26.84
CA CYS J 202 41.88 1.24 -26.22
C CYS J 202 41.98 1.29 -24.72
N VAL J 203 41.18 2.17 -24.12
CA VAL J 203 41.02 2.19 -22.68
C VAL J 203 40.01 1.11 -22.29
N LEU J 204 40.44 0.14 -21.49
CA LEU J 204 39.54 -0.95 -21.10
C LEU J 204 38.97 -0.81 -19.67
N MET J 205 37.65 -0.69 -19.60
CA MET J 205 36.94 -0.54 -18.35
C MET J 205 35.99 -1.71 -18.14
N VAL J 206 36.30 -2.53 -17.14
CA VAL J 206 35.44 -3.64 -16.81
C VAL J 206 34.56 -3.22 -15.64
N LEU J 207 33.25 -3.19 -15.86
CA LEU J 207 32.32 -2.78 -14.81
C LEU J 207 31.47 -3.92 -14.26
N LEU J 208 31.62 -4.18 -12.95
CA LEU J 208 30.93 -5.28 -12.25
C LEU J 208 29.91 -4.78 -11.24
N ILE J 209 28.63 -5.06 -11.50
CA ILE J 209 27.60 -4.42 -10.72
C ILE J 209 27.19 -5.15 -9.45
N ASP J 210 26.43 -6.22 -9.54
CA ASP J 210 25.85 -6.72 -8.30
C ASP J 210 26.60 -7.92 -7.73
N GLU J 211 27.91 -7.80 -7.60
CA GLU J 211 28.79 -8.97 -7.62
C GLU J 211 29.13 -9.63 -6.27
N ARG J 212 29.74 -10.82 -6.36
CA ARG J 212 30.29 -11.50 -5.20
C ARG J 212 31.75 -11.03 -5.03
N PRO J 213 32.17 -10.82 -3.77
CA PRO J 213 33.45 -10.18 -3.47
C PRO J 213 34.63 -10.93 -4.09
N GLU J 214 34.59 -12.26 -4.01
CA GLU J 214 35.66 -13.12 -4.53
C GLU J 214 35.72 -13.07 -6.05
N GLU J 215 34.53 -13.00 -6.65
CA GLU J 215 34.39 -12.84 -8.07
C GLU J 215 35.16 -11.60 -8.48
N VAL J 216 35.04 -10.54 -7.67
CA VAL J 216 35.61 -9.24 -8.01
C VAL J 216 37.10 -9.33 -8.15
N THR J 217 37.74 -9.97 -7.17
CA THR J 217 39.19 -9.99 -7.09
C THR J 217 39.78 -10.93 -8.13
N GLU J 218 38.99 -11.90 -8.56
CA GLU J 218 39.35 -12.75 -9.67
C GLU J 218 39.52 -11.93 -10.98
N MET J 219 38.55 -11.06 -11.25
CA MET J 219 38.62 -10.17 -12.40
C MET J 219 39.77 -9.19 -12.23
N GLN J 220 39.86 -8.59 -11.04
CA GLN J 220 40.87 -7.57 -10.77
C GLN J 220 42.26 -8.12 -11.00
N ARG J 221 42.41 -9.44 -10.93
CA ARG J 221 43.70 -10.07 -11.15
C ARG J 221 43.92 -10.59 -12.57
N LEU J 222 42.90 -10.54 -13.42
CA LEU J 222 43.09 -10.95 -14.81
C LEU J 222 43.17 -9.76 -15.76
N VAL J 223 42.18 -8.87 -15.69
CA VAL J 223 42.05 -7.77 -16.63
C VAL J 223 43.24 -6.79 -16.58
N LYS J 224 43.80 -6.50 -17.75
CA LYS J 224 44.73 -5.38 -17.90
C LYS J 224 43.91 -4.14 -18.25
N GLY J 225 43.42 -3.45 -17.22
CA GLY J 225 42.55 -2.31 -17.42
C GLY J 225 41.96 -1.85 -16.11
N GLU J 226 40.93 -1.01 -16.19
CA GLU J 226 40.29 -0.53 -14.98
C GLU J 226 39.15 -1.47 -14.68
N VAL J 227 39.18 -2.06 -13.49
CA VAL J 227 38.10 -2.94 -13.03
C VAL J 227 37.40 -2.35 -11.80
N VAL J 228 36.15 -1.95 -12.02
CA VAL J 228 35.38 -1.21 -11.03
C VAL J 228 34.21 -2.07 -10.60
N ALA J 229 33.89 -2.07 -9.31
CA ALA J 229 32.89 -3.01 -8.83
C ALA J 229 32.18 -2.53 -7.60
N SER J 230 30.87 -2.76 -7.58
CA SER J 230 30.12 -2.76 -6.34
C SER J 230 29.75 -4.20 -6.08
N THR J 231 29.52 -4.55 -4.82
CA THR J 231 29.18 -5.94 -4.49
C THR J 231 27.78 -5.97 -3.91
N PHE J 232 27.15 -7.15 -3.93
CA PHE J 232 25.76 -7.27 -3.53
C PHE J 232 25.49 -6.82 -2.11
N ASP J 233 26.54 -6.61 -1.31
CA ASP J 233 26.36 -6.15 0.06
C ASP J 233 26.60 -4.65 0.22
N GLU J 234 26.53 -3.91 -0.89
CA GLU J 234 26.40 -2.47 -0.87
C GLU J 234 25.01 -2.12 -1.44
N PRO J 235 24.45 -0.96 -1.09
CA PRO J 235 23.10 -0.57 -1.53
C PRO J 235 22.96 -0.14 -3.01
N ALA J 236 21.73 -0.20 -3.50
CA ALA J 236 21.41 0.29 -4.85
C ALA J 236 22.04 1.65 -5.16
N SER J 237 22.07 2.53 -4.16
CA SER J 237 22.67 3.85 -4.31
C SER J 237 24.10 3.75 -4.85
N ARG J 238 24.84 2.80 -4.29
CA ARG J 238 26.25 2.58 -4.63
C ARG J 238 26.41 1.94 -6.01
N HIS J 239 25.57 0.96 -6.33
CA HIS J 239 25.59 0.37 -7.67
C HIS J 239 25.42 1.48 -8.69
N VAL J 240 24.35 2.23 -8.56
CA VAL J 240 24.11 3.38 -9.42
C VAL J 240 25.34 4.30 -9.50
N GLN J 241 25.85 4.69 -8.33
CA GLN J 241 27.00 5.60 -8.21
C GLN J 241 28.19 5.11 -8.99
N VAL J 242 28.62 3.90 -8.70
CA VAL J 242 29.76 3.28 -9.37
C VAL J 242 29.59 3.33 -10.90
N ALA J 243 28.39 3.02 -11.37
CA ALA J 243 28.12 2.97 -12.80
C ALA J 243 28.18 4.35 -13.39
N GLU J 244 27.51 5.30 -12.74
CA GLU J 244 27.44 6.66 -13.27
C GLU J 244 28.83 7.32 -13.30
N MET J 245 29.66 7.00 -12.30
CA MET J 245 31.06 7.44 -12.27
C MET J 245 31.88 6.89 -13.45
N VAL J 246 31.76 5.58 -13.70
CA VAL J 246 32.38 4.95 -14.86
C VAL J 246 31.98 5.62 -16.21
N ILE J 247 30.68 5.65 -16.53
CA ILE J 247 30.20 6.11 -17.86
C ILE J 247 30.68 7.53 -18.17
N GLU J 248 30.65 8.40 -17.17
CA GLU J 248 31.12 9.77 -17.37
C GLU J 248 32.61 9.79 -17.69
N LYS J 249 33.43 9.15 -16.84
CA LYS J 249 34.83 8.96 -17.14
C LYS J 249 35.04 8.52 -18.59
N ALA J 250 34.19 7.61 -19.06
CA ALA J 250 34.28 7.14 -20.44
C ALA J 250 33.96 8.25 -21.43
N LYS J 251 32.94 9.06 -21.14
CA LYS J 251 32.57 10.14 -22.04
C LYS J 251 33.66 11.21 -22.14
N ARG J 252 34.23 11.59 -21.00
CA ARG J 252 35.33 12.56 -21.03
C ARG J 252 36.49 12.06 -21.92
N LEU J 253 36.77 10.75 -21.83
CA LEU J 253 37.85 10.20 -22.63
C LEU J 253 37.53 10.13 -24.13
N VAL J 254 36.28 9.84 -24.48
CA VAL J 254 35.88 9.94 -25.89
C VAL J 254 35.98 11.40 -26.38
N GLU J 255 35.55 12.35 -25.55
CA GLU J 255 35.71 13.77 -25.86
C GLU J 255 37.15 14.11 -26.22
N HIS J 256 38.09 13.23 -25.86
CA HIS J 256 39.47 13.40 -26.24
C HIS J 256 39.87 12.42 -27.33
N LYS J 257 38.88 11.96 -28.11
CA LYS J 257 39.14 11.13 -29.28
C LYS J 257 39.85 9.81 -28.95
N LYS J 258 39.51 9.24 -27.80
CA LYS J 258 39.98 7.91 -27.44
C LYS J 258 38.90 6.87 -27.75
N ASP J 259 39.31 5.63 -27.90
CA ASP J 259 38.39 4.51 -27.96
C ASP J 259 38.28 3.90 -26.58
N VAL J 260 37.08 3.96 -25.99
CA VAL J 260 36.86 3.41 -24.66
C VAL J 260 35.88 2.25 -24.71
N ILE J 261 36.22 1.18 -24.03
CA ILE J 261 35.46 -0.06 -24.08
C ILE J 261 35.02 -0.40 -22.69
N ILE J 262 33.72 -0.31 -22.41
CA ILE J 262 33.20 -0.76 -21.12
C ILE J 262 32.63 -2.19 -21.23
N LEU J 263 33.15 -3.11 -20.40
CA LEU J 263 32.52 -4.42 -20.25
C LEU J 263 31.63 -4.42 -19.00
N LEU J 264 30.32 -4.54 -19.21
CA LEU J 264 29.36 -4.39 -18.14
C LEU J 264 28.76 -5.71 -17.72
N ASP J 265 29.02 -6.14 -16.49
CA ASP J 265 28.33 -7.31 -15.98
C ASP J 265 26.99 -7.04 -15.34
N SER J 266 25.99 -7.61 -16.00
CA SER J 266 24.59 -7.21 -15.96
C SER J 266 24.31 -5.71 -16.02
N ILE J 267 23.91 -5.28 -17.22
CA ILE J 267 22.96 -4.19 -17.35
C ILE J 267 21.74 -4.51 -16.48
N THR J 268 21.32 -5.78 -16.43
CA THR J 268 20.11 -6.14 -15.71
C THR J 268 20.23 -5.89 -14.22
N ARG J 269 21.36 -6.23 -13.63
CA ARG J 269 21.56 -5.83 -12.23
C ARG J 269 21.59 -4.31 -12.04
N LEU J 270 22.21 -3.59 -12.97
CA LEU J 270 22.25 -2.13 -12.91
C LEU J 270 20.83 -1.60 -12.90
N ALA J 271 20.01 -2.09 -13.83
CA ALA J 271 18.61 -1.72 -13.85
C ALA J 271 17.93 -2.04 -12.52
N ARG J 272 18.26 -3.18 -11.89
CA ARG J 272 17.66 -3.47 -10.58
C ARG J 272 17.87 -2.24 -9.73
N ALA J 273 19.11 -1.75 -9.70
CA ALA J 273 19.53 -0.74 -8.75
C ALA J 273 18.74 0.55 -8.91
N TYR J 274 18.54 0.94 -10.18
CA TYR J 274 17.83 2.17 -10.52
C TYR J 274 16.38 2.04 -10.13
N ASN J 275 15.87 0.83 -10.31
CA ASN J 275 14.50 0.58 -9.94
C ASN J 275 14.26 0.79 -8.43
N THR J 276 15.20 0.39 -7.59
CA THR J 276 15.01 0.62 -6.16
C THR J 276 15.38 2.05 -5.76
N VAL J 277 16.26 2.66 -6.53
CA VAL J 277 16.81 3.96 -6.14
C VAL J 277 15.96 5.14 -6.61
N VAL J 278 15.15 4.95 -7.65
CA VAL J 278 14.44 6.06 -8.28
C VAL J 278 13.08 6.29 -7.63
N PRO J 279 12.70 7.55 -7.45
CA PRO J 279 11.35 7.92 -7.00
C PRO J 279 10.25 7.14 -7.75
N ALA J 280 9.32 6.54 -6.99
CA ALA J 280 8.15 5.85 -7.53
C ALA J 280 7.79 6.27 -8.98
N LEU J 285 4.10 0.40 -12.43
CA LEU J 285 4.94 -0.78 -12.53
C LEU J 285 4.45 -1.75 -13.62
N THR J 286 5.35 -2.63 -14.08
CA THR J 286 5.01 -3.63 -15.12
C THR J 286 5.28 -5.11 -14.74
N GLY J 287 6.10 -5.33 -13.71
CA GLY J 287 6.38 -6.66 -13.20
C GLY J 287 7.39 -6.59 -12.08
N GLY J 288 7.12 -5.70 -11.11
CA GLY J 288 8.10 -5.32 -10.12
C GLY J 288 8.79 -4.01 -10.46
N VAL J 289 9.09 -3.80 -11.74
CA VAL J 289 9.94 -2.70 -12.19
C VAL J 289 9.16 -1.46 -12.66
N ASP J 290 9.52 -0.31 -12.10
CA ASP J 290 8.91 0.95 -12.47
C ASP J 290 9.20 1.28 -13.91
N ALA J 291 8.22 1.83 -14.62
CA ALA J 291 8.42 2.18 -16.02
C ALA J 291 9.48 3.29 -16.19
N ASN J 292 9.41 4.28 -15.32
CA ASN J 292 10.39 5.36 -15.27
C ASN J 292 11.83 4.92 -14.97
N ALA J 293 11.98 3.80 -14.29
CA ALA J 293 13.28 3.36 -13.80
C ALA J 293 14.32 3.15 -14.92
N LEU J 294 13.94 2.34 -15.92
CA LEU J 294 14.85 1.92 -16.98
C LEU J 294 15.51 3.06 -17.78
N HIS J 295 14.98 4.28 -17.66
CA HIS J 295 15.54 5.44 -18.32
C HIS J 295 17.07 5.52 -18.22
N ARG J 296 17.58 5.64 -17.00
CA ARG J 296 19.02 5.81 -16.81
C ARG J 296 19.88 4.62 -17.27
N PRO J 297 19.43 3.39 -17.05
CA PRO J 297 20.07 2.23 -17.66
C PRO J 297 20.15 2.38 -19.18
N LYS J 298 19.05 2.70 -19.83
CA LYS J 298 19.03 2.85 -21.26
C LYS J 298 19.94 4.00 -21.67
N ARG J 299 19.80 5.14 -21.00
CA ARG J 299 20.72 6.25 -21.16
C ARG J 299 22.17 5.75 -21.18
N PHE J 300 22.50 4.88 -20.22
CA PHE J 300 23.84 4.33 -20.10
C PHE J 300 24.24 3.50 -21.32
N PHE J 301 23.45 2.48 -21.64
CA PHE J 301 23.65 1.71 -22.88
C PHE J 301 23.63 2.59 -24.13
N GLY J 302 22.63 3.46 -24.22
CA GLY J 302 22.49 4.37 -25.35
C GLY J 302 23.76 5.17 -25.61
N ALA J 303 24.62 5.27 -24.59
CA ALA J 303 25.86 6.04 -24.67
C ALA J 303 26.80 5.50 -25.74
N ALA J 304 26.84 4.16 -25.89
CA ALA J 304 27.74 3.51 -26.85
C ALA J 304 27.58 4.11 -28.23
N ARG J 305 28.69 4.37 -28.89
CA ARG J 305 28.64 4.90 -30.25
C ARG J 305 30.02 5.04 -30.81
N ASN J 306 30.13 4.86 -32.11
CA ASN J 306 31.31 5.31 -32.82
C ASN J 306 31.11 6.76 -33.14
N VAL J 307 32.11 7.55 -32.77
CA VAL J 307 32.02 9.00 -32.88
C VAL J 307 32.68 9.48 -34.19
N GLU J 308 31.92 10.23 -34.99
CA GLU J 308 32.43 10.75 -36.27
C GLU J 308 33.60 11.70 -36.04
N GLU J 309 33.50 12.53 -35.00
CA GLU J 309 34.56 13.49 -34.71
C GLU J 309 35.81 12.81 -34.15
N GLY J 310 35.83 11.48 -34.20
CA GLY J 310 36.94 10.72 -33.68
C GLY J 310 36.68 10.10 -32.31
N GLY J 311 37.24 8.93 -32.09
CA GLY J 311 37.06 8.20 -30.85
C GLY J 311 35.85 7.30 -30.97
N SER J 312 35.57 6.54 -29.90
CA SER J 312 34.33 5.78 -29.78
C SER J 312 34.11 5.29 -28.36
N LEU J 313 32.86 5.05 -28.01
CA LEU J 313 32.54 4.36 -26.76
C LEU J 313 31.84 3.06 -27.07
N THR J 314 32.47 1.96 -26.70
CA THR J 314 31.89 0.65 -26.93
C THR J 314 31.48 0.02 -25.60
N ILE J 315 30.24 -0.46 -25.53
CA ILE J 315 29.78 -1.14 -24.33
C ILE J 315 29.32 -2.54 -24.70
N ILE J 316 29.88 -3.54 -24.03
CA ILE J 316 29.36 -4.89 -24.09
C ILE J 316 28.78 -5.16 -22.73
N ALA J 317 27.48 -5.38 -22.66
CA ALA J 317 26.82 -5.67 -21.39
C ALA J 317 26.17 -7.02 -21.43
N THR J 318 26.17 -7.72 -20.30
CA THR J 318 25.46 -8.99 -20.17
C THR J 318 24.04 -8.73 -19.74
N ALA J 319 23.11 -9.38 -20.42
CA ALA J 319 21.72 -9.40 -19.97
C ALA J 319 21.50 -10.75 -19.36
N LEU J 320 21.40 -10.79 -18.05
CA LEU J 320 21.13 -12.02 -17.31
C LEU J 320 19.74 -12.44 -17.68
N ILE J 321 19.57 -13.73 -17.93
CA ILE J 321 18.35 -14.28 -18.49
C ILE J 321 18.03 -15.60 -17.80
N ASP J 322 16.78 -16.03 -17.84
CA ASP J 322 16.41 -17.33 -17.24
C ASP J 322 16.77 -17.48 -15.75
N THR J 323 16.44 -16.49 -14.93
CA THR J 323 16.84 -16.46 -13.53
C THR J 323 15.69 -16.77 -12.59
N GLY J 324 14.49 -16.92 -13.15
CA GLY J 324 13.29 -17.05 -12.33
C GLY J 324 12.88 -15.74 -11.69
N SER J 325 13.34 -14.65 -12.27
CA SER J 325 12.95 -13.34 -11.79
C SER J 325 12.11 -12.70 -12.86
N LYS J 326 10.86 -12.36 -12.51
CA LYS J 326 9.98 -11.62 -13.41
C LYS J 326 10.71 -10.36 -13.88
N MET J 327 11.37 -9.70 -12.94
CA MET J 327 11.97 -8.41 -13.20
C MET J 327 13.19 -8.50 -14.12
N ASP J 328 14.06 -9.47 -13.88
CA ASP J 328 15.16 -9.71 -14.80
C ASP J 328 14.60 -9.86 -16.21
N GLU J 329 13.50 -10.61 -16.32
CA GLU J 329 12.86 -10.86 -17.61
C GLU J 329 12.37 -9.57 -18.27
N VAL J 330 11.64 -8.76 -17.51
CA VAL J 330 11.11 -7.49 -17.99
C VAL J 330 12.20 -6.58 -18.51
N ILE J 331 13.29 -6.49 -17.76
CA ILE J 331 14.46 -5.69 -18.14
C ILE J 331 15.05 -6.15 -19.48
N TYR J 332 15.19 -7.47 -19.66
CA TYR J 332 15.71 -8.00 -20.92
C TYR J 332 14.78 -7.64 -22.09
N GLU J 333 13.48 -7.92 -21.94
CA GLU J 333 12.47 -7.48 -22.91
C GLU J 333 12.73 -6.04 -23.29
N GLU J 334 12.97 -5.22 -22.27
CA GLU J 334 13.09 -3.78 -22.45
C GLU J 334 14.42 -3.32 -23.08
N PHE J 335 15.34 -4.25 -23.31
CA PHE J 335 16.62 -3.93 -23.95
C PHE J 335 16.79 -4.62 -25.31
N LYS J 336 15.86 -5.50 -25.66
CA LYS J 336 15.76 -5.94 -27.04
C LYS J 336 15.77 -4.70 -27.95
N GLY J 337 16.47 -4.80 -29.08
CA GLY J 337 16.47 -3.75 -30.09
C GLY J 337 17.34 -2.55 -29.76
N THR J 338 17.94 -2.54 -28.58
CA THR J 338 18.75 -1.39 -28.22
C THR J 338 20.16 -1.57 -28.72
N GLY J 339 20.67 -2.81 -28.68
CA GLY J 339 22.03 -3.09 -29.10
C GLY J 339 22.21 -3.24 -30.60
N ASN J 340 23.45 -3.46 -31.02
CA ASN J 340 23.75 -3.68 -32.44
C ASN J 340 24.72 -4.84 -32.62
N MET J 341 24.92 -5.56 -31.53
CA MET J 341 25.54 -6.87 -31.56
C MET J 341 24.83 -7.69 -30.52
N GLU J 342 24.70 -8.99 -30.77
CA GLU J 342 24.37 -9.91 -29.70
C GLU J 342 25.10 -11.24 -29.76
N LEU J 343 25.50 -11.70 -28.58
CA LEU J 343 25.97 -13.05 -28.38
C LEU J 343 24.97 -13.73 -27.47
N HIS J 344 24.50 -14.90 -27.87
CA HIS J 344 23.53 -15.64 -27.09
C HIS J 344 24.20 -16.86 -26.51
N LEU J 345 24.11 -16.99 -25.20
CA LEU J 345 24.67 -18.14 -24.54
C LEU J 345 23.54 -19.10 -24.24
N SER J 346 23.84 -20.40 -24.26
CA SER J 346 22.81 -21.42 -24.14
C SER J 346 23.14 -22.42 -23.04
N ARG J 347 22.19 -22.62 -22.12
CA ARG J 347 22.37 -23.60 -21.03
C ARG J 347 22.57 -25.02 -21.56
N LYS J 348 21.90 -25.34 -22.67
CA LYS J 348 21.98 -26.65 -23.31
C LYS J 348 23.41 -27.00 -23.71
N ILE J 349 24.09 -26.04 -24.34
CA ILE J 349 25.48 -26.22 -24.76
C ILE J 349 26.40 -26.26 -23.55
N ALA J 350 26.00 -25.57 -22.49
CA ALA J 350 26.75 -25.57 -21.25
C ALA J 350 26.55 -26.89 -20.47
N GLU J 351 25.29 -27.34 -20.39
CA GLU J 351 24.96 -28.59 -19.73
C GLU J 351 25.86 -29.73 -20.24
N LYS J 352 26.23 -29.66 -21.51
CA LYS J 352 26.96 -30.74 -22.15
C LYS J 352 28.49 -30.58 -22.08
N ARG J 353 28.94 -29.47 -21.51
CA ARG J 353 30.38 -29.20 -21.35
C ARG J 353 31.09 -28.72 -22.59
N VAL J 354 30.34 -28.55 -23.69
CA VAL J 354 30.90 -28.02 -24.93
C VAL J 354 31.09 -26.53 -24.73
N PHE J 355 32.31 -26.15 -24.38
CA PHE J 355 32.49 -24.86 -23.74
C PHE J 355 33.21 -23.75 -24.52
N PRO J 356 32.75 -23.46 -25.72
CA PRO J 356 32.54 -22.08 -26.17
C PRO J 356 31.10 -21.60 -25.89
N ALA J 357 30.09 -22.48 -26.04
CA ALA J 357 28.73 -22.29 -25.47
C ALA J 357 27.88 -21.17 -26.07
N ILE J 358 28.20 -20.79 -27.31
CA ILE J 358 27.48 -19.74 -28.00
C ILE J 358 26.37 -20.34 -28.86
N ASP J 359 25.22 -19.67 -28.87
CA ASP J 359 24.15 -19.97 -29.80
C ASP J 359 24.42 -19.26 -31.13
N TYR J 360 25.20 -19.90 -32.00
CA TYR J 360 25.60 -19.32 -33.28
C TYR J 360 24.45 -18.70 -34.09
N ASN J 361 23.41 -19.49 -34.35
CA ASN J 361 22.30 -19.03 -35.17
C ASN J 361 21.51 -17.86 -34.58
N ARG J 362 21.72 -17.56 -33.29
CA ARG J 362 21.04 -16.45 -32.62
C ARG J 362 21.95 -15.24 -32.41
N SER J 363 23.24 -15.44 -32.65
CA SER J 363 24.19 -14.35 -32.48
C SER J 363 24.37 -13.60 -33.80
N GLY J 364 25.16 -12.53 -33.77
CA GLY J 364 25.41 -11.72 -34.96
C GLY J 364 25.31 -10.23 -34.71
N THR J 365 26.21 -9.45 -35.33
CA THR J 365 26.12 -8.00 -35.24
C THR J 365 25.57 -7.33 -36.51
N ARG J 366 25.05 -6.12 -36.34
CA ARG J 366 24.51 -5.31 -37.44
C ARG J 366 25.62 -4.58 -38.23
N LYS J 367 25.35 -4.35 -39.50
CA LYS J 367 26.36 -3.79 -40.41
C LYS J 367 27.70 -4.53 -40.31
N GLU J 368 27.64 -5.86 -40.30
CA GLU J 368 28.80 -6.73 -40.40
C GLU J 368 29.76 -6.19 -41.44
N GLU J 369 29.19 -5.84 -42.60
CA GLU J 369 29.92 -5.35 -43.76
C GLU J 369 30.94 -4.24 -43.48
N LEU J 370 30.72 -3.47 -42.43
CA LEU J 370 31.63 -2.38 -42.11
C LEU J 370 32.79 -2.80 -41.19
N LEU J 371 32.81 -4.06 -40.76
CA LEU J 371 33.75 -4.55 -39.74
C LEU J 371 34.61 -5.70 -40.23
N THR J 372 34.92 -5.67 -41.52
CA THR J 372 35.13 -6.89 -42.27
C THR J 372 35.52 -6.55 -43.70
N THR J 373 36.48 -7.29 -44.25
CA THR J 373 36.82 -7.22 -45.69
C THR J 373 35.80 -8.01 -46.51
N GLN J 374 35.51 -7.55 -47.72
CA GLN J 374 34.48 -8.18 -48.57
C GLN J 374 34.66 -9.69 -48.72
N GLU J 375 35.93 -10.13 -48.82
CA GLU J 375 36.29 -11.56 -48.90
C GLU J 375 35.78 -12.31 -47.70
N GLU J 376 36.19 -11.85 -46.53
CA GLU J 376 35.80 -12.40 -45.24
C GLU J 376 34.28 -12.57 -45.11
N LEU J 377 33.53 -11.50 -45.37
CA LEU J 377 32.09 -11.51 -45.20
C LEU J 377 31.44 -12.67 -45.95
N GLN J 378 31.87 -12.87 -47.20
CA GLN J 378 31.41 -14.00 -48.00
C GLN J 378 31.81 -15.34 -47.40
N LYS J 379 33.03 -15.42 -46.84
CA LYS J 379 33.49 -16.60 -46.08
C LYS J 379 32.57 -16.88 -44.90
N MET J 380 32.14 -15.81 -44.24
CA MET J 380 31.24 -15.91 -43.09
C MET J 380 29.83 -16.35 -43.50
N TRP J 381 29.38 -15.88 -44.66
CA TRP J 381 28.04 -16.18 -45.14
C TRP J 381 27.82 -17.66 -45.46
N ILE J 382 28.85 -18.33 -45.99
CA ILE J 382 28.75 -19.77 -46.28
C ILE J 382 28.82 -20.59 -44.99
N LEU J 383 29.64 -20.13 -44.04
CA LEU J 383 29.72 -20.72 -42.71
C LEU J 383 28.34 -20.68 -42.07
N ARG J 384 27.69 -19.52 -42.21
CA ARG J 384 26.33 -19.29 -41.70
C ARG J 384 25.30 -20.12 -42.48
N LYS J 385 25.48 -20.19 -43.80
CA LYS J 385 24.65 -21.01 -44.67
C LYS J 385 24.65 -22.48 -44.21
N ILE J 386 25.82 -22.97 -43.81
CA ILE J 386 25.98 -24.38 -43.44
C ILE J 386 25.61 -24.69 -41.99
N ILE J 387 25.94 -23.79 -41.06
CA ILE J 387 25.63 -24.00 -39.64
C ILE J 387 24.16 -23.73 -39.32
N HIS J 388 23.48 -23.02 -40.21
CA HIS J 388 22.10 -22.60 -39.94
C HIS J 388 21.14 -23.73 -39.49
N PRO J 389 20.97 -24.79 -40.29
CA PRO J 389 19.99 -25.83 -39.96
C PRO J 389 20.39 -26.70 -38.76
N MET J 390 21.68 -26.67 -38.39
CA MET J 390 22.18 -27.41 -37.23
C MET J 390 21.58 -26.85 -35.94
N GLY J 391 21.27 -27.76 -35.01
CA GLY J 391 20.79 -27.38 -33.70
C GLY J 391 21.89 -26.69 -32.90
N GLU J 392 21.50 -26.00 -31.82
CA GLU J 392 22.43 -25.30 -30.95
C GLU J 392 23.69 -26.12 -30.70
N ILE J 393 23.51 -27.29 -30.08
CA ILE J 393 24.63 -28.10 -29.58
C ILE J 393 25.55 -28.59 -30.70
N ASP J 394 24.94 -29.14 -31.75
CA ASP J 394 25.68 -29.58 -32.92
C ASP J 394 26.60 -28.47 -33.42
N ALA J 395 26.01 -27.30 -33.61
CA ALA J 395 26.66 -26.17 -34.27
C ALA J 395 27.95 -25.74 -33.60
N MET J 396 27.99 -25.83 -32.28
CA MET J 396 29.20 -25.52 -31.53
C MET J 396 30.23 -26.64 -31.66
N GLU J 397 29.80 -27.86 -31.37
CA GLU J 397 30.64 -29.04 -31.54
C GLU J 397 31.30 -29.06 -32.93
N PHE J 398 30.53 -28.70 -33.95
CA PHE J 398 31.02 -28.62 -35.33
C PHE J 398 32.08 -27.53 -35.54
N LEU J 399 31.90 -26.39 -34.87
CA LEU J 399 32.84 -25.29 -34.98
C LEU J 399 34.16 -25.57 -34.28
N ILE J 400 34.08 -26.12 -33.06
CA ILE J 400 35.29 -26.39 -32.27
C ILE J 400 36.21 -27.43 -32.92
N ASN J 401 35.62 -28.52 -33.42
CA ASN J 401 36.41 -29.59 -34.09
C ASN J 401 37.13 -29.07 -35.33
N LYS J 402 36.49 -28.16 -36.05
CA LYS J 402 37.02 -27.65 -37.32
C LYS J 402 37.97 -26.47 -37.12
N LEU J 403 37.77 -25.70 -36.05
CA LEU J 403 38.63 -24.55 -35.77
C LEU J 403 39.94 -24.97 -35.11
N ALA J 404 39.86 -25.90 -34.16
CA ALA J 404 41.01 -26.29 -33.34
C ALA J 404 42.15 -26.85 -34.17
N MET J 405 41.84 -27.22 -35.42
CA MET J 405 42.85 -27.74 -36.34
C MET J 405 43.80 -26.63 -36.83
N THR J 406 43.36 -25.38 -36.73
CA THR J 406 44.05 -24.25 -37.39
C THR J 406 44.09 -22.98 -36.55
N LYS J 407 44.19 -21.83 -37.23
CA LYS J 407 43.89 -20.50 -36.67
C LYS J 407 42.85 -19.85 -37.60
N THR J 408 42.17 -18.79 -37.14
CA THR J 408 40.95 -18.28 -37.79
C THR J 408 40.97 -18.26 -39.33
N ASN J 409 42.05 -17.72 -39.91
CA ASN J 409 42.14 -17.51 -41.36
C ASN J 409 42.16 -18.80 -42.16
N ASP J 410 43.12 -19.66 -41.84
CA ASP J 410 43.34 -20.89 -42.59
C ASP J 410 42.20 -21.90 -42.45
N ASP J 411 41.30 -21.66 -41.49
CA ASP J 411 40.16 -22.52 -41.26
C ASP J 411 39.24 -22.58 -42.47
N PHE J 412 39.19 -21.51 -43.26
CA PHE J 412 38.36 -21.49 -44.46
C PHE J 412 39.06 -22.09 -45.70
N PHE J 413 40.29 -21.65 -45.92
CA PHE J 413 41.10 -22.23 -46.98
C PHE J 413 41.08 -23.75 -46.83
N GLU J 414 41.50 -24.21 -45.65
CA GLU J 414 41.60 -25.64 -45.36
C GLU J 414 40.29 -26.42 -45.54
N MET J 415 39.18 -25.82 -45.10
CA MET J 415 37.90 -26.51 -45.16
C MET J 415 37.09 -26.13 -46.42
N MET J 416 37.79 -25.70 -47.46
CA MET J 416 37.20 -25.59 -48.79
C MET J 416 37.48 -26.87 -49.59
N LYS J 417 38.76 -27.14 -49.84
CA LYS J 417 39.18 -28.37 -50.54
C LYS J 417 40.51 -28.86 -50.01
N MET K 1 21.55 35.59 -35.44
CA MET K 1 21.03 35.91 -36.81
C MET K 1 19.53 35.62 -36.88
N ASN K 2 19.14 34.64 -37.68
CA ASN K 2 17.84 33.99 -37.56
C ASN K 2 18.02 32.65 -36.86
N LEU K 3 17.08 32.28 -35.98
CA LEU K 3 17.26 31.12 -35.11
C LEU K 3 17.54 29.80 -35.85
N THR K 4 16.78 29.55 -36.92
CA THR K 4 16.84 28.28 -37.64
C THR K 4 18.19 27.97 -38.29
N GLU K 5 18.86 29.01 -38.79
CA GLU K 5 20.22 28.87 -39.31
C GLU K 5 21.17 28.46 -38.19
N LEU K 6 21.05 29.15 -37.05
CA LEU K 6 21.81 28.85 -35.84
C LEU K 6 21.60 27.42 -35.36
N LYS K 7 20.42 26.87 -35.65
CA LYS K 7 20.13 25.49 -35.31
C LYS K 7 20.82 24.54 -36.28
N ASN K 8 20.96 24.98 -37.53
CA ASN K 8 21.50 24.13 -38.60
C ASN K 8 23.01 24.27 -38.84
N THR K 9 23.73 24.89 -37.90
CA THR K 9 25.20 24.98 -38.00
C THR K 9 25.90 24.07 -36.99
N PRO K 10 26.92 23.33 -37.45
CA PRO K 10 27.66 22.39 -36.60
C PRO K 10 28.19 23.01 -35.32
N VAL K 11 28.25 22.21 -34.26
CA VAL K 11 28.66 22.68 -32.94
C VAL K 11 30.05 23.31 -32.93
N SER K 12 30.93 22.82 -33.81
CA SER K 12 32.30 23.33 -33.92
C SER K 12 32.35 24.78 -34.37
N GLU K 13 31.50 25.11 -35.35
CA GLU K 13 31.40 26.46 -35.89
C GLU K 13 30.59 27.34 -34.95
N LEU K 14 29.62 26.75 -34.29
CA LEU K 14 28.78 27.47 -33.34
C LEU K 14 29.59 28.09 -32.19
N ILE K 15 30.57 27.32 -31.68
CA ILE K 15 31.46 27.81 -30.60
C ILE K 15 32.25 29.05 -31.02
N THR K 16 33.05 28.91 -32.09
CA THR K 16 33.96 29.97 -32.50
C THR K 16 33.23 31.21 -33.03
N LEU K 17 31.97 31.04 -33.40
CA LEU K 17 31.10 32.17 -33.72
C LEU K 17 30.79 32.97 -32.45
N GLY K 18 30.58 32.26 -31.34
CA GLY K 18 30.35 32.87 -30.04
C GLY K 18 31.66 33.30 -29.42
N GLU K 19 32.74 32.67 -29.85
CA GLU K 19 34.08 33.10 -29.47
C GLU K 19 34.47 34.31 -30.30
N ASN K 20 33.99 34.36 -31.54
CA ASN K 20 34.00 35.59 -32.34
C ASN K 20 32.88 36.52 -31.88
N MET K 21 32.48 36.36 -30.61
CA MET K 21 31.52 37.24 -29.95
C MET K 21 31.91 37.55 -28.49
N GLY K 22 33.08 37.07 -28.06
CA GLY K 22 33.59 37.34 -26.73
C GLY K 22 33.06 36.41 -25.65
N LEU K 23 32.01 35.67 -25.99
CA LEU K 23 31.41 34.70 -25.08
C LEU K 23 32.46 33.71 -24.59
N GLU K 24 32.79 33.81 -23.29
CA GLU K 24 33.76 32.92 -22.66
C GLU K 24 33.31 31.48 -22.83
N ASN K 25 34.29 30.61 -23.05
CA ASN K 25 34.11 29.40 -23.85
C ASN K 25 32.92 28.47 -23.52
N LEU K 26 32.24 28.04 -24.59
CA LEU K 26 30.97 27.32 -24.55
C LEU K 26 31.12 25.88 -25.06
N ALA K 27 32.36 25.49 -25.32
CA ALA K 27 32.69 24.14 -25.82
C ALA K 27 31.94 23.03 -25.10
N ARG K 28 31.92 23.11 -23.77
CA ARG K 28 31.48 22.00 -22.92
C ARG K 28 29.99 22.02 -22.55
N MET K 29 29.24 23.01 -23.04
CA MET K 29 27.77 23.00 -22.92
C MET K 29 27.08 22.24 -24.05
N ARG K 30 25.76 22.10 -23.94
CA ARG K 30 24.96 21.43 -24.96
C ARG K 30 24.66 22.41 -26.08
N LYS K 31 24.49 21.90 -27.30
CA LYS K 31 24.24 22.74 -28.48
C LYS K 31 23.17 23.77 -28.18
N GLN K 32 22.09 23.32 -27.54
CA GLN K 32 20.96 24.18 -27.24
C GLN K 32 21.34 25.38 -26.36
N ASP K 33 22.20 25.14 -25.38
CA ASP K 33 22.67 26.19 -24.47
C ASP K 33 23.69 27.09 -25.12
N ILE K 34 24.44 26.55 -26.09
CA ILE K 34 25.35 27.37 -26.90
C ILE K 34 24.56 28.32 -27.79
N ILE K 35 23.48 27.82 -28.39
CA ILE K 35 22.61 28.63 -29.26
C ILE K 35 21.95 29.76 -28.47
N PHE K 36 21.27 29.40 -27.38
CA PHE K 36 20.62 30.39 -26.53
C PHE K 36 21.62 31.43 -26.02
N ALA K 37 22.84 30.99 -25.72
CA ALA K 37 23.89 31.86 -25.21
C ALA K 37 24.32 32.91 -26.24
N ILE K 38 24.56 32.45 -27.47
CA ILE K 38 24.82 33.36 -28.58
C ILE K 38 23.64 34.30 -28.73
N LEU K 39 22.45 33.73 -28.92
CA LEU K 39 21.21 34.49 -29.08
C LEU K 39 21.05 35.59 -28.02
N LYS K 40 21.24 35.23 -26.75
CA LYS K 40 21.09 36.17 -25.64
C LYS K 40 22.14 37.28 -25.67
N GLN K 41 23.30 36.98 -26.26
CA GLN K 41 24.34 37.98 -26.43
C GLN K 41 24.08 38.85 -27.64
N HIS K 42 23.43 38.28 -28.65
CA HIS K 42 23.11 39.02 -29.86
C HIS K 42 21.94 39.97 -29.65
N ALA K 43 21.28 39.83 -28.51
CA ALA K 43 20.20 40.70 -28.10
C ALA K 43 20.63 42.17 -27.94
N LYS K 44 21.90 42.47 -28.26
CA LYS K 44 22.41 43.84 -28.25
C LYS K 44 21.84 44.65 -29.41
N SER K 45 22.57 44.69 -30.52
CA SER K 45 22.05 45.29 -31.75
C SER K 45 21.76 44.21 -32.79
N GLY K 46 21.18 44.63 -33.92
CA GLY K 46 20.60 43.69 -34.86
C GLY K 46 19.10 43.65 -34.63
N GLU K 47 18.71 43.56 -33.35
CA GLU K 47 17.30 43.60 -32.90
C GLU K 47 16.31 42.76 -33.73
N ASP K 48 16.81 42.15 -34.81
CA ASP K 48 15.96 41.43 -35.74
C ASP K 48 15.56 40.08 -35.18
N ILE K 49 16.54 39.20 -34.99
CA ILE K 49 16.30 37.80 -34.60
C ILE K 49 14.96 37.25 -35.07
N PHE K 50 14.97 36.58 -36.23
CA PHE K 50 13.78 35.93 -36.73
C PHE K 50 13.74 34.48 -36.23
N GLY K 51 12.77 34.19 -35.37
CA GLY K 51 12.54 32.83 -34.93
C GLY K 51 11.58 32.10 -35.84
N ASP K 52 11.62 30.78 -35.78
CA ASP K 52 10.59 29.95 -36.38
C ASP K 52 10.56 28.61 -35.67
N GLY K 53 9.49 27.87 -35.91
CA GLY K 53 9.36 26.53 -35.38
C GLY K 53 7.92 26.09 -35.40
N VAL K 54 7.69 24.82 -35.07
CA VAL K 54 6.33 24.31 -34.94
C VAL K 54 5.83 24.58 -33.53
N LEU K 55 4.54 24.89 -33.40
CA LEU K 55 3.98 25.30 -32.12
C LEU K 55 3.34 24.15 -31.37
N GLU K 56 3.78 23.96 -30.13
CA GLU K 56 3.07 23.10 -29.20
C GLU K 56 2.46 23.96 -28.12
N ILE K 57 1.13 23.98 -28.03
CA ILE K 57 0.46 24.63 -26.92
C ILE K 57 0.50 23.71 -25.72
N LEU K 58 0.78 24.26 -24.54
CA LEU K 58 0.78 23.45 -23.32
C LEU K 58 -0.53 23.61 -22.55
N GLN K 59 -0.77 22.69 -21.63
CA GLN K 59 -1.99 22.60 -20.82
C GLN K 59 -2.51 23.94 -20.23
N ASP K 60 -1.77 25.02 -20.44
CA ASP K 60 -1.98 26.26 -19.69
C ASP K 60 -2.63 27.41 -20.48
N GLY K 61 -2.25 27.55 -21.75
CA GLY K 61 -2.75 28.65 -22.57
C GLY K 61 -1.68 29.34 -23.43
N PHE K 62 -0.44 29.30 -22.95
CA PHE K 62 0.72 29.71 -23.73
C PHE K 62 1.27 28.50 -24.53
N GLY K 63 2.19 28.77 -25.45
CA GLY K 63 2.81 27.69 -26.21
C GLY K 63 4.28 27.93 -26.49
N PHE K 64 4.91 26.99 -27.17
CA PHE K 64 6.30 27.16 -27.56
C PHE K 64 6.58 26.73 -28.99
N LEU K 65 7.37 27.53 -29.69
CA LEU K 65 7.92 27.13 -30.97
C LEU K 65 9.14 26.22 -30.75
N ARG K 66 9.00 24.98 -31.22
CA ARG K 66 10.03 23.96 -31.07
C ARG K 66 10.60 23.67 -32.44
N SER K 67 11.83 23.17 -32.48
CA SER K 67 12.56 23.06 -33.74
C SER K 67 12.69 21.62 -34.20
N ALA K 68 12.72 21.46 -35.52
CA ALA K 68 12.85 20.16 -36.14
C ALA K 68 14.24 19.56 -35.98
N ASP K 69 15.30 20.38 -36.11
CA ASP K 69 16.67 19.87 -36.02
C ASP K 69 16.86 19.08 -34.75
N SER K 70 16.02 19.35 -33.75
CA SER K 70 16.05 18.65 -32.47
C SER K 70 14.79 17.82 -32.28
N SER K 71 14.22 17.34 -33.38
CA SER K 71 12.99 16.55 -33.33
C SER K 71 12.02 17.10 -32.27
N TYR K 72 11.83 18.42 -32.30
CA TYR K 72 10.93 19.13 -31.37
C TYR K 72 11.17 18.87 -29.86
N LEU K 73 12.44 18.72 -29.47
CA LEU K 73 12.80 18.54 -28.06
C LEU K 73 12.77 19.85 -27.29
N ALA K 74 12.02 19.89 -26.19
CA ALA K 74 11.98 21.08 -25.37
C ALA K 74 13.40 21.44 -24.95
N GLY K 75 13.82 22.63 -25.33
CA GLY K 75 15.13 23.14 -25.00
C GLY K 75 15.03 24.59 -24.63
N PRO K 76 16.10 25.16 -24.11
CA PRO K 76 16.09 26.56 -23.66
C PRO K 76 15.95 27.55 -24.81
N ASP K 77 16.07 27.08 -26.05
CA ASP K 77 16.04 27.95 -27.20
C ASP K 77 14.72 27.86 -27.94
N ASP K 78 13.73 27.23 -27.31
CA ASP K 78 12.38 27.24 -27.84
C ASP K 78 11.78 28.62 -27.64
N ILE K 79 10.92 29.03 -28.56
CA ILE K 79 10.37 30.38 -28.53
C ILE K 79 8.99 30.41 -27.87
N TYR K 80 8.85 31.24 -26.85
CA TYR K 80 7.60 31.35 -26.10
C TYR K 80 6.49 32.04 -26.91
N VAL K 81 5.31 31.42 -26.91
CA VAL K 81 4.14 32.02 -27.53
C VAL K 81 3.05 32.30 -26.51
N SER K 82 2.58 33.57 -26.49
CA SER K 82 1.60 34.08 -25.54
C SER K 82 0.18 33.60 -25.83
N PRO K 83 -0.69 33.60 -24.82
CA PRO K 83 -2.10 33.19 -24.98
C PRO K 83 -2.88 34.19 -25.82
N SER K 84 -2.37 35.42 -25.88
CA SER K 84 -3.01 36.52 -26.57
C SER K 84 -2.62 36.55 -28.04
N GLN K 85 -1.52 35.87 -28.36
CA GLN K 85 -1.11 35.64 -29.75
C GLN K 85 -1.91 34.48 -30.31
N ILE K 86 -1.90 33.36 -29.59
CA ILE K 86 -2.68 32.17 -29.96
C ILE K 86 -4.12 32.54 -30.21
N ARG K 87 -4.71 33.25 -29.23
CA ARG K 87 -6.11 33.65 -29.30
C ARG K 87 -6.41 34.51 -30.52
N ARG K 88 -5.58 35.53 -30.74
CA ARG K 88 -5.72 36.43 -31.87
C ARG K 88 -5.89 35.63 -33.16
N PHE K 89 -4.88 34.85 -33.50
CA PHE K 89 -4.85 34.16 -34.78
C PHE K 89 -5.44 32.77 -34.69
N ASN K 90 -6.05 32.47 -33.54
CA ASN K 90 -6.67 31.16 -33.28
C ASN K 90 -5.71 30.00 -33.58
N LEU K 91 -4.57 29.99 -32.90
CA LEU K 91 -3.51 29.04 -33.21
C LEU K 91 -3.81 27.66 -32.65
N ARG K 92 -3.10 26.66 -33.18
CA ARG K 92 -3.24 25.26 -32.81
C ARG K 92 -1.86 24.57 -32.87
N THR K 93 -1.61 23.60 -32.00
CA THR K 93 -0.32 22.88 -32.05
C THR K 93 -0.11 22.22 -33.42
N GLY K 94 1.08 22.36 -33.99
CA GLY K 94 1.36 21.90 -35.34
C GLY K 94 1.37 23.01 -36.37
N ASP K 95 1.00 24.21 -35.92
CA ASP K 95 1.17 25.40 -36.72
C ASP K 95 2.67 25.70 -36.82
N THR K 96 3.10 26.14 -37.99
CA THR K 96 4.47 26.59 -38.19
C THR K 96 4.46 28.11 -38.17
N ILE K 97 5.32 28.72 -37.37
CA ILE K 97 5.24 30.17 -37.15
C ILE K 97 6.59 30.84 -37.25
N SER K 98 6.61 31.98 -37.92
CA SER K 98 7.79 32.84 -38.01
C SER K 98 7.48 34.19 -37.38
N GLY K 99 8.46 35.07 -37.37
CA GLY K 99 8.29 36.40 -36.81
C GLY K 99 9.52 36.87 -36.07
N LYS K 100 9.52 38.15 -35.70
CA LYS K 100 10.55 38.70 -34.84
C LYS K 100 10.43 38.11 -33.43
N ILE K 101 11.56 37.77 -32.84
CA ILE K 101 11.59 37.27 -31.45
C ILE K 101 12.38 38.20 -30.55
N ARG K 102 11.88 38.37 -29.33
CA ARG K 102 12.46 39.30 -28.38
C ARG K 102 13.25 38.56 -27.29
N PRO K 103 14.25 39.23 -26.71
CA PRO K 103 15.01 38.66 -25.58
C PRO K 103 14.14 38.50 -24.33
N PRO K 104 14.51 37.58 -23.43
CA PRO K 104 13.78 37.44 -22.16
C PRO K 104 14.16 38.55 -21.19
N LYS K 105 13.15 39.24 -20.66
CA LYS K 105 13.36 40.29 -19.67
C LYS K 105 13.44 39.66 -18.28
N GLU K 106 14.01 40.40 -17.34
CA GLU K 106 13.98 40.02 -15.92
C GLU K 106 12.64 39.35 -15.57
N GLY K 107 12.70 38.16 -14.97
CA GLY K 107 11.50 37.42 -14.63
C GLY K 107 11.15 36.35 -15.65
N GLU K 108 11.67 36.50 -16.87
CA GLU K 108 11.44 35.54 -17.95
C GLU K 108 12.67 34.62 -18.15
N ARG K 109 12.49 33.59 -18.99
CA ARG K 109 13.53 32.57 -19.19
C ARG K 109 13.78 32.24 -20.68
N TYR K 110 12.86 32.66 -21.54
CA TYR K 110 12.87 32.24 -22.94
C TYR K 110 12.71 33.42 -23.90
N PHE K 111 13.33 33.31 -25.06
CA PHE K 111 13.00 34.17 -26.18
C PHE K 111 11.52 34.01 -26.51
N ALA K 112 10.90 35.10 -26.93
CA ALA K 112 9.45 35.12 -27.14
C ALA K 112 9.07 35.66 -28.51
N LEU K 113 8.01 35.10 -29.06
CA LEU K 113 7.39 35.64 -30.26
C LEU K 113 6.80 37.02 -29.96
N LEU K 114 7.28 38.00 -30.70
CA LEU K 114 6.94 39.39 -30.46
C LEU K 114 5.91 39.86 -31.49
N LYS K 115 6.17 39.53 -32.77
CA LYS K 115 5.20 39.66 -33.87
C LYS K 115 5.11 38.34 -34.63
N VAL K 116 3.96 38.06 -35.23
CA VAL K 116 3.82 36.90 -36.09
C VAL K 116 3.88 37.31 -37.56
N ASN K 117 4.85 36.79 -38.29
CA ASN K 117 4.97 37.09 -39.72
C ASN K 117 4.22 36.09 -40.59
N GLU K 118 4.43 34.80 -40.32
CA GLU K 118 3.86 33.72 -41.11
C GLU K 118 3.24 32.63 -40.23
N VAL K 119 1.99 32.26 -40.51
CA VAL K 119 1.39 31.08 -39.90
C VAL K 119 1.11 30.04 -40.98
N ASN K 120 1.81 28.92 -40.90
CA ASN K 120 1.76 27.86 -41.93
C ASN K 120 2.13 28.39 -43.32
N PHE K 121 3.20 29.19 -43.37
CA PHE K 121 3.74 29.76 -44.61
C PHE K 121 2.74 30.67 -45.35
N ASP K 122 1.56 30.84 -44.75
CA ASP K 122 0.54 31.73 -45.28
C ASP K 122 0.54 33.05 -44.52
N LYS K 123 -0.46 33.88 -44.76
CA LYS K 123 -0.67 35.12 -44.02
C LYS K 123 -1.43 34.85 -42.72
N PRO K 124 -1.01 35.48 -41.62
CA PRO K 124 -1.48 35.12 -40.26
C PRO K 124 -3.01 35.15 -40.03
N GLU K 125 -3.78 35.22 -41.11
CA GLU K 125 -5.23 35.11 -41.01
C GLU K 125 -5.76 34.04 -41.96
N ASN K 126 -5.27 34.06 -43.21
CA ASN K 126 -5.65 33.09 -44.23
C ASN K 126 -5.34 31.65 -43.81
N ASN K 129 -9.68 29.04 -41.67
CA ASN K 129 -9.46 27.76 -42.34
C ASN K 129 -10.32 26.65 -41.73
N LYS K 130 -10.69 25.68 -42.57
CA LYS K 130 -11.37 24.46 -42.11
C LYS K 130 -10.37 23.54 -41.45
N ILE K 131 -10.79 22.87 -40.38
CA ILE K 131 -9.92 21.96 -39.64
C ILE K 131 -9.97 20.55 -40.26
N LEU K 132 -8.87 19.80 -40.14
CA LEU K 132 -8.81 18.43 -40.68
C LEU K 132 -9.94 17.57 -40.11
N PHE K 133 -10.11 17.67 -38.79
CA PHE K 133 -11.10 16.88 -38.04
C PHE K 133 -12.39 16.59 -38.81
N GLU K 134 -12.91 17.59 -39.52
CA GLU K 134 -14.00 17.38 -40.48
C GLU K 134 -13.61 17.90 -41.87
N ASN K 135 -13.48 16.98 -42.81
CA ASN K 135 -12.95 17.29 -44.13
C ASN K 135 -13.49 16.28 -45.13
N LEU K 136 -14.07 16.77 -46.22
CA LEU K 136 -14.64 15.87 -47.23
C LEU K 136 -13.56 14.92 -47.75
N THR K 137 -13.87 13.63 -47.70
CA THR K 137 -12.85 12.60 -47.86
C THR K 137 -13.23 11.60 -48.95
N PRO K 138 -12.60 11.72 -50.12
CA PRO K 138 -12.85 10.79 -51.24
C PRO K 138 -12.32 9.40 -50.95
N LEU K 139 -12.66 8.46 -51.83
CA LEU K 139 -12.26 7.06 -51.70
C LEU K 139 -10.75 6.88 -51.82
N HIS K 140 -10.01 7.90 -51.38
CA HIS K 140 -8.58 7.80 -51.05
C HIS K 140 -7.70 7.10 -52.08
N ALA K 141 -8.02 7.30 -53.36
CA ALA K 141 -7.20 6.74 -54.43
C ALA K 141 -7.37 7.43 -55.78
N ASN K 142 -6.59 8.47 -55.99
CA ASN K 142 -6.25 8.91 -57.33
C ASN K 142 -4.73 8.90 -57.41
N SER K 143 -4.19 9.55 -58.45
CA SER K 143 -2.75 9.72 -58.61
C SER K 143 -1.95 8.81 -57.67
N ARG K 144 -1.77 7.57 -58.10
CA ARG K 144 -1.01 6.61 -57.33
C ARG K 144 0.37 7.17 -57.06
N LEU K 145 0.89 6.89 -55.87
CA LEU K 145 2.26 7.21 -55.54
C LEU K 145 3.15 6.13 -56.09
N ARG K 146 3.76 6.44 -57.22
CA ARG K 146 4.53 5.49 -58.00
C ARG K 146 5.99 5.53 -57.59
N MET K 147 6.66 4.38 -57.66
CA MET K 147 8.09 4.30 -57.42
C MET K 147 8.84 3.48 -58.48
N GLY K 152 16.87 2.70 -64.15
CA GLY K 152 18.28 2.31 -64.14
C GLY K 152 18.62 1.08 -63.30
N SER K 153 19.12 1.31 -62.09
CA SER K 153 19.94 0.33 -61.33
C SER K 153 19.23 -0.63 -60.36
N THR K 154 20.04 -1.44 -59.68
CA THR K 154 19.59 -2.48 -58.74
C THR K 154 18.85 -1.93 -57.50
N GLU K 155 19.13 -0.69 -57.11
CA GLU K 155 18.40 -0.05 -56.02
C GLU K 155 16.93 0.17 -56.39
N ASP K 156 16.67 0.32 -57.69
CA ASP K 156 15.32 0.55 -58.16
C ASP K 156 14.51 -0.74 -58.16
N LEU K 157 15.18 -1.87 -58.10
CA LEU K 157 14.50 -3.16 -58.05
C LEU K 157 13.40 -3.18 -56.99
N THR K 158 13.76 -2.79 -55.76
CA THR K 158 12.82 -2.70 -54.64
C THR K 158 11.58 -1.89 -55.03
N ALA K 159 11.80 -0.73 -55.64
CA ALA K 159 10.72 0.15 -56.04
C ALA K 159 9.71 -0.59 -56.91
N ARG K 160 10.22 -1.12 -58.02
CA ARG K 160 9.45 -1.93 -58.96
C ARG K 160 8.63 -3.03 -58.29
N VAL K 161 9.25 -3.77 -57.38
CA VAL K 161 8.56 -4.85 -56.66
C VAL K 161 7.42 -4.27 -55.85
N LEU K 162 7.73 -3.24 -55.07
CA LEU K 162 6.74 -2.52 -54.28
C LEU K 162 5.58 -2.04 -55.13
N ASP K 163 5.91 -1.57 -56.33
CA ASP K 163 4.91 -1.10 -57.29
C ASP K 163 3.98 -2.20 -57.79
N LEU K 164 4.51 -3.42 -57.93
CA LEU K 164 3.71 -4.55 -58.36
C LEU K 164 3.03 -5.24 -57.18
N ALA K 165 3.69 -5.19 -56.01
CA ALA K 165 3.26 -5.98 -54.87
C ALA K 165 2.28 -5.27 -53.94
N SER K 166 2.33 -3.93 -53.92
CA SER K 166 1.61 -3.14 -52.90
C SER K 166 1.53 -1.64 -53.23
N PRO K 167 0.71 -1.28 -54.21
CA PRO K 167 0.62 0.11 -54.67
C PRO K 167 0.11 1.04 -53.57
N ILE K 168 0.85 2.12 -53.32
CA ILE K 168 0.37 3.18 -52.45
C ILE K 168 -0.26 4.30 -53.26
N GLY K 169 -1.29 4.91 -52.69
CA GLY K 169 -1.86 6.13 -53.23
C GLY K 169 -1.76 7.28 -52.25
N ARG K 170 -2.29 8.43 -52.65
CA ARG K 170 -2.31 9.61 -51.80
C ARG K 170 -3.50 9.58 -50.85
N GLY K 171 -3.21 9.34 -49.58
CA GLY K 171 -4.22 9.30 -48.53
C GLY K 171 -4.38 7.91 -47.95
N GLN K 172 -3.43 7.05 -48.28
CA GLN K 172 -3.52 5.64 -47.95
C GLN K 172 -2.95 5.33 -46.58
N ARG K 173 -3.51 4.29 -45.97
CA ARG K 173 -3.04 3.78 -44.67
C ARG K 173 -2.13 2.61 -44.95
N GLY K 174 -0.82 2.84 -45.02
CA GLY K 174 0.12 1.77 -45.30
C GLY K 174 0.66 1.11 -44.05
N LEU K 175 0.69 -0.22 -44.06
CA LEU K 175 1.38 -0.99 -43.03
C LEU K 175 2.48 -1.89 -43.60
N ILE K 176 3.69 -1.79 -43.08
CA ILE K 176 4.75 -2.69 -43.49
C ILE K 176 5.10 -3.65 -42.37
N VAL K 177 4.83 -4.93 -42.57
CA VAL K 177 4.99 -5.92 -41.53
C VAL K 177 6.36 -6.52 -41.64
N ALA K 178 7.19 -6.27 -40.64
CA ALA K 178 8.59 -6.68 -40.68
C ALA K 178 9.01 -7.44 -39.44
N PRO K 179 9.65 -8.59 -39.64
CA PRO K 179 10.29 -9.35 -38.55
C PRO K 179 11.64 -8.71 -38.27
N PRO K 180 12.40 -9.24 -37.32
CA PRO K 180 13.76 -8.74 -37.14
C PRO K 180 14.67 -9.20 -38.29
N LYS K 181 15.28 -8.20 -38.94
CA LYS K 181 16.34 -8.38 -39.95
C LYS K 181 15.84 -8.83 -41.33
N ALA K 182 14.97 -8.03 -41.92
CA ALA K 182 14.40 -8.34 -43.24
C ALA K 182 14.46 -7.13 -44.17
N GLY K 183 15.12 -6.08 -43.71
CA GLY K 183 15.39 -4.91 -44.52
C GLY K 183 14.32 -3.82 -44.44
N LYS K 184 13.66 -3.74 -43.29
CA LYS K 184 12.69 -2.68 -43.04
C LYS K 184 13.31 -1.28 -43.23
N THR K 185 14.45 -1.04 -42.59
CA THR K 185 15.12 0.26 -42.67
C THR K 185 15.40 0.60 -44.13
N MET K 186 16.17 -0.23 -44.80
CA MET K 186 16.49 0.05 -46.19
C MET K 186 15.23 0.17 -47.02
N LEU K 187 14.25 -0.68 -46.76
CA LEU K 187 12.99 -0.56 -47.47
C LEU K 187 12.36 0.83 -47.29
N LEU K 188 12.26 1.30 -46.05
CA LEU K 188 11.84 2.67 -45.79
C LEU K 188 12.75 3.66 -46.52
N GLN K 189 14.06 3.56 -46.26
CA GLN K 189 15.03 4.43 -46.93
C GLN K 189 14.81 4.46 -48.43
N ASN K 190 14.55 3.29 -49.01
CA ASN K 190 14.23 3.19 -50.42
C ASN K 190 12.96 3.96 -50.75
N ILE K 191 11.89 3.73 -49.98
CA ILE K 191 10.63 4.44 -50.20
C ILE K 191 10.79 5.96 -50.10
N ALA K 192 11.64 6.42 -49.18
CA ALA K 192 11.98 7.84 -49.08
C ALA K 192 12.79 8.32 -50.29
N GLN K 193 13.82 7.57 -50.65
CA GLN K 193 14.63 7.88 -51.82
C GLN K 193 13.71 8.04 -53.02
N SER K 194 12.89 7.03 -53.25
CA SER K 194 11.89 7.04 -54.32
C SER K 194 10.95 8.24 -54.22
N ILE K 195 10.39 8.50 -53.04
CA ILE K 195 9.40 9.58 -52.88
C ILE K 195 9.95 10.95 -53.26
N ALA K 196 11.18 11.25 -52.82
CA ALA K 196 11.82 12.54 -53.09
C ALA K 196 12.07 12.82 -54.59
N TYR K 197 12.63 11.84 -55.30
CA TYR K 197 12.89 12.00 -56.73
C TYR K 197 11.61 12.00 -57.57
N ASN K 198 10.65 11.13 -57.23
CA ASN K 198 9.42 10.98 -58.04
C ASN K 198 8.27 11.91 -57.68
N HIS K 199 8.19 12.33 -56.43
CA HIS K 199 7.08 13.15 -55.97
C HIS K 199 7.56 14.32 -55.11
N PRO K 200 8.40 15.19 -55.66
CA PRO K 200 9.07 16.21 -54.84
C PRO K 200 8.05 17.20 -54.27
N ASP K 201 6.83 17.14 -54.80
CA ASP K 201 5.74 18.03 -54.42
C ASP K 201 5.03 17.57 -53.16
N CYS K 202 5.17 16.28 -52.86
CA CYS K 202 4.69 15.71 -51.60
C CYS K 202 5.68 16.03 -50.48
N VAL K 203 5.16 16.55 -49.38
CA VAL K 203 5.97 16.83 -48.19
C VAL K 203 6.27 15.55 -47.42
N LEU K 204 7.53 15.12 -47.42
CA LEU K 204 7.88 13.83 -46.81
C LEU K 204 8.31 13.92 -45.34
N MET K 205 7.50 13.29 -44.48
CA MET K 205 7.79 13.25 -43.06
C MET K 205 8.14 11.84 -42.57
N VAL K 206 9.44 11.60 -42.37
CA VAL K 206 9.92 10.36 -41.81
C VAL K 206 9.94 10.43 -40.26
N LEU K 207 9.19 9.53 -39.64
CA LEU K 207 9.06 9.52 -38.19
C LEU K 207 9.62 8.18 -37.62
N LEU K 208 10.55 8.30 -36.67
CA LEU K 208 11.22 7.15 -36.08
C LEU K 208 10.97 7.17 -34.59
N ILE K 209 10.49 6.05 -34.05
CA ILE K 209 10.11 5.98 -32.64
C ILE K 209 10.95 4.98 -31.88
N ASP K 210 11.56 5.41 -30.78
CA ASP K 210 12.24 4.50 -29.91
C ASP K 210 13.38 3.84 -30.66
N GLU K 211 14.28 4.67 -31.19
CA GLU K 211 15.29 4.22 -32.13
C GLU K 211 16.71 4.27 -31.56
N ARG K 212 17.65 3.61 -32.22
CA ARG K 212 19.05 3.70 -31.85
C ARG K 212 19.67 4.95 -32.45
N PRO K 213 20.54 5.61 -31.70
CA PRO K 213 21.09 6.91 -32.13
C PRO K 213 21.73 6.83 -33.51
N GLU K 214 22.70 5.94 -33.68
CA GLU K 214 23.41 5.77 -34.94
C GLU K 214 22.48 5.61 -36.14
N GLU K 215 21.39 4.86 -35.93
CA GLU K 215 20.41 4.61 -36.99
C GLU K 215 19.67 5.90 -37.32
N VAL K 216 19.48 6.75 -36.32
CA VAL K 216 18.79 8.01 -36.54
C VAL K 216 19.62 8.90 -37.47
N THR K 217 20.91 9.05 -37.16
CA THR K 217 21.75 9.97 -37.91
C THR K 217 22.00 9.45 -39.32
N GLU K 218 21.94 8.15 -39.51
CA GLU K 218 22.04 7.61 -40.84
C GLU K 218 20.80 8.03 -41.65
N MET K 219 19.62 7.91 -41.05
CA MET K 219 18.37 8.29 -41.72
C MET K 219 18.29 9.80 -42.01
N GLN K 220 18.64 10.62 -41.02
CA GLN K 220 18.75 12.07 -41.22
C GLN K 220 19.61 12.39 -42.45
N ARG K 221 20.64 11.57 -42.68
CA ARG K 221 21.61 11.84 -43.71
C ARG K 221 21.22 11.27 -45.08
N LEU K 222 20.13 10.51 -45.13
CA LEU K 222 19.66 9.94 -46.39
C LEU K 222 18.39 10.60 -46.88
N VAL K 223 17.39 10.70 -46.03
CA VAL K 223 16.08 11.15 -46.47
C VAL K 223 16.09 12.59 -46.95
N LYS K 224 15.41 12.85 -48.06
CA LYS K 224 15.23 14.21 -48.52
C LYS K 224 13.88 14.78 -48.06
N GLY K 225 13.84 15.11 -46.76
CA GLY K 225 12.65 15.58 -46.07
C GLY K 225 12.83 15.60 -44.56
N GLU K 226 11.75 15.86 -43.82
CA GLU K 226 11.85 15.97 -42.35
C GLU K 226 12.05 14.60 -41.69
N VAL K 227 13.22 14.38 -41.09
CA VAL K 227 13.43 13.20 -40.26
C VAL K 227 13.34 13.56 -38.77
N VAL K 228 12.21 13.26 -38.15
CA VAL K 228 12.02 13.48 -36.72
C VAL K 228 12.15 12.15 -36.01
N ALA K 229 12.85 12.13 -34.89
CA ALA K 229 13.15 10.86 -34.21
C ALA K 229 13.19 10.98 -32.69
N SER K 230 12.80 9.90 -32.01
CA SER K 230 13.11 9.74 -30.59
C SER K 230 13.85 8.43 -30.36
N THR K 231 14.90 8.50 -29.56
CA THR K 231 15.78 7.37 -29.35
C THR K 231 15.45 6.64 -28.06
N PHE K 232 15.92 5.41 -27.95
CA PHE K 232 15.49 4.56 -26.86
C PHE K 232 15.85 5.02 -25.44
N ASP K 233 16.68 6.06 -25.33
CA ASP K 233 17.00 6.68 -24.03
C ASP K 233 15.83 7.51 -23.50
N GLU K 234 15.22 8.25 -24.40
CA GLU K 234 14.14 9.14 -24.04
C GLU K 234 12.99 8.35 -23.43
N PRO K 235 12.27 8.95 -22.50
CA PRO K 235 11.11 8.31 -21.89
C PRO K 235 9.95 8.28 -22.87
N ALA K 236 8.97 7.41 -22.61
CA ALA K 236 7.78 7.27 -23.45
C ALA K 236 7.10 8.62 -23.72
N SER K 237 6.99 9.44 -22.67
CA SER K 237 6.41 10.76 -22.81
C SER K 237 6.94 11.44 -24.09
N ARG K 238 8.22 11.18 -24.41
CA ARG K 238 8.89 11.87 -25.50
C ARG K 238 8.65 11.20 -26.85
N HIS K 239 8.52 9.87 -26.85
CA HIS K 239 8.04 9.15 -28.02
C HIS K 239 6.65 9.66 -28.38
N VAL K 240 5.77 9.72 -27.39
CA VAL K 240 4.42 10.25 -27.54
C VAL K 240 4.45 11.68 -28.09
N GLN K 241 5.29 12.52 -27.51
CA GLN K 241 5.38 13.90 -27.94
C GLN K 241 5.85 14.06 -29.40
N VAL K 242 7.07 13.66 -29.69
CA VAL K 242 7.57 13.60 -31.07
C VAL K 242 6.48 13.16 -32.06
N ALA K 243 5.79 12.05 -31.76
CA ALA K 243 4.78 11.53 -32.68
C ALA K 243 3.65 12.51 -32.89
N GLU K 244 3.07 12.97 -31.79
CA GLU K 244 1.93 13.87 -31.82
C GLU K 244 2.29 15.21 -32.44
N MET K 245 3.51 15.67 -32.18
CA MET K 245 4.05 16.86 -32.84
C MET K 245 4.01 16.69 -34.39
N VAL K 246 4.48 15.55 -34.88
CA VAL K 246 4.58 15.29 -36.31
C VAL K 246 3.20 15.16 -36.94
N ILE K 247 2.29 14.44 -36.29
CA ILE K 247 0.96 14.20 -36.86
C ILE K 247 0.17 15.50 -36.96
N GLU K 248 0.41 16.40 -36.02
CA GLU K 248 -0.25 17.71 -36.01
C GLU K 248 0.33 18.65 -37.06
N LYS K 249 1.67 18.80 -37.09
CA LYS K 249 2.31 19.45 -38.23
C LYS K 249 1.76 18.86 -39.55
N ALA K 250 1.53 17.56 -39.58
CA ALA K 250 0.91 16.94 -40.75
C ALA K 250 -0.46 17.55 -41.03
N LYS K 251 -1.36 17.48 -40.05
CA LYS K 251 -2.75 17.88 -40.24
C LYS K 251 -2.92 19.28 -40.82
N ARG K 252 -2.28 20.28 -40.21
CA ARG K 252 -2.39 21.67 -40.67
C ARG K 252 -1.95 21.81 -42.13
N LEU K 253 -0.92 21.07 -42.52
CA LEU K 253 -0.43 21.12 -43.89
C LEU K 253 -1.48 20.61 -44.87
N VAL K 254 -2.24 19.61 -44.44
CA VAL K 254 -3.34 19.06 -45.25
C VAL K 254 -4.50 20.06 -45.31
N GLU K 255 -4.70 20.80 -44.22
CA GLU K 255 -5.69 21.86 -44.18
C GLU K 255 -5.34 22.95 -45.20
N HIS K 256 -4.05 23.05 -45.52
CA HIS K 256 -3.58 23.90 -46.60
C HIS K 256 -3.53 23.13 -47.93
N LYS K 257 -4.43 22.15 -48.07
CA LYS K 257 -4.54 21.40 -49.32
C LYS K 257 -3.16 20.93 -49.82
N LYS K 258 -2.36 20.35 -48.92
CA LYS K 258 -1.04 19.84 -49.25
C LYS K 258 -1.01 18.32 -49.15
N ASP K 259 -0.13 17.69 -49.95
CA ASP K 259 0.11 16.24 -49.91
C ASP K 259 1.23 15.87 -48.93
N VAL K 260 0.88 15.14 -47.87
CA VAL K 260 1.84 14.78 -46.81
C VAL K 260 2.00 13.28 -46.65
N ILE K 261 3.23 12.81 -46.75
CA ILE K 261 3.53 11.41 -46.48
C ILE K 261 4.27 11.25 -45.15
N ILE K 262 3.76 10.35 -44.30
CA ILE K 262 4.41 9.99 -43.05
C ILE K 262 4.85 8.54 -43.12
N LEU K 263 6.16 8.32 -43.14
CA LEU K 263 6.71 6.99 -42.91
C LEU K 263 7.04 6.89 -41.43
N LEU K 264 6.29 6.06 -40.73
CA LEU K 264 6.45 5.84 -39.29
C LEU K 264 7.22 4.55 -39.02
N ASP K 265 8.37 4.67 -38.38
CA ASP K 265 9.04 3.45 -37.91
C ASP K 265 8.50 2.93 -36.59
N SER K 266 8.02 1.68 -36.66
CA SER K 266 7.16 1.03 -35.68
C SER K 266 6.01 1.89 -35.17
N ILE K 267 4.81 1.58 -35.65
CA ILE K 267 3.58 1.87 -34.93
C ILE K 267 3.58 1.07 -33.63
N THR K 268 4.21 -0.11 -33.66
CA THR K 268 4.27 -0.92 -32.45
C THR K 268 5.08 -0.24 -31.34
N ARG K 269 6.14 0.47 -31.71
CA ARG K 269 6.94 1.21 -30.72
C ARG K 269 6.30 2.51 -30.24
N LEU K 270 5.48 3.14 -31.09
CA LEU K 270 4.64 4.25 -30.64
C LEU K 270 3.51 3.71 -29.76
N ALA K 271 2.92 2.59 -30.16
CA ALA K 271 1.90 1.90 -29.37
C ALA K 271 2.38 1.54 -27.98
N ARG K 272 3.63 1.08 -27.84
CA ARG K 272 4.17 0.72 -26.52
C ARG K 272 4.31 1.96 -25.64
N ALA K 273 4.66 3.09 -26.25
CA ALA K 273 4.88 4.34 -25.53
C ALA K 273 3.56 4.88 -24.96
N TYR K 274 2.55 4.98 -25.81
CA TYR K 274 1.21 5.34 -25.37
C TYR K 274 0.83 4.47 -24.19
N ASN K 275 0.86 3.16 -24.41
CA ASN K 275 0.44 2.21 -23.38
C ASN K 275 1.02 2.49 -21.99
N THR K 276 2.26 2.91 -21.91
CA THR K 276 2.87 3.17 -20.60
C THR K 276 2.64 4.59 -20.06
N VAL K 277 2.03 5.45 -20.88
CA VAL K 277 1.90 6.86 -20.53
C VAL K 277 0.49 7.24 -20.02
N VAL K 278 -0.53 6.51 -20.47
CA VAL K 278 -1.90 6.76 -20.02
C VAL K 278 -2.34 5.69 -19.02
N PRO K 279 -2.91 6.13 -17.89
CA PRO K 279 -3.30 5.20 -16.80
C PRO K 279 -4.48 4.29 -17.13
N ALA K 280 -4.88 3.45 -16.16
CA ALA K 280 -5.90 2.41 -16.36
C ALA K 280 -7.30 3.00 -16.57
N VAL K 284 -8.28 -3.98 -16.69
CA VAL K 284 -8.65 -4.68 -17.91
C VAL K 284 -7.40 -4.94 -18.79
N LEU K 285 -6.85 -6.14 -18.67
CA LEU K 285 -5.62 -6.51 -19.39
C LEU K 285 -5.83 -7.67 -20.34
N THR K 286 -5.23 -7.57 -21.53
CA THR K 286 -5.33 -8.60 -22.55
C THR K 286 -3.94 -9.10 -23.02
N GLY K 287 -2.91 -8.83 -22.20
CA GLY K 287 -1.56 -9.30 -22.48
C GLY K 287 -0.49 -8.24 -22.26
N GLY K 288 -0.47 -7.65 -21.07
CA GLY K 288 0.49 -6.62 -20.71
C GLY K 288 0.09 -5.22 -21.17
N VAL K 289 -0.98 -5.15 -21.97
CA VAL K 289 -1.42 -3.90 -22.58
C VAL K 289 -2.81 -3.48 -22.06
N ASP K 290 -3.08 -2.18 -22.13
CA ASP K 290 -4.43 -1.65 -21.87
C ASP K 290 -5.12 -1.35 -23.20
N ALA K 291 -6.25 -2.02 -23.46
CA ALA K 291 -7.04 -1.81 -24.68
C ALA K 291 -7.61 -0.38 -24.74
N ASN K 292 -7.66 0.27 -23.58
CA ASN K 292 -8.02 1.69 -23.47
C ASN K 292 -6.94 2.59 -24.07
N ALA K 293 -5.68 2.26 -23.78
CA ALA K 293 -4.53 3.03 -24.24
C ALA K 293 -4.34 2.96 -25.76
N LEU K 294 -4.69 1.80 -26.34
CA LEU K 294 -4.47 1.53 -27.77
C LEU K 294 -5.28 2.43 -28.70
N HIS K 295 -6.29 3.08 -28.14
CA HIS K 295 -7.10 4.04 -28.88
C HIS K 295 -6.24 5.06 -29.62
N ARG K 296 -5.27 5.65 -28.94
CA ARG K 296 -4.47 6.73 -29.50
C ARG K 296 -3.66 6.38 -30.78
N PRO K 297 -2.92 5.27 -30.77
CA PRO K 297 -2.17 4.84 -31.95
C PRO K 297 -3.08 4.52 -33.14
N LYS K 298 -4.23 3.91 -32.87
CA LYS K 298 -5.23 3.70 -33.92
C LYS K 298 -5.65 5.05 -34.50
N ARG K 299 -5.94 6.01 -33.62
CA ARG K 299 -6.30 7.36 -34.04
C ARG K 299 -5.19 7.96 -34.93
N PHE K 300 -3.94 7.79 -34.50
CA PHE K 300 -2.80 8.27 -35.25
C PHE K 300 -2.77 7.69 -36.66
N PHE K 301 -2.99 6.38 -36.76
CA PHE K 301 -2.98 5.66 -38.03
C PHE K 301 -4.18 6.07 -38.86
N GLY K 302 -5.36 6.03 -38.25
CA GLY K 302 -6.60 6.38 -38.94
C GLY K 302 -6.75 7.87 -39.21
N ALA K 303 -5.62 8.53 -39.45
CA ALA K 303 -5.59 9.93 -39.82
C ALA K 303 -5.23 10.06 -41.29
N ALA K 304 -4.85 8.95 -41.91
CA ALA K 304 -4.62 8.92 -43.35
C ALA K 304 -5.91 9.20 -44.12
N ARG K 305 -5.80 9.90 -45.25
CA ARG K 305 -6.97 10.27 -46.06
C ARG K 305 -6.65 11.18 -47.24
N ASN K 306 -7.25 10.86 -48.39
CA ASN K 306 -7.40 11.84 -49.46
C ASN K 306 -8.46 12.83 -49.01
N VAL K 307 -8.30 14.09 -49.43
CA VAL K 307 -9.27 15.13 -49.09
C VAL K 307 -9.77 15.82 -50.37
N GLU K 308 -11.08 16.01 -50.44
CA GLU K 308 -11.71 16.51 -51.64
C GLU K 308 -11.37 17.97 -51.91
N GLU K 309 -11.05 18.69 -50.84
CA GLU K 309 -10.63 20.09 -50.95
C GLU K 309 -9.23 20.24 -51.54
N GLY K 310 -8.52 19.11 -51.64
CA GLY K 310 -7.19 19.10 -52.22
C GLY K 310 -6.16 18.67 -51.21
N GLY K 311 -5.05 18.13 -51.69
CA GLY K 311 -4.02 17.58 -50.81
C GLY K 311 -4.50 16.38 -50.00
N SER K 312 -3.54 15.69 -49.39
CA SER K 312 -3.87 14.50 -48.61
C SER K 312 -2.86 14.25 -47.51
N LEU K 313 -3.21 13.36 -46.60
CA LEU K 313 -2.27 12.79 -45.65
C LEU K 313 -2.22 11.29 -45.84
N THR K 314 -1.09 10.77 -46.31
CA THR K 314 -0.88 9.32 -46.36
C THR K 314 0.18 8.84 -45.34
N ILE K 315 -0.16 7.78 -44.60
CA ILE K 315 0.74 7.22 -43.60
C ILE K 315 1.17 5.81 -44.00
N ILE K 316 2.46 5.53 -43.82
CA ILE K 316 2.99 4.20 -44.05
C ILE K 316 3.84 3.84 -42.84
N ALA K 317 3.39 2.83 -42.10
CA ALA K 317 3.91 2.54 -40.77
C ALA K 317 4.39 1.11 -40.66
N THR K 318 5.56 0.89 -40.08
CA THR K 318 6.04 -0.47 -39.87
C THR K 318 5.39 -1.09 -38.64
N ALA K 319 5.02 -2.35 -38.73
CA ALA K 319 4.61 -3.11 -37.57
C ALA K 319 5.63 -4.21 -37.29
N LEU K 320 6.36 -4.08 -36.18
CA LEU K 320 7.38 -5.06 -35.85
C LEU K 320 6.75 -6.36 -35.36
N ILE K 321 7.23 -7.47 -35.90
CA ILE K 321 6.65 -8.77 -35.63
C ILE K 321 7.80 -9.73 -35.33
N ASP K 322 7.50 -10.88 -34.74
CA ASP K 322 8.53 -11.87 -34.42
C ASP K 322 9.64 -11.32 -33.53
N THR K 323 9.30 -10.36 -32.65
CA THR K 323 10.27 -9.77 -31.73
C THR K 323 10.51 -10.72 -30.57
N GLY K 324 9.51 -11.54 -30.29
CA GLY K 324 9.52 -12.41 -29.13
C GLY K 324 8.82 -11.79 -27.91
N SER K 325 8.16 -10.66 -28.12
CA SER K 325 7.47 -9.94 -27.03
C SER K 325 5.95 -10.09 -27.10
N LYS K 326 5.34 -10.42 -25.97
CA LYS K 326 3.90 -10.60 -25.92
C LYS K 326 3.17 -9.36 -26.41
N MET K 327 3.51 -8.21 -25.86
CA MET K 327 2.81 -6.98 -26.18
C MET K 327 3.02 -6.48 -27.62
N ASP K 328 4.19 -6.77 -28.20
CA ASP K 328 4.44 -6.49 -29.62
C ASP K 328 3.50 -7.33 -30.47
N GLU K 329 3.31 -8.58 -30.06
CA GLU K 329 2.37 -9.49 -30.72
C GLU K 329 0.94 -8.94 -30.63
N VAL K 330 0.51 -8.60 -29.42
CA VAL K 330 -0.84 -8.08 -29.22
C VAL K 330 -1.08 -6.85 -30.09
N ILE K 331 -0.13 -5.92 -30.07
CA ILE K 331 -0.23 -4.69 -30.86
C ILE K 331 -0.39 -4.97 -32.35
N TYR K 332 0.34 -5.97 -32.87
CA TYR K 332 0.16 -6.38 -34.25
C TYR K 332 -1.29 -6.75 -34.48
N GLU K 333 -1.82 -7.62 -33.61
CA GLU K 333 -3.18 -8.13 -33.74
C GLU K 333 -4.25 -7.05 -33.92
N GLU K 334 -4.00 -5.86 -33.40
CA GLU K 334 -4.97 -4.77 -33.50
C GLU K 334 -4.74 -3.84 -34.69
N PHE K 335 -3.80 -4.21 -35.57
CA PHE K 335 -3.51 -3.42 -36.77
C PHE K 335 -3.54 -4.27 -38.04
N LYS K 336 -3.07 -5.51 -37.94
CA LYS K 336 -3.12 -6.46 -39.04
C LYS K 336 -4.42 -6.26 -39.81
N GLY K 337 -4.28 -5.91 -41.08
CA GLY K 337 -5.41 -5.87 -42.00
C GLY K 337 -6.32 -4.66 -41.89
N THR K 338 -5.92 -3.67 -41.09
CA THR K 338 -6.70 -2.43 -40.99
C THR K 338 -6.05 -1.33 -41.82
N GLY K 339 -5.05 -1.71 -42.58
CA GLY K 339 -4.52 -0.83 -43.60
C GLY K 339 -5.18 -1.18 -44.93
N ASN K 340 -5.42 -0.16 -45.74
CA ASN K 340 -5.89 -0.37 -47.10
C ASN K 340 -4.70 -0.71 -48.00
N MET K 341 -3.61 -1.09 -47.36
CA MET K 341 -2.40 -1.52 -48.01
C MET K 341 -1.61 -2.26 -46.96
N GLU K 342 -1.08 -3.44 -47.30
CA GLU K 342 -0.10 -4.07 -46.43
C GLU K 342 0.93 -4.94 -47.12
N LEU K 343 2.14 -4.84 -46.61
CA LEU K 343 3.32 -5.42 -47.22
C LEU K 343 4.03 -6.26 -46.16
N HIS K 344 4.49 -7.45 -46.54
CA HIS K 344 5.15 -8.34 -45.61
C HIS K 344 6.55 -8.66 -46.07
N LEU K 345 7.54 -8.26 -45.28
CA LEU K 345 8.90 -8.76 -45.46
C LEU K 345 9.00 -10.16 -44.86
N SER K 346 9.95 -10.95 -45.35
CA SER K 346 10.15 -12.28 -44.82
C SER K 346 11.56 -12.44 -44.32
N ARG K 347 11.72 -12.97 -43.12
CA ARG K 347 13.04 -13.36 -42.65
C ARG K 347 13.65 -14.48 -43.49
N LYS K 348 12.82 -15.40 -43.98
CA LYS K 348 13.27 -16.46 -44.88
C LYS K 348 13.98 -15.92 -46.10
N ILE K 349 13.34 -14.97 -46.78
CA ILE K 349 13.89 -14.39 -48.01
C ILE K 349 15.15 -13.61 -47.69
N ALA K 350 15.09 -12.83 -46.61
CA ALA K 350 16.24 -12.11 -46.11
C ALA K 350 17.37 -13.06 -45.73
N GLU K 351 17.02 -14.15 -45.05
CA GLU K 351 18.01 -15.10 -44.52
C GLU K 351 18.94 -15.62 -45.59
N LYS K 352 18.41 -15.86 -46.79
CA LYS K 352 19.24 -16.32 -47.90
C LYS K 352 19.61 -15.20 -48.87
N ARG K 353 19.66 -13.98 -48.33
CA ARG K 353 20.27 -12.79 -48.96
C ARG K 353 19.60 -12.29 -50.24
N VAL K 354 18.41 -12.81 -50.57
CA VAL K 354 17.63 -12.34 -51.70
C VAL K 354 16.94 -11.06 -51.26
N PHE K 355 17.13 -9.95 -51.98
CA PHE K 355 16.89 -8.71 -51.28
C PHE K 355 15.56 -8.08 -50.95
N PRO K 356 14.83 -7.49 -51.89
CA PRO K 356 13.48 -7.03 -51.53
C PRO K 356 12.77 -8.22 -50.91
N ALA K 357 12.71 -8.29 -49.57
CA ALA K 357 12.26 -9.50 -48.88
C ALA K 357 10.76 -9.66 -48.91
N ILE K 358 10.12 -8.89 -49.81
CA ILE K 358 8.67 -8.90 -49.92
C ILE K 358 8.07 -10.30 -50.18
N ASP K 359 7.26 -10.77 -49.23
CA ASP K 359 6.45 -11.95 -49.39
C ASP K 359 5.38 -11.57 -50.39
N TYR K 360 5.72 -11.61 -51.69
CA TYR K 360 4.83 -11.12 -52.73
C TYR K 360 3.43 -11.70 -52.60
N ASN K 361 3.34 -12.95 -52.17
CA ASN K 361 2.07 -13.62 -52.11
C ASN K 361 1.15 -13.13 -51.01
N ARG K 362 1.73 -12.60 -49.93
CA ARG K 362 0.94 -12.15 -48.77
C ARG K 362 0.99 -10.61 -48.59
N SER K 363 1.48 -9.92 -49.60
CA SER K 363 1.45 -8.47 -49.63
C SER K 363 0.34 -8.05 -50.58
N GLY K 364 -0.07 -6.79 -50.50
CA GLY K 364 -1.04 -6.25 -51.44
C GLY K 364 -1.96 -5.19 -50.87
N THR K 365 -2.17 -4.15 -51.66
CA THR K 365 -3.07 -3.06 -51.28
C THR K 365 -4.53 -3.45 -51.48
N ARG K 366 -5.43 -2.75 -50.80
CA ARG K 366 -6.88 -2.91 -50.98
C ARG K 366 -7.40 -1.91 -52.00
N LYS K 367 -8.38 -2.34 -52.80
CA LYS K 367 -8.96 -1.52 -53.89
C LYS K 367 -7.93 -1.01 -54.91
N GLU K 368 -7.13 -1.94 -55.43
CA GLU K 368 -6.11 -1.68 -56.46
C GLU K 368 -6.65 -0.90 -57.66
N GLU K 369 -7.91 -1.16 -58.03
CA GLU K 369 -8.52 -0.66 -59.27
C GLU K 369 -8.48 0.86 -59.43
N LEU K 370 -8.34 1.57 -58.31
CA LEU K 370 -8.37 3.03 -58.32
C LEU K 370 -6.96 3.63 -58.33
N LEU K 371 -5.94 2.78 -58.47
CA LEU K 371 -4.56 3.24 -58.45
C LEU K 371 -3.85 3.10 -59.79
N THR K 372 -4.39 2.25 -60.66
CA THR K 372 -3.75 1.93 -61.94
C THR K 372 -4.67 2.26 -63.11
N THR K 373 -4.19 2.00 -64.33
CA THR K 373 -5.07 1.91 -65.49
C THR K 373 -5.59 0.47 -65.60
N GLN K 374 -6.70 0.29 -66.31
CA GLN K 374 -7.34 -1.02 -66.45
C GLN K 374 -6.46 -2.03 -67.19
N GLU K 375 -5.64 -1.53 -68.10
CA GLU K 375 -4.65 -2.34 -68.81
C GLU K 375 -3.53 -2.79 -67.88
N GLU K 376 -3.35 -2.07 -66.79
CA GLU K 376 -2.27 -2.31 -65.83
C GLU K 376 -2.69 -3.21 -64.66
N LEU K 377 -3.96 -3.07 -64.24
CA LEU K 377 -4.50 -3.85 -63.12
C LEU K 377 -4.54 -5.33 -63.45
N GLN K 378 -4.97 -5.65 -64.67
CA GLN K 378 -5.02 -7.04 -65.14
C GLN K 378 -3.61 -7.58 -65.39
N LYS K 379 -2.71 -6.71 -65.85
CA LYS K 379 -1.30 -7.06 -66.03
C LYS K 379 -0.67 -7.50 -64.72
N MET K 380 -1.13 -6.91 -63.61
CA MET K 380 -0.67 -7.29 -62.29
C MET K 380 -1.36 -8.54 -61.78
N TRP K 381 -2.68 -8.65 -62.03
CA TRP K 381 -3.47 -9.79 -61.55
C TRP K 381 -3.17 -11.07 -62.31
N ILE K 382 -2.67 -10.94 -63.54
CA ILE K 382 -2.09 -12.08 -64.26
C ILE K 382 -0.81 -12.52 -63.56
N LEU K 383 0.15 -11.61 -63.41
CA LEU K 383 1.42 -11.91 -62.75
C LEU K 383 1.20 -12.49 -61.34
N ARG K 384 0.17 -12.01 -60.65
CA ARG K 384 -0.19 -12.52 -59.32
C ARG K 384 -0.45 -14.02 -59.32
N LYS K 385 -1.16 -14.48 -60.35
CA LYS K 385 -1.53 -15.88 -60.47
C LYS K 385 -0.37 -16.75 -60.95
N ILE K 386 0.61 -16.12 -61.61
CA ILE K 386 1.82 -16.84 -62.06
C ILE K 386 2.91 -16.84 -61.00
N ILE K 387 2.61 -16.22 -59.85
CA ILE K 387 3.53 -16.23 -58.73
C ILE K 387 2.95 -16.96 -57.52
N HIS K 388 1.63 -16.92 -57.37
CA HIS K 388 0.95 -17.56 -56.24
C HIS K 388 1.53 -18.93 -55.82
N PRO K 389 1.68 -19.88 -56.75
CA PRO K 389 2.26 -21.20 -56.45
C PRO K 389 3.74 -21.20 -56.08
N MET K 390 4.46 -20.10 -56.27
CA MET K 390 5.89 -20.04 -55.93
C MET K 390 6.08 -19.95 -54.42
N GLY K 391 7.22 -20.45 -53.94
CA GLY K 391 7.64 -20.21 -52.56
C GLY K 391 8.15 -18.79 -52.38
N GLU K 392 8.05 -18.26 -51.14
CA GLU K 392 8.49 -16.90 -50.83
C GLU K 392 9.80 -16.56 -51.52
N ILE K 393 10.83 -17.34 -51.21
CA ILE K 393 12.17 -17.14 -51.76
C ILE K 393 12.13 -17.08 -53.27
N ASP K 394 11.77 -18.21 -53.89
CA ASP K 394 11.75 -18.35 -55.34
C ASP K 394 10.97 -17.22 -55.99
N ALA K 395 9.79 -16.93 -55.42
CA ALA K 395 8.94 -15.82 -55.86
C ALA K 395 9.71 -14.51 -56.06
N MET K 396 10.67 -14.24 -55.17
CA MET K 396 11.46 -13.01 -55.26
C MET K 396 12.63 -13.17 -56.21
N GLU K 397 13.40 -14.25 -56.02
CA GLU K 397 14.47 -14.59 -56.93
C GLU K 397 13.95 -14.50 -58.36
N PHE K 398 12.72 -14.98 -58.56
CA PHE K 398 12.03 -14.90 -59.83
C PHE K 398 11.94 -13.45 -60.27
N LEU K 399 11.27 -12.65 -59.45
CA LEU K 399 10.98 -11.27 -59.81
C LEU K 399 12.24 -10.48 -60.15
N ILE K 400 13.25 -10.55 -59.28
CA ILE K 400 14.48 -9.80 -59.51
C ILE K 400 15.12 -10.18 -60.83
N ASN K 401 15.33 -11.48 -61.04
CA ASN K 401 15.84 -12.03 -62.31
C ASN K 401 15.14 -11.43 -63.54
N LYS K 402 13.81 -11.39 -63.50
CA LYS K 402 13.01 -10.98 -64.65
C LYS K 402 12.93 -9.45 -64.80
N LEU K 403 13.00 -8.73 -63.70
CA LEU K 403 13.00 -7.28 -63.76
C LEU K 403 14.40 -6.76 -64.08
N ALA K 404 15.42 -7.43 -63.55
CA ALA K 404 16.81 -6.98 -63.67
C ALA K 404 17.27 -6.95 -65.12
N MET K 405 16.32 -7.05 -66.05
CA MET K 405 16.59 -6.94 -67.47
C MET K 405 16.11 -5.59 -68.03
N THR K 406 15.07 -5.01 -67.43
CA THR K 406 14.43 -3.78 -67.95
C THR K 406 13.78 -2.89 -66.88
N LYS K 407 12.91 -1.96 -67.32
CA LYS K 407 12.12 -1.09 -66.42
C LYS K 407 10.98 -1.87 -65.74
N THR K 408 9.74 -1.43 -65.94
CA THR K 408 8.58 -2.13 -65.35
C THR K 408 7.39 -2.37 -66.29
N ASN K 409 7.19 -1.49 -67.28
CA ASN K 409 6.22 -1.78 -68.35
C ASN K 409 6.85 -2.63 -69.45
N ASP K 410 8.18 -2.73 -69.40
CA ASP K 410 8.92 -3.64 -70.26
C ASP K 410 8.92 -5.07 -69.69
N ASP K 411 8.92 -5.18 -68.36
CA ASP K 411 8.65 -6.47 -67.69
C ASP K 411 7.29 -6.96 -68.15
N PHE K 412 6.32 -6.05 -68.20
CA PHE K 412 4.95 -6.39 -68.55
C PHE K 412 4.74 -6.67 -70.04
N PHE K 413 5.76 -6.41 -70.85
CA PHE K 413 5.74 -6.80 -72.26
C PHE K 413 6.50 -8.10 -72.49
N GLU K 414 7.75 -8.16 -72.02
CA GLU K 414 8.55 -9.37 -72.10
C GLU K 414 7.88 -10.58 -71.44
N MET K 415 7.07 -10.32 -70.40
CA MET K 415 6.37 -11.37 -69.68
C MET K 415 5.28 -12.04 -70.53
N MET K 416 4.27 -11.26 -70.91
CA MET K 416 3.20 -11.74 -71.78
C MET K 416 3.68 -11.88 -73.22
N LYS K 417 4.99 -11.68 -73.43
CA LYS K 417 5.66 -11.90 -74.71
C LYS K 417 5.02 -11.15 -75.88
#